data_1X9K
# 
_entry.id   1X9K 
# 
_audit_conform.dict_name       mmcif_pdbx.dic 
_audit_conform.dict_version    5.376 
_audit_conform.dict_location   http://mmcif.pdb.org/dictionaries/ascii/mmcif_pdbx.dic 
# 
loop_
_database_2.database_id 
_database_2.database_code 
_database_2.pdbx_database_accession 
_database_2.pdbx_DOI 
PDB   1X9K         pdb_00001x9k 10.2210/pdb1x9k/pdb 
NDB   UR0043       ?            ?                   
RCSB  RCSB030110   ?            ?                   
WWPDB D_1000030110 ?            ?                   
# 
loop_
_pdbx_database_related.db_name 
_pdbx_database_related.db_id 
_pdbx_database_related.details 
_pdbx_database_related.content_type 
PDB 1X9C 'Minimal Hairpin Ribozyme (low salt form with GC rich stems in A domain)' unspecified 
PDB 1M5K 'Four-Way Helical Junction Hairpin Ribozyme with U1A'                     unspecified 
# 
_pdbx_database_status.status_code                     REL 
_pdbx_database_status.entry_id                        1X9K 
_pdbx_database_status.recvd_initial_deposition_date   2004-08-21 
_pdbx_database_status.deposit_site                    RCSB 
_pdbx_database_status.process_site                    RCSB 
_pdbx_database_status.status_code_sf                  REL 
_pdbx_database_status.SG_entry                        . 
_pdbx_database_status.pdb_format_compatible           Y 
_pdbx_database_status.status_code_mr                  ? 
_pdbx_database_status.status_code_cs                  ? 
_pdbx_database_status.status_code_nmr_data            ? 
_pdbx_database_status.methods_development_category    ? 
# 
loop_
_audit_author.name 
_audit_author.pdbx_ordinal 
'Alam, S.'        1 
'Grum-Tokars, V.' 2 
'Krucinska, J.'   3 
'Kundracik, M.L.' 4 
'Wedekind, J.E.'  5 
# 
loop_
_citation.id 
_citation.title 
_citation.journal_abbrev 
_citation.journal_volume 
_citation.page_first 
_citation.page_last 
_citation.year 
_citation.journal_id_ASTM 
_citation.country 
_citation.journal_id_ISSN 
_citation.journal_id_CSD 
_citation.book_publisher 
_citation.pdbx_database_id_PubMed 
_citation.pdbx_database_id_DOI 
primary 
;Conformational Heterogeneity at Position U37 of an All-RNA Hairpin Ribozyme with Implications for Metal Binding and the Catalytic Structure of the S-Turn.
;
Biochemistry               44 14396 14408 2005 BICHAW US 0006-2960 0033 ? 16262240 10.1021/bi051550i 
1       'Crystallization and X-ray diffraction analysis of an all-RNA U39C mutant of the minimal hairpin ribozyme' 
'Acta Crystallogr.,Sect.D' 59 142   145   2003 ABCRE6 DK 0907-4449 0766 ? ?        ?                 
# 
loop_
_citation_author.citation_id 
_citation_author.name 
_citation_author.ordinal 
_citation_author.identifier_ORCID 
primary 'Alam, S.'        1 ? 
primary 'Grum-Tokars, V.' 2 ? 
primary 'Krucinska, J.'   3 ? 
primary 'Kundracik, M.L.' 4 ? 
primary 'Wedekind, J.E.'  5 ? 
1       'Grum-Tokars, V.' 6 ? 
1       'Milovanovic, M.' 7 ? 
1       'Wedekind, J.E.'  8 ? 
# 
_cell.entry_id           1X9K 
_cell.length_a           94.46 
_cell.length_b           94.46 
_cell.length_c           129.12 
_cell.angle_alpha        90.00 
_cell.angle_beta         90.00 
_cell.angle_gamma        120.00 
_cell.Z_PDB              12 
_cell.pdbx_unique_axis   ? 
# 
_symmetry.entry_id                         1X9K 
_symmetry.space_group_name_H-M             'P 61 2 2' 
_symmetry.pdbx_full_space_group_name_H-M   ? 
_symmetry.cell_setting                     ? 
_symmetry.Int_Tables_number                178 
_symmetry.space_group_name_Hall            ? 
# 
loop_
_entity.id 
_entity.type 
_entity.src_method 
_entity.pdbx_description 
_entity.formula_weight 
_entity.pdbx_number_of_molecules 
_entity.pdbx_ec 
_entity.pdbx_mutation 
_entity.pdbx_fragment 
_entity.details 
1 polymer syn "5'-R(*UP*CP*GP*CP*AP*GP*UP*CP*CP*UP*AP*UP*U)-3'"                   4055.421 1 ? U39C ? ? 
2 polymer syn "5'-R(*AP*AP*UP*AP*GP*AP*GP*AP*AP*GP*CP*GP*A)-3'"                   4251.654 1 ? ?    ? ? 
3 polymer syn "5'-R(*GP*GP*CP*AP*GP*AP*GP*AP*AP*AP*CP*AP*CP*AP*CP*GP*A)-3'"       5535.445 1 ? ?    ? ? 
4 polymer syn "5'-R(*UP*CP*GP*UP*GP*GP*UP*AP*CP*AP*UP*UP*AP*CP*CP*UP*GP*CP*C)-3'" 5991.568 1 ? ?    ? ? 
# 
loop_
_entity_poly.entity_id 
_entity_poly.type 
_entity_poly.nstd_linkage 
_entity_poly.nstd_monomer 
_entity_poly.pdbx_seq_one_letter_code 
_entity_poly.pdbx_seq_one_letter_code_can 
_entity_poly.pdbx_strand_id 
_entity_poly.pdbx_target_identifier 
1 polyribonucleotide no no UCGCAGUCCUAUU       UCGCAGUCCUAUU       A ? 
2 polyribonucleotide no no AAUAGAGAAGCGA       AAUAGAGAAGCGA       B ? 
3 polyribonucleotide no no GGCAGAGAAACACACGA   GGCAGAGAAACACACGA   C ? 
4 polyribonucleotide no no UCGUGGUACAUUACCUGCC UCGUGGUACAUUACCUGCC D ? 
# 
loop_
_entity_poly_seq.entity_id 
_entity_poly_seq.num 
_entity_poly_seq.mon_id 
_entity_poly_seq.hetero 
1 1  U n 
1 2  C n 
1 3  G n 
1 4  C n 
1 5  A n 
1 6  G n 
1 7  U n 
1 8  C n 
1 9  C n 
1 10 U n 
1 11 A n 
1 12 U n 
1 13 U n 
2 1  A n 
2 2  A n 
2 3  U n 
2 4  A n 
2 5  G n 
2 6  A n 
2 7  G n 
2 8  A n 
2 9  A n 
2 10 G n 
2 11 C n 
2 12 G n 
2 13 A n 
3 1  G n 
3 2  G n 
3 3  C n 
3 4  A n 
3 5  G n 
3 6  A n 
3 7  G n 
3 8  A n 
3 9  A n 
3 10 A n 
3 11 C n 
3 12 A n 
3 13 C n 
3 14 A n 
3 15 C n 
3 16 G n 
3 17 A n 
4 1  U n 
4 2  C n 
4 3  G n 
4 4  U n 
4 5  G n 
4 6  G n 
4 7  U n 
4 8  A n 
4 9  C n 
4 10 A n 
4 11 U n 
4 12 U n 
4 13 A n 
4 14 C n 
4 15 C n 
4 16 U n 
4 17 G n 
4 18 C n 
4 19 C n 
# 
_pdbx_entity_src_syn.entity_id              1 
_pdbx_entity_src_syn.pdbx_src_id            1 
_pdbx_entity_src_syn.pdbx_alt_source_flag   sample 
_pdbx_entity_src_syn.pdbx_beg_seq_num       ? 
_pdbx_entity_src_syn.pdbx_end_seq_num       ? 
_pdbx_entity_src_syn.organism_scientific    ? 
_pdbx_entity_src_syn.organism_common_name   ? 
_pdbx_entity_src_syn.ncbi_taxonomy_id       ? 
_pdbx_entity_src_syn.details                'Solid Phase Chemical Synthesis' 
# 
loop_
_struct_ref.id 
_struct_ref.entity_id 
_struct_ref.db_name 
_struct_ref.db_code 
_struct_ref.pdbx_db_accession 
_struct_ref.pdbx_db_isoform 
_struct_ref.pdbx_seq_one_letter_code 
_struct_ref.pdbx_align_begin 
1 1 PDB 1X9K 1X9K ? ? ? 
2 2 PDB 1X9K 1X9K ? ? ? 
3 3 PDB 1X9K 1X9K ? ? ? 
4 4 PDB 1X9K 1X9K ? ? ? 
# 
loop_
_struct_ref_seq.align_id 
_struct_ref_seq.ref_id 
_struct_ref_seq.pdbx_PDB_id_code 
_struct_ref_seq.pdbx_strand_id 
_struct_ref_seq.seq_align_beg 
_struct_ref_seq.pdbx_seq_align_beg_ins_code 
_struct_ref_seq.seq_align_end 
_struct_ref_seq.pdbx_seq_align_end_ins_code 
_struct_ref_seq.pdbx_db_accession 
_struct_ref_seq.db_align_beg 
_struct_ref_seq.pdbx_db_align_beg_ins_code 
_struct_ref_seq.db_align_end 
_struct_ref_seq.pdbx_db_align_end_ins_code 
_struct_ref_seq.pdbx_auth_seq_align_beg 
_struct_ref_seq.pdbx_auth_seq_align_end 
1 1 1X9K A 1 ? 13 ? 1X9K 2  ? 14 ? 2  14 
2 2 1X9K B 1 ? 13 ? 1X9K 2  ? 14 ? 2  14 
3 3 1X9K C 1 ? 17 ? 1X9K 15 ? 31 ? 15 31 
4 4 1X9K D 1 ? 19 ? 1X9K 31 ? 49 ? 31 49 
# 
loop_
_chem_comp.id 
_chem_comp.type 
_chem_comp.mon_nstd_flag 
_chem_comp.name 
_chem_comp.pdbx_synonyms 
_chem_comp.formula 
_chem_comp.formula_weight 
A 'RNA linking' y "ADENOSINE-5'-MONOPHOSPHATE" ? 'C10 H14 N5 O7 P' 347.221 
C 'RNA linking' y "CYTIDINE-5'-MONOPHOSPHATE"  ? 'C9 H14 N3 O8 P'  323.197 
G 'RNA linking' y "GUANOSINE-5'-MONOPHOSPHATE" ? 'C10 H14 N5 O8 P' 363.221 
U 'RNA linking' y "URIDINE-5'-MONOPHOSPHATE"   ? 'C9 H13 N2 O9 P'  324.181 
# 
_exptl.entry_id          1X9K 
_exptl.method            'X-RAY DIFFRACTION' 
_exptl.crystals_number   1 
# 
_exptl_crystal.id                    1 
_exptl_crystal.density_meas          ? 
_exptl_crystal.density_Matthews      4.2 
_exptl_crystal.density_percent_sol   70 
_exptl_crystal.description           ? 
_exptl_crystal.F_000                 ? 
_exptl_crystal.preparation           ? 
# 
_exptl_crystal_grow.crystal_id      1 
_exptl_crystal_grow.method          'VAPOR DIFFUSION, HANGING DROP' 
_exptl_crystal_grow.temp            293 
_exptl_crystal_grow.temp_details    ? 
_exptl_crystal_grow.pH              6.0 
_exptl_crystal_grow.pdbx_details    
'ammonium sulfate, spermidine, cobalt hexaamine, cacodylate, pH 6.0, VAPOR DIFFUSION, HANGING DROP, temperature 293K' 
_exptl_crystal_grow.pdbx_pH_range   . 
# 
loop_
_exptl_crystal_grow_comp.crystal_id 
_exptl_crystal_grow_comp.id 
_exptl_crystal_grow_comp.sol_id 
_exptl_crystal_grow_comp.name 
_exptl_crystal_grow_comp.volume 
_exptl_crystal_grow_comp.conc 
_exptl_crystal_grow_comp.details 
1 1 1 'ammonium sulfate' ? ? ? 
1 2 1 spermidine         ? ? ? 
1 3 1 'cobalt hexaamine' ? ? ? 
1 4 1 cacodylate         ? ? ? 
1 5 1 H2O                ? ? ? 
1 6 2 'ammonium sulfate' ? ? ? 
1 7 2 cacodylate         ? ? ? 
1 8 2 H2O                ? ? ? 
# 
_diffrn.id                     1 
_diffrn.ambient_temp           100 
_diffrn.ambient_temp_details   ? 
_diffrn.crystal_id             1 
# 
_diffrn_detector.diffrn_id              1 
_diffrn_detector.detector               CCD 
_diffrn_detector.type                   MARRESEARCH 
_diffrn_detector.pdbx_collection_date   2002-07-17 
_diffrn_detector.details                'insertion device, double crystal monochromator, vertical focusing mirror' 
# 
_diffrn_radiation.diffrn_id                        1 
_diffrn_radiation.wavelength_id                    1 
_diffrn_radiation.pdbx_monochromatic_or_laue_m_l   M 
_diffrn_radiation.monochromator                    Si-220 
_diffrn_radiation.pdbx_diffrn_protocol             'SINGLE WAVELENGTH' 
_diffrn_radiation.pdbx_scattering_type             x-ray 
# 
_diffrn_radiation_wavelength.id           1 
_diffrn_radiation_wavelength.wavelength   1.00 
_diffrn_radiation_wavelength.wt           1.0 
# 
_diffrn_source.diffrn_id                   1 
_diffrn_source.source                      SYNCHROTRON 
_diffrn_source.type                        'APS BEAMLINE 22-ID' 
_diffrn_source.pdbx_synchrotron_site       APS 
_diffrn_source.pdbx_synchrotron_beamline   22-ID 
_diffrn_source.pdbx_wavelength             ? 
_diffrn_source.pdbx_wavelength_list        1.00 
# 
_reflns.entry_id                     1X9K 
_reflns.observed_criterion_sigma_I   -3 
_reflns.observed_criterion_sigma_F   0 
_reflns.d_resolution_low             25 
_reflns.d_resolution_high            3.17 
_reflns.number_obs                   6480 
_reflns.number_all                   ? 
_reflns.percent_possible_obs         98.3 
_reflns.pdbx_Rmerge_I_obs            ? 
_reflns.pdbx_Rsym_value              0.064 
_reflns.pdbx_netI_over_sigmaI        13.4 
_reflns.B_iso_Wilson_estimate        71.5 
_reflns.pdbx_redundancy              6.6 
_reflns.R_free_details               ? 
_reflns.pdbx_chi_squared             ? 
_reflns.pdbx_scaling_rejects         ? 
_reflns.pdbx_diffrn_id               1 
_reflns.pdbx_ordinal                 1 
# 
_reflns_shell.d_res_high             3.17 
_reflns_shell.d_res_low              3.28 
_reflns_shell.percent_possible_all   100 
_reflns_shell.Rmerge_I_obs           ? 
_reflns_shell.pdbx_Rsym_value        0.412 
_reflns_shell.meanI_over_sigI_obs    3.9 
_reflns_shell.pdbx_redundancy        7.0 
_reflns_shell.percent_possible_obs   ? 
_reflns_shell.number_unique_all      594 
_reflns_shell.number_measured_all    ? 
_reflns_shell.number_measured_obs    ? 
_reflns_shell.number_unique_obs      ? 
_reflns_shell.pdbx_chi_squared       ? 
_reflns_shell.pdbx_diffrn_id         ? 
_reflns_shell.pdbx_ordinal           1 
# 
_refine.entry_id                                 1X9K 
_refine.ls_number_reflns_obs                     6161 
_refine.ls_number_reflns_all                     6192 
_refine.pdbx_ls_sigma_I                          -3 
_refine.pdbx_ls_sigma_F                          0.0 
_refine.pdbx_data_cutoff_high_absF               13729086.57 
_refine.pdbx_data_cutoff_low_absF                0.000000 
_refine.pdbx_data_cutoff_high_rms_absF           ? 
_refine.ls_d_res_low                             24.63 
_refine.ls_d_res_high                            3.17 
_refine.ls_percent_reflns_obs                    99.5 
_refine.ls_R_factor_obs                          0.236 
_refine.ls_R_factor_all                          0.243 
_refine.ls_R_factor_R_work                       0.236 
_refine.ls_R_factor_R_free                       0.252 
_refine.ls_R_factor_R_free_error                 0.010 
_refine.ls_R_factor_R_free_error_details         ? 
_refine.ls_percent_reflns_R_free                 10.5 
_refine.ls_number_reflns_R_free                  648 
_refine.ls_number_parameters                     ? 
_refine.ls_number_restraints                     ? 
_refine.occupancy_min                            ? 
_refine.occupancy_max                            ? 
_refine.correlation_coeff_Fo_to_Fc               ? 
_refine.correlation_coeff_Fo_to_Fc_free          ? 
_refine.B_iso_mean                               160.9 
_refine.aniso_B[1][1]                            -21.28 
_refine.aniso_B[2][2]                            13.14 
_refine.aniso_B[3][3]                            8.13 
_refine.aniso_B[1][2]                            -34.31 
_refine.aniso_B[1][3]                            0.00 
_refine.aniso_B[2][3]                            0.00 
_refine.solvent_model_details                    'FLAT MODEL' 
_refine.solvent_model_param_ksol                 0.1 
_refine.solvent_model_param_bsol                 29.1897 
_refine.pdbx_solvent_vdw_probe_radii             ? 
_refine.pdbx_solvent_ion_probe_radii             ? 
_refine.pdbx_solvent_shrinkage_radii             ? 
_refine.pdbx_ls_cross_valid_method               THROUGHOUT 
_refine.details                                  ? 
_refine.pdbx_starting_model                      'PDB entry 1M5K' 
_refine.pdbx_method_to_determine_struct          'MOLECULAR REPLACEMENT' 
_refine.pdbx_isotropic_thermal_model             RESTRAINED 
_refine.pdbx_stereochemistry_target_values       'Parkinson et al., (1996) Acta Cryst. D52, 57-64' 
_refine.pdbx_stereochem_target_val_spec_case     ? 
_refine.pdbx_R_Free_selection_details            RANDOM 
_refine.pdbx_overall_ESU_R                       ? 
_refine.pdbx_overall_ESU_R_Free                  ? 
_refine.overall_SU_ML                            ? 
_refine.overall_SU_B                             ? 
_refine.ls_redundancy_reflns_obs                 ? 
_refine.overall_SU_R_Cruickshank_DPI             ? 
_refine.overall_SU_R_free                        ? 
_refine.ls_wR_factor_R_free                      ? 
_refine.ls_wR_factor_R_work                      ? 
_refine.overall_FOM_free_R_set                   ? 
_refine.overall_FOM_work_R_set                   ? 
_refine.pdbx_refine_id                           'X-RAY DIFFRACTION' 
_refine.pdbx_diffrn_id                           1 
_refine.pdbx_TLS_residual_ADP_flag               ? 
_refine.pdbx_overall_phase_error                 ? 
_refine.pdbx_overall_SU_R_free_Cruickshank_DPI   ? 
_refine.pdbx_overall_SU_R_Blow_DPI               ? 
_refine.pdbx_overall_SU_R_free_Blow_DPI          ? 
# 
_refine_analyze.entry_id                        1X9K 
_refine_analyze.Luzzati_coordinate_error_obs    0.72 
_refine_analyze.Luzzati_sigma_a_obs             1.03 
_refine_analyze.Luzzati_d_res_low_obs           5.00 
_refine_analyze.Luzzati_coordinate_error_free   0.71 
_refine_analyze.Luzzati_sigma_a_free            0.75 
_refine_analyze.Luzzati_d_res_low_free          ? 
_refine_analyze.number_disordered_residues      ? 
_refine_analyze.occupancy_sum_hydrogen          ? 
_refine_analyze.occupancy_sum_non_hydrogen      ? 
_refine_analyze.pdbx_refine_id                  'X-RAY DIFFRACTION' 
# 
_refine_hist.pdbx_refine_id                   'X-RAY DIFFRACTION' 
_refine_hist.cycle_id                         LAST 
_refine_hist.pdbx_number_atoms_protein        0 
_refine_hist.pdbx_number_atoms_nucleic_acid   1313 
_refine_hist.pdbx_number_atoms_ligand         0 
_refine_hist.number_atoms_solvent             0 
_refine_hist.number_atoms_total               1313 
_refine_hist.d_res_high                       3.17 
_refine_hist.d_res_low                        24.63 
# 
loop_
_refine_ls_restr.type 
_refine_ls_restr.dev_ideal 
_refine_ls_restr.dev_ideal_target 
_refine_ls_restr.weight 
_refine_ls_restr.number 
_refine_ls_restr.pdbx_refine_id 
_refine_ls_restr.pdbx_restraint_function 
c_bond_d                0.009 ? ? ? 'X-RAY DIFFRACTION' ? 
c_bond_d_na             ?     ? ? ? 'X-RAY DIFFRACTION' ? 
c_bond_d_prot           ?     ? ? ? 'X-RAY DIFFRACTION' ? 
c_angle_d               ?     ? ? ? 'X-RAY DIFFRACTION' ? 
c_angle_d_na            ?     ? ? ? 'X-RAY DIFFRACTION' ? 
c_angle_d_prot          ?     ? ? ? 'X-RAY DIFFRACTION' ? 
c_angle_deg             1.6   ? ? ? 'X-RAY DIFFRACTION' ? 
c_angle_deg_na          ?     ? ? ? 'X-RAY DIFFRACTION' ? 
c_angle_deg_prot        ?     ? ? ? 'X-RAY DIFFRACTION' ? 
c_dihedral_angle_d      17.1  ? ? ? 'X-RAY DIFFRACTION' ? 
c_dihedral_angle_d_na   ?     ? ? ? 'X-RAY DIFFRACTION' ? 
c_dihedral_angle_d_prot ?     ? ? ? 'X-RAY DIFFRACTION' ? 
c_improper_angle_d      1.89  ? ? ? 'X-RAY DIFFRACTION' ? 
c_improper_angle_d_na   ?     ? ? ? 'X-RAY DIFFRACTION' ? 
c_improper_angle_d_prot ?     ? ? ? 'X-RAY DIFFRACTION' ? 
c_mcbond_it             ?     ? ? ? 'X-RAY DIFFRACTION' ? 
c_mcangle_it            ?     ? ? ? 'X-RAY DIFFRACTION' ? 
c_scbond_it             ?     ? ? ? 'X-RAY DIFFRACTION' ? 
c_scangle_it            ?     ? ? ? 'X-RAY DIFFRACTION' ? 
# 
_refine_ls_shell.pdbx_total_number_of_bins_used   4 
_refine_ls_shell.d_res_high                       3.17 
_refine_ls_shell.d_res_low                        3.49 
_refine_ls_shell.number_reflns_R_work             1346 
_refine_ls_shell.R_factor_R_work                  0.517 
_refine_ls_shell.percent_reflns_obs               99.8 
_refine_ls_shell.R_factor_R_free                  0.457 
_refine_ls_shell.R_factor_R_free_error            0.038 
_refine_ls_shell.percent_reflns_R_free            9.8 
_refine_ls_shell.number_reflns_R_free             147 
_refine_ls_shell.redundancy_reflns_obs            ? 
_refine_ls_shell.pdbx_refine_id                   'X-RAY DIFFRACTION' 
_refine_ls_shell.number_reflns_all                ? 
_refine_ls_shell.R_factor_all                     ? 
# 
_pdbx_xplor_file.serial_no        1 
_pdbx_xplor_file.param_file       DNA-RNA_REP.PARAM 
_pdbx_xplor_file.topol_file       DNA-RNA.TOP 
_pdbx_xplor_file.pdbx_refine_id   'X-RAY DIFFRACTION' 
# 
_struct.entry_id                  1X9K 
_struct.title                     'An all-RNA Hairpin Ribozyme with mutation U39C' 
_struct.pdbx_model_details        ? 
_struct.pdbx_CASP_flag            ? 
_struct.pdbx_model_type_details   ? 
# 
_struct_keywords.entry_id        1X9K 
_struct_keywords.pdbx_keywords   RNA 
_struct_keywords.text            'Hairpin ribozyme, all-RNA, mutation, high salt, S-turn, E-loop, catalytic RNA, RNA' 
# 
loop_
_struct_asym.id 
_struct_asym.pdbx_blank_PDB_chainid_flag 
_struct_asym.pdbx_modified 
_struct_asym.entity_id 
_struct_asym.details 
A N N 1 ? 
B N N 2 ? 
C N N 3 ? 
D N N 4 ? 
# 
loop_
_struct_conn.id 
_struct_conn.conn_type_id 
_struct_conn.pdbx_leaving_atom_flag 
_struct_conn.pdbx_PDB_id 
_struct_conn.ptnr1_label_asym_id 
_struct_conn.ptnr1_label_comp_id 
_struct_conn.ptnr1_label_seq_id 
_struct_conn.ptnr1_label_atom_id 
_struct_conn.pdbx_ptnr1_label_alt_id 
_struct_conn.pdbx_ptnr1_PDB_ins_code 
_struct_conn.pdbx_ptnr1_standard_comp_id 
_struct_conn.ptnr1_symmetry 
_struct_conn.ptnr2_label_asym_id 
_struct_conn.ptnr2_label_comp_id 
_struct_conn.ptnr2_label_seq_id 
_struct_conn.ptnr2_label_atom_id 
_struct_conn.pdbx_ptnr2_label_alt_id 
_struct_conn.pdbx_ptnr2_PDB_ins_code 
_struct_conn.ptnr1_auth_asym_id 
_struct_conn.ptnr1_auth_comp_id 
_struct_conn.ptnr1_auth_seq_id 
_struct_conn.ptnr2_auth_asym_id 
_struct_conn.ptnr2_auth_comp_id 
_struct_conn.ptnr2_auth_seq_id 
_struct_conn.ptnr2_symmetry 
_struct_conn.pdbx_ptnr3_label_atom_id 
_struct_conn.pdbx_ptnr3_label_seq_id 
_struct_conn.pdbx_ptnr3_label_comp_id 
_struct_conn.pdbx_ptnr3_label_asym_id 
_struct_conn.pdbx_ptnr3_label_alt_id 
_struct_conn.pdbx_ptnr3_PDB_ins_code 
_struct_conn.details 
_struct_conn.pdbx_dist_value 
_struct_conn.pdbx_value_order 
_struct_conn.pdbx_role 
hydrog1  hydrog ? ? A C 2  O2 ? ? ? 1_555 B G 12 N2 ? ? A C 3  B G 13 1_555 ? ? ? ? ? ? 'C-G PAIR'           ? ? ? 
hydrog2  hydrog ? ? A G 3  N1 ? ? ? 1_555 B C 11 N3 ? ? A G 4  B C 12 1_555 ? ? ? ? ? ? WATSON-CRICK         ? ? ? 
hydrog3  hydrog ? ? A G 3  N2 ? ? ? 1_555 B C 11 O2 ? ? A G 4  B C 12 1_555 ? ? ? ? ? ? WATSON-CRICK         ? ? ? 
hydrog4  hydrog ? ? A G 3  O6 ? ? ? 1_555 B C 11 N4 ? ? A G 4  B C 12 1_555 ? ? ? ? ? ? WATSON-CRICK         ? ? ? 
hydrog5  hydrog ? ? A C 4  N3 ? ? ? 1_555 B G 10 N1 ? ? A C 5  B G 11 1_555 ? ? ? ? ? ? WATSON-CRICK         ? ? ? 
hydrog6  hydrog ? ? A C 4  N4 ? ? ? 1_555 B G 10 O6 ? ? A C 5  B G 11 1_555 ? ? ? ? ? ? WATSON-CRICK         ? ? ? 
hydrog7  hydrog ? ? A C 4  O2 ? ? ? 1_555 B G 10 N2 ? ? A C 5  B G 11 1_555 ? ? ? ? ? ? WATSON-CRICK         ? ? ? 
hydrog8  hydrog ? ? A G 6  N1 ? ? ? 1_555 C C 11 N3 ? ? A G 7  C C 25 1_555 ? ? ? ? ? ? WATSON-CRICK         ? ? ? 
hydrog9  hydrog ? ? A G 6  N2 ? ? ? 1_555 C C 11 O2 ? ? A G 7  C C 25 1_555 ? ? ? ? ? ? WATSON-CRICK         ? ? ? 
hydrog10 hydrog ? ? A G 6  O6 ? ? ? 1_555 C C 11 N4 ? ? A G 7  C C 25 1_555 ? ? ? ? ? ? WATSON-CRICK         ? ? ? 
hydrog11 hydrog ? ? A U 7  O4 ? ? ? 1_555 B G 7  N2 ? ? A U 8  B G 8  1_555 ? ? ? ? ? ? 'U-G MISPAIR'        ? ? ? 
hydrog12 hydrog ? ? A C 9  N3 ? ? ? 1_555 B G 5  N1 ? ? A C 10 B G 6  1_555 ? ? ? ? ? ? WATSON-CRICK         ? ? ? 
hydrog13 hydrog ? ? A C 9  N4 ? ? ? 1_555 B G 5  O6 ? ? A C 10 B G 6  1_555 ? ? ? ? ? ? WATSON-CRICK         ? ? ? 
hydrog14 hydrog ? ? A C 9  O2 ? ? ? 1_555 B G 5  N2 ? ? A C 10 B G 6  1_555 ? ? ? ? ? ? WATSON-CRICK         ? ? ? 
hydrog15 hydrog ? ? A U 10 N3 ? ? ? 1_555 B A 4  N1 ? ? A U 11 B A 5  1_555 ? ? ? ? ? ? WATSON-CRICK         ? ? ? 
hydrog16 hydrog ? ? A U 10 O4 ? ? ? 1_555 B A 4  N6 ? ? A U 11 B A 5  1_555 ? ? ? ? ? ? WATSON-CRICK         ? ? ? 
hydrog17 hydrog ? ? A A 11 N1 ? ? ? 1_555 B U 3  N3 ? ? A A 12 B U 4  1_555 ? ? ? ? ? ? WATSON-CRICK         ? ? ? 
hydrog18 hydrog ? ? A A 11 N6 ? ? ? 1_555 B U 3  O4 ? ? A A 12 B U 4  1_555 ? ? ? ? ? ? WATSON-CRICK         ? ? ? 
hydrog19 hydrog ? ? A U 12 N3 ? ? ? 1_555 B A 2  N1 ? ? A U 13 B A 3  1_555 ? ? ? ? ? ? WATSON-CRICK         ? ? ? 
hydrog20 hydrog ? ? A U 12 O4 ? ? ? 1_555 B A 2  N6 ? ? A U 13 B A 3  1_555 ? ? ? ? ? ? WATSON-CRICK         ? ? ? 
hydrog21 hydrog ? ? A U 13 N3 ? ? ? 1_555 B A 1  N1 ? ? A U 14 B A 2  1_555 ? ? ? ? ? ? WATSON-CRICK         ? ? ? 
hydrog22 hydrog ? ? A U 13 O4 ? ? ? 1_555 B A 1  N6 ? ? A U 14 B A 2  1_555 ? ? ? ? ? ? WATSON-CRICK         ? ? ? 
hydrog23 hydrog ? ? C G 1  N1 ? ? ? 1_555 D C 19 N3 ? ? C G 15 D C 49 1_555 ? ? ? ? ? ? WATSON-CRICK         ? ? ? 
hydrog24 hydrog ? ? C G 1  N2 ? ? ? 1_555 D C 19 O2 ? ? C G 15 D C 49 1_555 ? ? ? ? ? ? WATSON-CRICK         ? ? ? 
hydrog25 hydrog ? ? C G 1  O6 ? ? ? 1_555 D C 19 N4 ? ? C G 15 D C 49 1_555 ? ? ? ? ? ? WATSON-CRICK         ? ? ? 
hydrog26 hydrog ? ? C G 2  N1 ? ? ? 1_555 D C 18 N3 ? ? C G 16 D C 48 1_555 ? ? ? ? ? ? WATSON-CRICK         ? ? ? 
hydrog27 hydrog ? ? C G 2  N2 ? ? ? 1_555 D C 18 O2 ? ? C G 16 D C 48 1_555 ? ? ? ? ? ? WATSON-CRICK         ? ? ? 
hydrog28 hydrog ? ? C G 2  O6 ? ? ? 1_555 D C 18 N4 ? ? C G 16 D C 48 1_555 ? ? ? ? ? ? WATSON-CRICK         ? ? ? 
hydrog29 hydrog ? ? C C 3  O2 ? ? ? 1_555 D G 17 N2 ? ? C C 17 D G 47 1_555 ? ? ? ? ? ? 'C-G PAIR'           ? ? ? 
hydrog30 hydrog ? ? C A 4  N1 ? ? ? 1_555 D U 16 N3 ? ? C A 18 D U 46 1_555 ? ? ? ? ? ? WATSON-CRICK         ? ? ? 
hydrog31 hydrog ? ? C A 4  N6 ? ? ? 1_555 D U 16 O4 ? ? C A 18 D U 46 1_555 ? ? ? ? ? ? WATSON-CRICK         ? ? ? 
hydrog32 hydrog ? ? C G 5  N1 ? ? ? 1_555 D C 15 N3 ? ? C G 19 D C 45 1_555 ? ? ? ? ? ? WATSON-CRICK         ? ? ? 
hydrog33 hydrog ? ? C G 5  N2 ? ? ? 1_555 D C 15 O2 ? ? C G 19 D C 45 1_555 ? ? ? ? ? ? WATSON-CRICK         ? ? ? 
hydrog34 hydrog ? ? C G 5  O6 ? ? ? 1_555 D C 15 N4 ? ? C G 19 D C 45 1_555 ? ? ? ? ? ? WATSON-CRICK         ? ? ? 
hydrog35 hydrog ? ? C A 6  N1 ? ? ? 1_555 D C 14 N4 ? ? C A 20 D C 44 1_555 ? ? ? ? ? ? 'A-C MISPAIR'        ? ? ? 
hydrog36 hydrog ? ? C G 7  N2 ? ? ? 1_555 D A 13 N7 ? ? C G 21 D A 43 1_555 ? ? ? ? ? ? TYPE_11_PAIR         ? ? ? 
hydrog37 hydrog ? ? C G 7  N3 ? ? ? 1_555 D A 13 N6 ? ? C G 21 D A 43 1_555 ? ? ? ? ? ? TYPE_11_PAIR         ? ? ? 
hydrog38 hydrog ? ? C A 8  N6 ? ? ? 1_555 D U 11 O2 ? ? C A 22 D U 41 1_555 ? ? ? ? ? ? 'REVERSED HOOGSTEEN' ? ? ? 
hydrog39 hydrog ? ? C A 8  N7 ? ? ? 1_555 D U 11 N3 ? ? C A 22 D U 41 1_555 ? ? ? ? ? ? 'REVERSED HOOGSTEEN' ? ? ? 
hydrog40 hydrog ? ? C A 9  N6 ? ? ? 1_555 D A 10 N1 ? ? C A 23 D A 40 1_555 ? ? ? ? ? ? 'A-A MISPAIR'        ? ? ? 
hydrog41 hydrog ? ? C A 10 N6 ? ? ? 1_555 D A 8  N7 ? ? C A 24 D A 38 1_555 ? ? ? ? ? ? 'A-A MISPAIR'        ? ? ? 
hydrog42 hydrog ? ? C A 12 N1 ? ? ? 1_555 D G 6  N1 ? ? C A 26 D G 36 1_555 ? ? ? ? ? ? TYPE_8_PAIR          ? ? ? 
hydrog43 hydrog ? ? C A 12 N6 ? ? ? 1_555 D G 6  O6 ? ? C A 26 D G 36 1_555 ? ? ? ? ? ? TYPE_8_PAIR          ? ? ? 
hydrog44 hydrog ? ? C C 13 N3 ? ? ? 1_555 D G 5  N1 ? ? C C 27 D G 35 1_555 ? ? ? ? ? ? WATSON-CRICK         ? ? ? 
hydrog45 hydrog ? ? C C 13 N4 ? ? ? 1_555 D G 5  O6 ? ? C C 27 D G 35 1_555 ? ? ? ? ? ? WATSON-CRICK         ? ? ? 
hydrog46 hydrog ? ? C C 13 O2 ? ? ? 1_555 D G 5  N2 ? ? C C 27 D G 35 1_555 ? ? ? ? ? ? WATSON-CRICK         ? ? ? 
hydrog47 hydrog ? ? C A 14 N1 ? ? ? 1_555 D U 4  N3 ? ? C A 28 D U 34 1_555 ? ? ? ? ? ? WATSON-CRICK         ? ? ? 
hydrog48 hydrog ? ? C A 14 N6 ? ? ? 1_555 D U 4  O4 ? ? C A 28 D U 34 1_555 ? ? ? ? ? ? WATSON-CRICK         ? ? ? 
hydrog49 hydrog ? ? C C 15 N3 ? ? ? 1_555 D G 3  N1 ? ? C C 29 D G 33 1_555 ? ? ? ? ? ? WATSON-CRICK         ? ? ? 
hydrog50 hydrog ? ? C C 15 N4 ? ? ? 1_555 D G 3  O6 ? ? C C 29 D G 33 1_555 ? ? ? ? ? ? WATSON-CRICK         ? ? ? 
hydrog51 hydrog ? ? C C 15 O2 ? ? ? 1_555 D G 3  N2 ? ? C C 29 D G 33 1_555 ? ? ? ? ? ? WATSON-CRICK         ? ? ? 
hydrog52 hydrog ? ? C G 16 N1 ? ? ? 1_555 D C 2  N3 ? ? C G 30 D C 32 1_555 ? ? ? ? ? ? WATSON-CRICK         ? ? ? 
hydrog53 hydrog ? ? C G 16 N2 ? ? ? 1_555 D C 2  O2 ? ? C G 30 D C 32 1_555 ? ? ? ? ? ? WATSON-CRICK         ? ? ? 
hydrog54 hydrog ? ? C G 16 O6 ? ? ? 1_555 D C 2  N4 ? ? C G 30 D C 32 1_555 ? ? ? ? ? ? WATSON-CRICK         ? ? ? 
hydrog55 hydrog ? ? C A 17 N1 ? ? ? 1_555 D U 1  N3 ? ? C A 31 D U 31 1_555 ? ? ? ? ? ? 'A-U PAIR'           ? ? ? 
# 
_struct_conn_type.id          hydrog 
_struct_conn_type.criteria    ? 
_struct_conn_type.reference   ? 
# 
_atom_sites.entry_id                    1X9K 
_atom_sites.fract_transf_matrix[1][1]   -0.00222822 
_atom_sites.fract_transf_matrix[1][2]   0.01168529 
_atom_sites.fract_transf_matrix[1][3]   -0.00281230 
_atom_sites.fract_transf_matrix[2][1]   0.00273627 
_atom_sites.fract_transf_matrix[2][2]   0.00883826 
_atom_sites.fract_transf_matrix[2][3]   0.00798901 
_atom_sites.fract_transf_matrix[3][1]   0.00707504 
_atom_sites.fract_transf_matrix[3][2]   0.00060487 
_atom_sites.fract_transf_matrix[3][3]   -0.00309240 
_atom_sites.fract_transf_vector[1]      0.425818 
_atom_sites.fract_transf_vector[2]      0.219524 
_atom_sites.fract_transf_vector[3]      0.379562 
# 
loop_
_atom_type.symbol 
C 
N 
O 
P 
# 
loop_
_atom_site.group_PDB 
_atom_site.id 
_atom_site.type_symbol 
_atom_site.label_atom_id 
_atom_site.label_alt_id 
_atom_site.label_comp_id 
_atom_site.label_asym_id 
_atom_site.label_entity_id 
_atom_site.label_seq_id 
_atom_site.pdbx_PDB_ins_code 
_atom_site.Cartn_x 
_atom_site.Cartn_y 
_atom_site.Cartn_z 
_atom_site.occupancy 
_atom_site.B_iso_or_equiv 
_atom_site.pdbx_formal_charge 
_atom_site.auth_seq_id 
_atom_site.auth_comp_id 
_atom_site.auth_asym_id 
_atom_site.auth_atom_id 
_atom_site.pdbx_PDB_model_num 
ATOM 1    O "O5'" . U A 1 1  ? 9.024   16.661  -1.579  1.00 178.09 ? 2  U A "O5'" 1 
ATOM 2    C "C5'" . U A 1 1  ? 10.319  17.202  -1.254  1.00 177.87 ? 2  U A "C5'" 1 
ATOM 3    C "C4'" . U A 1 1  ? 10.951  16.680  0.020   1.00 176.71 ? 2  U A "C4'" 1 
ATOM 4    O "O4'" . U A 1 1  ? 10.348  17.344  1.167   1.00 178.59 ? 2  U A "O4'" 1 
ATOM 5    C "C3'" . U A 1 1  ? 10.799  15.191  0.312   1.00 173.99 ? 2  U A "C3'" 1 
ATOM 6    O "O3'" . U A 1 1  ? 11.834  14.422  -0.277  1.00 167.56 ? 2  U A "O3'" 1 
ATOM 7    C "C2'" . U A 1 1  ? 10.995  15.171  1.814   1.00 177.30 ? 2  U A "C2'" 1 
ATOM 8    O "O2'" . U A 1 1  ? 12.370  15.341  2.116   1.00 179.24 ? 2  U A "O2'" 1 
ATOM 9    C "C1'" . U A 1 1  ? 10.214  16.419  2.233   1.00 178.69 ? 2  U A "C1'" 1 
ATOM 10   N N1    . U A 1 1  ? 8.790   16.107  2.382   1.00 178.78 ? 2  U A N1    1 
ATOM 11   C C2    . U A 1 1  ? 8.412   15.319  3.442   1.00 179.39 ? 2  U A C2    1 
ATOM 12   O O2    . U A 1 1  ? 9.199   14.913  4.280   1.00 179.76 ? 2  U A O2    1 
ATOM 13   N N3    . U A 1 1  ? 7.077   15.012  3.480   1.00 179.97 ? 2  U A N3    1 
ATOM 14   C C4    . U A 1 1  ? 6.105   15.402  2.573   1.00 180.41 ? 2  U A C4    1 
ATOM 15   O O4    . U A 1 1  ? 4.971   14.928  2.662   1.00 180.04 ? 2  U A O4    1 
ATOM 16   C C5    . U A 1 1  ? 6.578   16.244  1.521   1.00 180.01 ? 2  U A C5    1 
ATOM 17   C C6    . U A 1 1  ? 7.872   16.563  1.469   1.00 179.09 ? 2  U A C6    1 
ATOM 18   P P     . C A 1 2  ? 11.616  12.852  -0.522  1.00 164.79 ? 3  C A P     1 
ATOM 19   O OP1   . C A 1 2  ? 12.927  12.172  -0.620  1.00 166.71 ? 3  C A OP1   1 
ATOM 20   O OP2   . C A 1 2  ? 10.639  12.733  -1.621  1.00 167.84 ? 3  C A OP2   1 
ATOM 21   O "O5'" . C A 1 2  ? 10.975  12.291  0.812   1.00 159.84 ? 3  C A "O5'" 1 
ATOM 22   C "C5'" . C A 1 2  ? 11.812  11.651  1.759   1.00 154.95 ? 3  C A "C5'" 1 
ATOM 23   C "C4'" . C A 1 2  ? 11.044  11.372  3.012   1.00 148.79 ? 3  C A "C4'" 1 
ATOM 24   O "O4'" . C A 1 2  ? 10.103  12.452  3.195   1.00 145.90 ? 3  C A "O4'" 1 
ATOM 25   C "C3'" . C A 1 2  ? 10.176  10.139  2.950   1.00 144.12 ? 3  C A "C3'" 1 
ATOM 26   O "O3'" . C A 1 2  ? 10.955  9.021   3.343   1.00 141.13 ? 3  C A "O3'" 1 
ATOM 27   C "C2'" . C A 1 2  ? 9.110   10.453  3.985   1.00 144.91 ? 3  C A "C2'" 1 
ATOM 28   O "O2'" . C A 1 2  ? 9.515   10.193  5.300   1.00 140.93 ? 3  C A "O2'" 1 
ATOM 29   C "C1'" . C A 1 2  ? 8.926   11.952  3.784   1.00 149.37 ? 3  C A "C1'" 1 
ATOM 30   N N1    . C A 1 2  ? 7.816   12.190  2.868   1.00 155.84 ? 3  C A N1    1 
ATOM 31   C C2    . C A 1 2  ? 6.514   12.040  3.360   1.00 157.39 ? 3  C A C2    1 
ATOM 32   O O2    . C A 1 2  ? 6.364   11.764  4.562   1.00 157.96 ? 3  C A O2    1 
ATOM 33   N N3    . C A 1 2  ? 5.457   12.202  2.519   1.00 158.62 ? 3  C A N3    1 
ATOM 34   C C4    . C A 1 2  ? 5.670   12.520  1.239   1.00 159.08 ? 3  C A C4    1 
ATOM 35   N N4    . C A 1 2  ? 4.602   12.681  0.445   1.00 160.46 ? 3  C A N4    1 
ATOM 36   C C5    . C A 1 2  ? 6.991   12.695  0.716   1.00 159.09 ? 3  C A C5    1 
ATOM 37   C C6    . C A 1 2  ? 8.028   12.526  1.561   1.00 157.56 ? 3  C A C6    1 
ATOM 38   P P     . G A 1 3  ? 10.773  7.612   2.587   1.00 143.82 ? 4  G A P     1 
ATOM 39   O OP1   . G A 1 3  ? 11.973  6.733   2.734   1.00 142.84 ? 4  G A OP1   1 
ATOM 40   O OP2   . G A 1 3  ? 10.317  7.990   1.231   1.00 146.56 ? 4  G A OP2   1 
ATOM 41   O "O5'" . G A 1 3  ? 9.587   6.910   3.392   1.00 142.95 ? 4  G A "O5'" 1 
ATOM 42   C "C5'" . G A 1 3  ? 8.716   7.690   4.183   1.00 132.69 ? 4  G A "C5'" 1 
ATOM 43   C "C4'" . G A 1 3  ? 7.902   6.825   5.079   1.00 129.98 ? 4  G A "C4'" 1 
ATOM 44   O "O4'" . G A 1 3  ? 6.736   7.601   5.445   1.00 130.96 ? 4  G A "O4'" 1 
ATOM 45   C "C3'" . G A 1 3  ? 7.386   5.582   4.380   1.00 127.08 ? 4  G A "C3'" 1 
ATOM 46   O "O3'" . G A 1 3  ? 8.226   4.463   4.657   1.00 128.10 ? 4  G A "O3'" 1 
ATOM 47   C "C2'" . G A 1 3  ? 5.948   5.464   4.883   1.00 123.55 ? 4  G A "C2'" 1 
ATOM 48   O "O2'" . G A 1 3  ? 5.759   4.748   6.082   1.00 100.71 ? 4  G A "O2'" 1 
ATOM 49   C "C1'" . G A 1 3  ? 5.565   6.941   5.029   1.00 126.73 ? 4  G A "C1'" 1 
ATOM 50   N N9    . G A 1 3  ? 5.138   7.589   3.786   1.00 132.68 ? 4  G A N9    1 
ATOM 51   C C8    . G A 1 3  ? 5.917   7.878   2.684   1.00 133.69 ? 4  G A C8    1 
ATOM 52   N N7    . G A 1 3  ? 5.255   8.463   1.720   1.00 133.98 ? 4  G A N7    1 
ATOM 53   C C5    . G A 1 3  ? 3.963   8.575   2.212   1.00 134.00 ? 4  G A C5    1 
ATOM 54   C C6    . G A 1 3  ? 2.814   9.119   1.624   1.00 135.05 ? 4  G A C6    1 
ATOM 55   O O6    . G A 1 3  ? 2.688   9.611   0.514   1.00 136.54 ? 4  G A O6    1 
ATOM 56   N N1    . G A 1 3  ? 1.719   9.042   2.470   1.00 136.98 ? 4  G A N1    1 
ATOM 57   C C2    . G A 1 3  ? 1.730   8.496   3.722   1.00 136.85 ? 4  G A C2    1 
ATOM 58   N N2    . G A 1 3  ? 0.582   8.525   4.404   1.00 137.37 ? 4  G A N2    1 
ATOM 59   N N3    . G A 1 3  ? 2.793   7.967   4.281   1.00 136.94 ? 4  G A N3    1 
ATOM 60   C C4    . G A 1 3  ? 3.873   8.043   3.479   1.00 134.42 ? 4  G A C4    1 
ATOM 61   P P     . C A 1 4  ? 8.086   3.124   3.776   1.00 135.96 ? 5  C A P     1 
ATOM 62   O OP1   . C A 1 4  ? 9.057   2.081   4.217   1.00 133.03 ? 5  C A OP1   1 
ATOM 63   O OP2   . C A 1 4  ? 8.101   3.589   2.369   1.00 136.14 ? 5  C A OP2   1 
ATOM 64   O "O5'" . C A 1 4  ? 6.625   2.561   4.106   1.00 135.01 ? 5  C A "O5'" 1 
ATOM 65   C "C5'" . C A 1 4  ? 6.020   1.584   3.258   1.00 134.58 ? 5  C A "C5'" 1 
ATOM 66   C "C4'" . C A 1 4  ? 4.524   1.706   3.312   1.00 135.46 ? 5  C A "C4'" 1 
ATOM 67   O "O4'" . C A 1 4  ? 4.176   3.098   3.374   1.00 137.45 ? 5  C A "O4'" 1 
ATOM 68   C "C3'" . C A 1 4  ? 3.793   1.191   2.090   1.00 136.56 ? 5  C A "C3'" 1 
ATOM 69   O "O3'" . C A 1 4  ? 3.480   -0.157  2.296   1.00 139.38 ? 5  C A "O3'" 1 
ATOM 70   C "C2'" . C A 1 4  ? 2.502   2.000   2.079   1.00 136.89 ? 5  C A "C2'" 1 
ATOM 71   O "O2'" . C A 1 4  ? 1.451   1.426   2.818   1.00 136.03 ? 5  C A "O2'" 1 
ATOM 72   C "C1'" . C A 1 4  ? 2.936   3.309   2.725   1.00 136.41 ? 5  C A "C1'" 1 
ATOM 73   N N1    . C A 1 4  ? 3.124   4.357   1.744   1.00 138.59 ? 5  C A N1    1 
ATOM 74   C C2    . C A 1 4  ? 2.047   5.147   1.406   1.00 139.37 ? 5  C A C2    1 
ATOM 75   O O2    . C A 1 4  ? 0.964   4.924   1.951   1.00 137.93 ? 5  C A O2    1 
ATOM 76   N N3    . C A 1 4  ? 2.214   6.131   0.493   1.00 141.10 ? 5  C A N3    1 
ATOM 77   C C4    . C A 1 4  ? 3.415   6.315   -0.074  1.00 141.06 ? 5  C A C4    1 
ATOM 78   N N4    . C A 1 4  ? 3.552   7.282   -0.980  1.00 142.26 ? 5  C A N4    1 
ATOM 79   C C5    . C A 1 4  ? 4.533   5.512   0.260   1.00 140.24 ? 5  C A C5    1 
ATOM 80   C C6    . C A 1 4  ? 4.346   4.554   1.164   1.00 139.73 ? 5  C A C6    1 
ATOM 81   P P     . A A 1 5  ? 4.330   -1.274  1.559   1.00 143.44 ? 6  A A P     1 
ATOM 82   O OP1   . A A 1 5  ? 3.728   -2.587  1.921   1.00 143.53 ? 6  A A OP1   1 
ATOM 83   O OP2   . A A 1 5  ? 5.750   -0.983  1.889   1.00 146.30 ? 6  A A OP2   1 
ATOM 84   O "O5'" . A A 1 5  ? 4.122   -0.970  0.006   1.00 145.31 ? 6  A A "O5'" 1 
ATOM 85   C "C5'" . A A 1 5  ? 2.818   -0.861  -0.576  1.00 149.32 ? 6  A A "C5'" 1 
ATOM 86   C "C4'" . A A 1 5  ? 2.925   -0.192  -1.926  1.00 151.44 ? 6  A A "C4'" 1 
ATOM 87   O "O4'" . A A 1 5  ? 3.517   1.092   -1.722  1.00 151.72 ? 6  A A "O4'" 1 
ATOM 88   C "C3'" . A A 1 5  ? 3.817   -0.930  -2.918  1.00 153.08 ? 6  A A "C3'" 1 
ATOM 89   O "O3'" . A A 1 5  ? 2.931   -1.445  -3.926  1.00 155.55 ? 6  A A "O3'" 1 
ATOM 90   C "C2'" . A A 1 5  ? 4.810   0.115   -3.450  1.00 150.93 ? 6  A A "C2'" 1 
ATOM 91   O "O2'" . A A 1 5  ? 4.900   0.295   -4.833  1.00 154.93 ? 6  A A "O2'" 1 
ATOM 92   C "C1'" . A A 1 5  ? 4.295   1.401   -2.829  1.00 150.64 ? 6  A A "C1'" 1 
ATOM 93   N N9    . A A 1 5  ? 5.200   2.479   -2.485  1.00 150.91 ? 6  A A N9    1 
ATOM 94   C C8    . A A 1 5  ? 5.890   2.724   -1.335  1.00 151.91 ? 6  A A C8    1 
ATOM 95   N N7    . A A 1 5  ? 6.500   3.882   -1.328  1.00 152.21 ? 6  A A N7    1 
ATOM 96   C C5    . A A 1 5  ? 6.212   4.411   -2.571  1.00 152.54 ? 6  A A C5    1 
ATOM 97   C C6    . A A 1 5  ? 6.543   5.621   -3.173  1.00 153.95 ? 6  A A C6    1 
ATOM 98   N N6    . A A 1 5  ? 7.249   6.573   -2.565  1.00 156.18 ? 6  A A N6    1 
ATOM 99   N N1    . A A 1 5  ? 6.109   5.837   -4.433  1.00 154.14 ? 6  A A N1    1 
ATOM 100  C C2    . A A 1 5  ? 5.376   4.890   -5.021  1.00 153.11 ? 6  A A C2    1 
ATOM 101  N N3    . A A 1 5  ? 4.989   3.714   -4.547  1.00 151.48 ? 6  A A N3    1 
ATOM 102  C C4    . A A 1 5  ? 5.443   3.541   -3.304  1.00 151.61 ? 6  A A C4    1 
ATOM 103  P P     . G A 1 6  ? 3.512   -2.170  -5.247  1.00 161.98 ? 7  G A P     1 
ATOM 104  O OP1   . G A 1 6  ? 4.464   -3.213  -4.776  1.00 164.37 ? 7  G A OP1   1 
ATOM 105  O OP2   . G A 1 6  ? 3.940   -1.195  -6.297  1.00 162.24 ? 7  G A OP2   1 
ATOM 106  O "O5'" . G A 1 6  ? 2.245   -2.899  -5.879  1.00 159.54 ? 7  G A "O5'" 1 
ATOM 107  C "C5'" . G A 1 6  ? 1.047   -3.002  -5.150  1.00 153.57 ? 7  G A "C5'" 1 
ATOM 108  C "C4'" . G A 1 6  ? 0.200   -4.136  -5.665  1.00 148.17 ? 7  G A "C4'" 1 
ATOM 109  O "O4'" . G A 1 6  ? -0.938  -4.217  -4.807  1.00 146.27 ? 7  G A "O4'" 1 
ATOM 110  C "C3'" . G A 1 6  ? -0.272  -3.986  -7.113  1.00 147.68 ? 7  G A "C3'" 1 
ATOM 111  O "O3'" . G A 1 6  ? 0.230   -5.141  -7.830  1.00 150.99 ? 7  G A "O3'" 1 
ATOM 112  C "C2'" . G A 1 6  ? -1.806  -4.113  -7.059  1.00 147.15 ? 7  G A "C2'" 1 
ATOM 113  O "O2'" . G A 1 6  ? -2.292  -5.180  -7.842  1.00 148.19 ? 7  G A "O2'" 1 
ATOM 114  C "C1'" . G A 1 6  ? -2.074  -4.404  -5.579  1.00 145.68 ? 7  G A "C1'" 1 
ATOM 115  N N9    . G A 1 6  ? -3.257  -3.985  -4.833  1.00 142.61 ? 7  G A N9    1 
ATOM 116  C C8    . G A 1 6  ? -4.039  -4.850  -4.111  1.00 143.07 ? 7  G A C8    1 
ATOM 117  N N7    . G A 1 6  ? -5.048  -4.271  -3.531  1.00 142.15 ? 7  G A N7    1 
ATOM 118  C C5    . G A 1 6  ? -4.940  -2.939  -3.889  1.00 140.51 ? 7  G A C5    1 
ATOM 119  C C6    . G A 1 6  ? -5.776  -1.849  -3.566  1.00 138.95 ? 7  G A C6    1 
ATOM 120  O O6    . G A 1 6  ? -6.821  -1.853  -2.916  1.00 138.97 ? 7  G A O6    1 
ATOM 121  N N1    . G A 1 6  ? -5.304  -0.670  -4.096  1.00 137.96 ? 7  G A N1    1 
ATOM 122  C C2    . G A 1 6  ? -4.189  -0.555  -4.865  1.00 137.28 ? 7  G A C2    1 
ATOM 123  N N2    . G A 1 6  ? -3.938  0.675   -5.285  1.00 136.56 ? 7  G A N2    1 
ATOM 124  N N3    . G A 1 6  ? -3.392  -1.572  -5.199  1.00 137.89 ? 7  G A N3    1 
ATOM 125  C C4    . G A 1 6  ? -3.829  -2.733  -4.680  1.00 140.16 ? 7  G A C4    1 
ATOM 126  P P     . U A 1 7  ? 1.244   -5.000  -9.084  1.00 151.68 ? 8  U A P     1 
ATOM 127  O OP1   . U A 1 7  ? 1.166   -6.275  -9.841  1.00 147.39 ? 8  U A OP1   1 
ATOM 128  O OP2   . U A 1 7  ? 2.565   -4.521  -8.606  1.00 151.66 ? 8  U A OP2   1 
ATOM 129  O "O5'" . U A 1 7  ? 0.614   -3.865  -9.995  1.00 144.00 ? 8  U A "O5'" 1 
ATOM 130  C "C5'" . U A 1 7  ? -0.624  -4.069  -10.642 1.00 136.68 ? 8  U A "C5'" 1 
ATOM 131  C "C4'" . U A 1 7  ? -0.738  -3.142  -11.824 1.00 129.80 ? 8  U A "C4'" 1 
ATOM 132  O "O4'" . U A 1 7  ? -1.020  -1.765  -11.409 1.00 121.58 ? 8  U A "O4'" 1 
ATOM 133  C "C3'" . U A 1 7  ? 0.531   -2.979  -12.633 1.00 127.26 ? 8  U A "C3'" 1 
ATOM 134  O "O3'" . U A 1 7  ? 0.797   -4.050  -13.507 1.00 138.07 ? 8  U A "O3'" 1 
ATOM 135  C "C2'" . U A 1 7  ? 0.177   -1.749  -13.430 1.00 117.19 ? 8  U A "C2'" 1 
ATOM 136  O "O2'" . U A 1 7  ? -0.860  -2.107  -14.319 1.00 115.59 ? 8  U A "O2'" 1 
ATOM 137  C "C1'" . U A 1 7  ? -0.390  -0.867  -12.323 1.00 104.11 ? 8  U A "C1'" 1 
ATOM 138  N N1    . U A 1 7  ? 0.620   -0.076  -11.587 1.00 85.42  ? 8  U A N1    1 
ATOM 139  C C2    . U A 1 7  ? 0.779   1.293   -11.941 1.00 82.59  ? 8  U A C2    1 
ATOM 140  O O2    . U A 1 7  ? 0.303   1.790   -12.969 1.00 90.41  ? 8  U A O2    1 
ATOM 141  N N3    . U A 1 7  ? 1.533   2.057   -11.064 1.00 78.57  ? 8  U A N3    1 
ATOM 142  C C4    . U A 1 7  ? 2.190   1.597   -9.929  1.00 80.29  ? 8  U A C4    1 
ATOM 143  O O4    . U A 1 7  ? 2.666   2.437   -9.123  1.00 81.10  ? 8  U A O4    1 
ATOM 144  C C5    . U A 1 7  ? 2.093   0.145   -9.718  1.00 78.97  ? 8  U A C5    1 
ATOM 145  C C6    . U A 1 7  ? 1.327   -0.612  -10.542 1.00 80.00  ? 8  U A C6    1 
ATOM 146  P P     . C A 1 8  ? 2.221   -4.106  -14.257 1.00 145.99 ? 9  C A P     1 
ATOM 147  O OP1   . C A 1 8  ? 2.004   -4.910  -15.495 1.00 146.38 ? 9  C A OP1   1 
ATOM 148  O OP2   . C A 1 8  ? 3.296   -4.501  -13.299 1.00 145.12 ? 9  C A OP2   1 
ATOM 149  O "O5'" . C A 1 8  ? 2.481   -2.598  -14.691 1.00 133.63 ? 9  C A "O5'" 1 
ATOM 150  C "C5'" . C A 1 8  ? 1.958   -2.107  -15.915 1.00 132.15 ? 9  C A "C5'" 1 
ATOM 151  C "C4'" . C A 1 8  ? 2.550   -0.763  -16.214 1.00 137.17 ? 9  C A "C4'" 1 
ATOM 152  O "O4'" . C A 1 8  ? 2.188   0.149   -15.135 1.00 128.82 ? 9  C A "O4'" 1 
ATOM 153  C "C3'" . C A 1 8  ? 4.076   -0.726  -16.224 1.00 143.44 ? 9  C A "C3'" 1 
ATOM 154  O "O3'" . C A 1 8  ? 4.640   -1.217  -17.449 1.00 158.87 ? 9  C A "O3'" 1 
ATOM 155  C "C2'" . C A 1 8  ? 4.349   0.751   -15.916 1.00 133.94 ? 9  C A "C2'" 1 
ATOM 156  O "O2'" . C A 1 8  ? 4.157   1.644   -17.007 1.00 138.82 ? 9  C A "O2'" 1 
ATOM 157  C "C1'" . C A 1 8  ? 3.283   1.019   -14.849 1.00 120.31 ? 9  C A "C1'" 1 
ATOM 158  N N1    . C A 1 8  ? 3.794   0.689   -13.504 1.00 103.71 ? 9  C A N1    1 
ATOM 159  C C2    . C A 1 8  ? 4.384   1.716   -12.730 1.00 99.36  ? 9  C A C2    1 
ATOM 160  O O2    . C A 1 8  ? 4.403   2.877   -13.190 1.00 98.01  ? 9  C A O2    1 
ATOM 161  N N3    . C A 1 8  ? 4.895   1.418   -11.505 1.00 93.38  ? 9  C A N3    1 
ATOM 162  C C4    . C A 1 8  ? 4.790   0.165   -11.032 1.00 95.51  ? 9  C A C4    1 
ATOM 163  N N4    . C A 1 8  ? 5.218   -0.085  -9.785  1.00 99.55  ? 9  C A N4    1 
ATOM 164  C C5    . C A 1 8  ? 4.205   -0.891  -11.801 1.00 98.10  ? 9  C A C5    1 
ATOM 165  C C6    . C A 1 8  ? 3.719   -0.588  -13.017 1.00 98.96  ? 9  C A C6    1 
ATOM 166  P P     . C A 1 9  ? 5.998   -2.090  -17.411 1.00 170.50 ? 10 C A P     1 
ATOM 167  O OP1   . C A 1 9  ? 6.214   -2.632  -18.780 1.00 171.70 ? 10 C A OP1   1 
ATOM 168  O OP2   . C A 1 9  ? 5.913   -3.022  -16.248 1.00 170.42 ? 10 C A OP2   1 
ATOM 169  O "O5'" . C A 1 9  ? 7.130   -1.009  -17.124 1.00 174.62 ? 10 C A "O5'" 1 
ATOM 170  C "C5'" . C A 1 9  ? 7.154   0.211   -17.857 1.00 182.64 ? 10 C A "C5'" 1 
ATOM 171  C "C4'" . C A 1 9  ? 8.207   1.125   -17.302 1.00 187.74 ? 10 C A "C4'" 1 
ATOM 172  O "O4'" . C A 1 9  ? 7.841   1.564   -15.965 1.00 188.40 ? 10 C A "O4'" 1 
ATOM 173  C "C3'" . C A 1 9  ? 9.536   0.435   -17.106 1.00 190.19 ? 10 C A "C3'" 1 
ATOM 174  O "O3'" . C A 1 9  ? 10.245  0.379   -18.323 1.00 198.32 ? 10 C A "O3'" 1 
ATOM 175  C "C2'" . C A 1 9  ? 10.199  1.316   -16.063 1.00 188.00 ? 10 C A "C2'" 1 
ATOM 176  O "O2'" . C A 1 9  ? 10.725  2.503   -16.633 1.00 187.47 ? 10 C A "O2'" 1 
ATOM 177  C "C1'" . C A 1 9  ? 9.007   1.634   -15.156 1.00 186.73 ? 10 C A "C1'" 1 
ATOM 178  N N1    . C A 1 9  ? 8.821   0.718   -14.015 1.00 182.90 ? 10 C A N1    1 
ATOM 179  C C2    . C A 1 9  ? 9.881   0.510   -13.124 1.00 182.68 ? 10 C A C2    1 
ATOM 180  O O2    . C A 1 9  ? 10.968  1.069   -13.331 1.00 182.46 ? 10 C A O2    1 
ATOM 181  N N3    . C A 1 9  ? 9.696   -0.300  -12.062 1.00 182.26 ? 10 C A N3    1 
ATOM 182  C C4    . C A 1 9  ? 8.520   -0.896  -11.876 1.00 181.45 ? 10 C A C4    1 
ATOM 183  N N4    . C A 1 9  ? 8.383   -1.680  -10.803 1.00 181.68 ? 10 C A N4    1 
ATOM 184  C C5    . C A 1 9  ? 7.432   -0.715  -12.775 1.00 180.52 ? 10 C A C5    1 
ATOM 185  C C6    . C A 1 9  ? 7.625   0.091   -13.820 1.00 180.79 ? 10 C A C6    1 
ATOM 186  P P     . U A 1 10 ? 11.327  -0.775  -18.532 1.00 204.31 ? 11 U A P     1 
ATOM 187  O OP1   . U A 1 10 ? 11.825  -0.646  -19.917 1.00 204.86 ? 11 U A OP1   1 
ATOM 188  O OP2   . U A 1 10 ? 10.692  -2.052  -18.094 1.00 204.30 ? 11 U A OP2   1 
ATOM 189  O "O5'" . U A 1 10 ? 12.487  -0.368  -17.506 1.00 206.58 ? 11 U A "O5'" 1 
ATOM 190  C "C5'" . U A 1 10 ? 13.147  0.904   -17.605 1.00 209.58 ? 11 U A "C5'" 1 
ATOM 191  C "C4'" . U A 1 10 ? 14.322  0.990   -16.640 1.00 211.42 ? 11 U A "C4'" 1 
ATOM 192  O "O4'" . U A 1 10 ? 13.855  1.169   -15.278 1.00 210.56 ? 11 U A "O4'" 1 
ATOM 193  C "C3'" . U A 1 10 ? 15.242  -0.222  -16.569 1.00 213.42 ? 11 U A "C3'" 1 
ATOM 194  O "O3'" . U A 1 10 ? 16.195  -0.225  -17.626 1.00 217.92 ? 11 U A "O3'" 1 
ATOM 195  C "C2'" . U A 1 10 ? 15.895  -0.058  -15.200 1.00 211.78 ? 11 U A "C2'" 1 
ATOM 196  O "O2'" . U A 1 10 ? 16.997  0.831   -15.172 1.00 213.20 ? 11 U A "O2'" 1 
ATOM 197  C "C1'" . U A 1 10 ? 14.736  0.511   -14.380 1.00 210.04 ? 11 U A "C1'" 1 
ATOM 198  N N1    . U A 1 10 ? 13.981  -0.541  -13.689 1.00 208.43 ? 11 U A N1    1 
ATOM 199  C C2    . U A 1 10 ? 14.511  -1.051  -12.522 1.00 208.10 ? 11 U A C2    1 
ATOM 200  O O2    . U A 1 10 ? 15.570  -0.664  -12.050 1.00 208.29 ? 11 U A O2    1 
ATOM 201  N N3    . U A 1 10 ? 13.757  -2.029  -11.926 1.00 207.79 ? 11 U A N3    1 
ATOM 202  C C4    . U A 1 10 ? 12.558  -2.534  -12.370 1.00 207.56 ? 11 U A C4    1 
ATOM 203  O O4    . U A 1 10 ? 11.996  -3.413  -11.716 1.00 207.56 ? 11 U A O4    1 
ATOM 204  C C5    . U A 1 10 ? 12.080  -1.954  -13.583 1.00 207.49 ? 11 U A C5    1 
ATOM 205  C C6    . U A 1 10 ? 12.790  -1.002  -14.187 1.00 207.88 ? 11 U A C6    1 
ATOM 206  P P     . A A 1 11 ? 16.654  -1.622  -18.278 1.00 221.23 ? 12 A A P     1 
ATOM 207  O OP1   . A A 1 11 ? 17.259  -1.298  -19.593 1.00 220.33 ? 12 A A OP1   1 
ATOM 208  O OP2   . A A 1 11 ? 15.505  -2.558  -18.215 1.00 221.97 ? 12 A A OP2   1 
ATOM 209  O "O5'" . A A 1 11 ? 17.781  -2.157  -17.281 1.00 222.77 ? 12 A A "O5'" 1 
ATOM 210  C "C5'" . A A 1 11 ? 19.025  -1.469  -17.154 1.00 227.14 ? 12 A A "C5'" 1 
ATOM 211  C "C4'" . A A 1 11 ? 19.775  -1.945  -15.930 1.00 230.61 ? 12 A A "C4'" 1 
ATOM 212  O "O4'" . A A 1 11 ? 18.992  -1.640  -14.747 1.00 229.71 ? 12 A A "O4'" 1 
ATOM 213  C "C3'" . A A 1 11 ? 20.051  -3.440  -15.832 1.00 234.37 ? 12 A A "C3'" 1 
ATOM 214  O "O3'" . A A 1 11 ? 21.249  -3.798  -16.527 1.00 241.22 ? 12 A A "O3'" 1 
ATOM 215  C "C2'" . A A 1 11 ? 20.229  -3.629  -14.330 1.00 233.26 ? 12 A A "C2'" 1 
ATOM 216  O "O2'" . A A 1 11 ? 21.531  -3.292  -13.887 1.00 234.12 ? 12 A A "O2'" 1 
ATOM 217  C "C1'" . A A 1 11 ? 19.197  -2.645  -13.771 1.00 231.08 ? 12 A A "C1'" 1 
ATOM 218  N N9    . A A 1 11 ? 17.911  -3.282  -13.494 1.00 230.06 ? 12 A A N9    1 
ATOM 219  C C8    . A A 1 11 ? 16.757  -3.210  -14.238 1.00 229.82 ? 12 A A C8    1 
ATOM 220  N N7    . A A 1 11 ? 15.760  -3.899  -13.734 1.00 229.70 ? 12 A A N7    1 
ATOM 221  C C5    . A A 1 11 ? 16.291  -4.462  -12.577 1.00 229.63 ? 12 A A C5    1 
ATOM 222  C C6    . A A 1 11 ? 15.737  -5.308  -11.585 1.00 229.23 ? 12 A A C6    1 
ATOM 223  N N6    . A A 1 11 ? 14.476  -5.745  -11.602 1.00 229.18 ? 12 A A N6    1 
ATOM 224  N N1    . A A 1 11 ? 16.538  -5.689  -10.563 1.00 228.84 ? 12 A A N1    1 
ATOM 225  C C2    . A A 1 11 ? 17.802  -5.248  -10.544 1.00 229.10 ? 12 A A C2    1 
ATOM 226  N N3    . A A 1 11 ? 18.435  -4.453  -11.412 1.00 229.35 ? 12 A A N3    1 
ATOM 227  C C4    . A A 1 11 ? 17.614  -4.090  -12.417 1.00 229.69 ? 12 A A C4    1 
ATOM 228  P P     . U A 1 12 ? 21.435  -5.294  -17.101 1.00 246.56 ? 13 U A P     1 
ATOM 229  O OP1   . U A 1 12 ? 22.709  -5.326  -17.870 1.00 246.68 ? 13 U A OP1   1 
ATOM 230  O OP2   . U A 1 12 ? 20.166  -5.679  -17.773 1.00 246.08 ? 13 U A OP2   1 
ATOM 231  O "O5'" . U A 1 12 ? 21.609  -6.215  -15.806 1.00 248.41 ? 13 U A "O5'" 1 
ATOM 232  C "C5'" . U A 1 12 ? 22.879  -6.347  -15.170 1.00 252.16 ? 13 U A "C5'" 1 
ATOM 233  C "C4'" . U A 1 12 ? 22.768  -7.181  -13.908 1.00 255.35 ? 13 U A "C4'" 1 
ATOM 234  O "O4'" . U A 1 12 ? 21.741  -6.600  -13.051 1.00 255.82 ? 13 U A "O4'" 1 
ATOM 235  C "C3'" . U A 1 12 ? 22.312  -8.631  -14.039 1.00 257.64 ? 13 U A "C3'" 1 
ATOM 236  O "O3'" . U A 1 12 ? 23.325  -9.550  -14.444 1.00 261.00 ? 13 U A "O3'" 1 
ATOM 237  C "C2'" . U A 1 12 ? 21.848  -8.919  -12.619 1.00 257.71 ? 13 U A "C2'" 1 
ATOM 238  O "O2'" . U A 1 12 ? 22.899  -9.111  -11.693 1.00 257.98 ? 13 U A "O2'" 1 
ATOM 239  C "C1'" . U A 1 12 ? 21.095  -7.632  -12.309 1.00 257.51 ? 13 U A "C1'" 1 
ATOM 240  N N1    . U A 1 12 ? 19.720  -7.781  -12.806 1.00 258.32 ? 13 U A N1    1 
ATOM 241  C C2    . U A 1 12 ? 18.799  -8.393  -11.969 1.00 258.68 ? 13 U A C2    1 
ATOM 242  O O2    . U A 1 12 ? 19.075  -8.770  -10.834 1.00 259.05 ? 13 U A O2    1 
ATOM 243  N N3    . U A 1 12 ? 17.544  -8.547  -12.511 1.00 258.57 ? 13 U A N3    1 
ATOM 244  C C4    . U A 1 12 ? 17.126  -8.158  -13.774 1.00 258.21 ? 13 U A C4    1 
ATOM 245  O O4    . U A 1 12 ? 15.962  -8.367  -14.118 1.00 258.19 ? 13 U A O4    1 
ATOM 246  C C5    . U A 1 12 ? 18.132  -7.523  -14.568 1.00 258.22 ? 13 U A C5    1 
ATOM 247  C C6    . U A 1 12 ? 19.362  -7.356  -14.070 1.00 258.15 ? 13 U A C6    1 
ATOM 248  P P     . U A 1 13 ? 22.899  -11.017 -14.971 1.00 263.19 ? 14 U A P     1 
ATOM 249  O OP1   . U A 1 13 ? 24.111  -11.868 -15.082 1.00 263.58 ? 14 U A OP1   1 
ATOM 250  O OP2   . U A 1 13 ? 22.023  -10.833 -16.158 1.00 263.21 ? 14 U A OP2   1 
ATOM 251  O "O5'" . U A 1 13 ? 21.997  -11.607 -13.798 1.00 262.68 ? 14 U A "O5'" 1 
ATOM 252  C "C5'" . U A 1 13 ? 22.577  -12.027 -12.570 1.00 262.58 ? 14 U A "C5'" 1 
ATOM 253  C "C4'" . U A 1 13 ? 21.858  -13.243 -12.052 1.00 263.09 ? 14 U A "C4'" 1 
ATOM 254  O "O4'" . U A 1 13 ? 20.508  -12.892 -11.629 1.00 263.49 ? 14 U A "O4'" 1 
ATOM 255  C "C3'" . U A 1 13 ? 21.623  -14.330 -13.087 1.00 263.40 ? 14 U A "C3'" 1 
ATOM 256  O "O3'" . U A 1 13 ? 22.769  -15.066 -13.531 1.00 262.03 ? 14 U A "O3'" 1 
ATOM 257  C "C2'" . U A 1 13 ? 20.505  -15.133 -12.438 1.00 264.52 ? 14 U A "C2'" 1 
ATOM 258  O "O2'" . U A 1 13 ? 20.976  -16.000 -11.425 1.00 266.39 ? 14 U A "O2'" 1 
ATOM 259  C "C1'" . U A 1 13 ? 19.648  -14.013 -11.827 1.00 264.43 ? 14 U A "C1'" 1 
ATOM 260  N N1    . U A 1 13 ? 18.532  -13.618 -12.706 1.00 264.13 ? 14 U A N1    1 
ATOM 261  C C2    . U A 1 13 ? 17.467  -14.514 -12.853 1.00 263.78 ? 14 U A C2    1 
ATOM 262  O O2    . U A 1 13 ? 17.401  -15.581 -12.253 1.00 263.46 ? 14 U A O2    1 
ATOM 263  N N3    . U A 1 13 ? 16.486  -14.112 -13.729 1.00 263.50 ? 14 U A N3    1 
ATOM 264  C C4    . U A 1 13 ? 16.445  -12.938 -14.455 1.00 263.44 ? 14 U A C4    1 
ATOM 265  O O4    . U A 1 13 ? 15.542  -12.767 -15.274 1.00 263.17 ? 14 U A O4    1 
ATOM 266  C C5    . U A 1 13 ? 17.555  -12.055 -14.230 1.00 263.72 ? 14 U A C5    1 
ATOM 267  C C6    . U A 1 13 ? 18.535  -12.415 -13.384 1.00 263.96 ? 14 U A C6    1 
ATOM 268  O "O5'" . A B 2 1  ? 5.061   -14.200 -11.346 1.00 221.01 ? 2  A B "O5'" 1 
ATOM 269  C "C5'" . A B 2 1  ? 6.116   -13.648 -10.568 1.00 224.75 ? 2  A B "C5'" 1 
ATOM 270  C "C4'" . A B 2 1  ? 7.178   -14.645 -10.136 1.00 227.75 ? 2  A B "C4'" 1 
ATOM 271  O "O4'" . A B 2 1  ? 7.826   -15.221 -11.303 1.00 228.67 ? 2  A B "O4'" 1 
ATOM 272  C "C3'" . A B 2 1  ? 8.304   -14.048 -9.298  1.00 228.70 ? 2  A B "C3'" 1 
ATOM 273  O "O3'" . A B 2 1  ? 7.937   -14.057 -7.914  1.00 230.76 ? 2  A B "O3'" 1 
ATOM 274  C "C2'" . A B 2 1  ? 9.511   -14.939 -9.622  1.00 227.92 ? 2  A B "C2'" 1 
ATOM 275  O "O2'" . A B 2 1  ? 9.685   -16.071 -8.797  1.00 226.57 ? 2  A B "O2'" 1 
ATOM 276  C "C1'" . A B 2 1  ? 9.218   -15.371 -11.061 1.00 228.37 ? 2  A B "C1'" 1 
ATOM 277  N N9    . A B 2 1  ? 9.926   -14.566 -12.050 1.00 228.56 ? 2  A B N9    1 
ATOM 278  C C8    . A B 2 1  ? 9.375   -13.710 -12.971 1.00 228.55 ? 2  A B C8    1 
ATOM 279  N N7    . A B 2 1  ? 10.258  -13.105 -13.724 1.00 228.64 ? 2  A B N7    1 
ATOM 280  C C5    . A B 2 1  ? 11.470  -13.600 -13.273 1.00 228.61 ? 2  A B C5    1 
ATOM 281  C C6    . A B 2 1  ? 12.785  -13.351 -13.669 1.00 228.71 ? 2  A B C6    1 
ATOM 282  N N6    . A B 2 1  ? 13.112  -12.497 -14.637 1.00 228.85 ? 2  A B N6    1 
ATOM 283  N N1    . A B 2 1  ? 13.769  -14.012 -13.028 1.00 228.86 ? 2  A B N1    1 
ATOM 284  C C2    . A B 2 1  ? 13.434  -14.863 -12.044 1.00 228.92 ? 2  A B C2    1 
ATOM 285  N N3    . A B 2 1  ? 12.229  -15.176 -11.576 1.00 228.47 ? 2  A B N3    1 
ATOM 286  C C4    . A B 2 1  ? 11.280  -14.504 -12.245 1.00 228.50 ? 2  A B C4    1 
ATOM 287  P P     . A B 2 2  ? 8.565   -12.968 -6.912  1.00 232.14 ? 3  A B P     1 
ATOM 288  O OP1   . A B 2 2  ? 8.072   -13.223 -5.528  1.00 230.22 ? 3  A B OP1   1 
ATOM 289  O OP2   . A B 2 2  ? 8.359   -11.632 -7.529  1.00 232.83 ? 3  A B OP2   1 
ATOM 290  O "O5'" . A B 2 2  ? 10.119  -13.302 -6.952  1.00 230.86 ? 3  A B "O5'" 1 
ATOM 291  C "C5'" . A B 2 2  ? 10.645  -14.394 -6.212  1.00 230.44 ? 3  A B "C5'" 1 
ATOM 292  C "C4'" . A B 2 2  ? 12.127  -14.215 -6.028  1.00 230.84 ? 3  A B "C4'" 1 
ATOM 293  O "O4'" . A B 2 2  ? 12.776  -14.339 -7.310  1.00 229.27 ? 3  A B "O4'" 1 
ATOM 294  C "C3'" . A B 2 2  ? 12.534  -12.850 -5.490  1.00 231.76 ? 3  A B "C3'" 1 
ATOM 295  O "O3'" . A B 2 2  ? 12.587  -12.912 -4.069  1.00 234.59 ? 3  A B "O3'" 1 
ATOM 296  C "C2'" . A B 2 2  ? 13.928  -12.642 -6.070  1.00 230.34 ? 3  A B "C2'" 1 
ATOM 297  O "O2'" . A B 2 2  ? 14.946  -13.172 -5.244  1.00 231.78 ? 3  A B "O2'" 1 
ATOM 298  C "C1'" . A B 2 2  ? 13.848  -13.426 -7.383  1.00 228.75 ? 3  A B "C1'" 1 
ATOM 299  N N9    . A B 2 2  ? 13.643  -12.614 -8.567  1.00 226.92 ? 3  A B N9    1 
ATOM 300  C C8    . A B 2 2  ? 12.556  -12.622 -9.404  1.00 226.45 ? 3  A B C8    1 
ATOM 301  N N7    . A B 2 2  ? 12.680  -11.823 -10.433 1.00 226.37 ? 3  A B N7    1 
ATOM 302  C C5    . A B 2 2  ? 13.928  -11.240 -10.249 1.00 226.00 ? 3  A B C5    1 
ATOM 303  C C6    . A B 2 2  ? 14.651  -10.307 -11.002 1.00 226.07 ? 3  A B C6    1 
ATOM 304  N N6    . A B 2 2  ? 14.203  -9.777  -12.142 1.00 225.72 ? 3  A B N6    1 
ATOM 305  N N1    . A B 2 2  ? 15.868  -9.936  -10.542 1.00 225.82 ? 3  A B N1    1 
ATOM 306  C C2    . A B 2 2  ? 16.314  -10.476 -9.401  1.00 225.48 ? 3  A B C2    1 
ATOM 307  N N3    . A B 2 2  ? 15.728  -11.362 -8.607  1.00 225.78 ? 3  A B N3    1 
ATOM 308  C C4    . A B 2 2  ? 14.523  -11.708 -9.095  1.00 226.06 ? 3  A B C4    1 
ATOM 309  P P     . U B 2 3  ? 12.454  -11.569 -3.202  1.00 237.03 ? 4  U B P     1 
ATOM 310  O OP1   . U B 2 3  ? 12.595  -11.927 -1.766  1.00 237.42 ? 4  U B OP1   1 
ATOM 311  O OP2   . U B 2 3  ? 11.233  -10.865 -3.671  1.00 238.31 ? 4  U B OP2   1 
ATOM 312  O "O5'" . U B 2 3  ? 13.734  -10.716 -3.602  1.00 234.38 ? 4  U B "O5'" 1 
ATOM 313  C "C5'" . U B 2 3  ? 14.954  -10.890 -2.902  1.00 231.18 ? 4  U B "C5'" 1 
ATOM 314  C "C4'" . U B 2 3  ? 15.980  -9.936  -3.431  1.00 230.57 ? 4  U B "C4'" 1 
ATOM 315  O "O4'" . U B 2 3  ? 16.100  -10.149 -4.861  1.00 230.65 ? 4  U B "O4'" 1 
ATOM 316  C "C3'" . U B 2 3  ? 15.623  -8.463  -3.352  1.00 230.69 ? 4  U B "C3'" 1 
ATOM 317  O "O3'" . U B 2 3  ? 15.889  -7.892  -2.075  1.00 231.75 ? 4  U B "O3'" 1 
ATOM 318  C "C2'" . U B 2 3  ? 16.553  -7.866  -4.396  1.00 231.04 ? 4  U B "C2'" 1 
ATOM 319  O "O2'" . U B 2 3  ? 17.867  -7.685  -3.910  1.00 232.39 ? 4  U B "O2'" 1 
ATOM 320  C "C1'" . U B 2 3  ? 16.536  -8.946  -5.478  1.00 230.92 ? 4  U B "C1'" 1 
ATOM 321  N N1    . U B 2 3  ? 15.627  -8.604  -6.579  1.00 230.32 ? 4  U B N1    1 
ATOM 322  C C2    . U B 2 3  ? 16.102  -7.738  -7.566  1.00 229.85 ? 4  U B C2    1 
ATOM 323  O O2    . U B 2 3  ? 17.244  -7.303  -7.585  1.00 229.64 ? 4  U B O2    1 
ATOM 324  N N3    . U B 2 3  ? 15.192  -7.411  -8.532  1.00 229.61 ? 4  U B N3    1 
ATOM 325  C C4    . U B 2 3  ? 13.895  -7.850  -8.624  1.00 229.95 ? 4  U B C4    1 
ATOM 326  O O4    . U B 2 3  ? 13.189  -7.431  -9.540  1.00 230.36 ? 4  U B O4    1 
ATOM 327  C C5    . U B 2 3  ? 13.486  -8.760  -7.589  1.00 229.95 ? 4  U B C5    1 
ATOM 328  C C6    . U B 2 3  ? 14.346  -9.096  -6.627  1.00 229.94 ? 4  U B C6    1 
ATOM 329  P P     . A B 2 4  ? 15.464  -6.363  -1.785  1.00 232.67 ? 5  A B P     1 
ATOM 330  O OP1   . A B 2 4  ? 15.626  -6.054  -0.336  1.00 233.40 ? 5  A B OP1   1 
ATOM 331  O OP2   . A B 2 4  ? 14.147  -6.155  -2.434  1.00 233.28 ? 5  A B OP2   1 
ATOM 332  O "O5'" . A B 2 4  ? 16.507  -5.487  -2.609  1.00 230.03 ? 5  A B "O5'" 1 
ATOM 333  C "C5'" . A B 2 4  ? 17.867  -5.386  -2.206  1.00 226.82 ? 5  A B "C5'" 1 
ATOM 334  C "C4'" . A B 2 4  ? 18.577  -4.369  -3.061  1.00 224.87 ? 5  A B "C4'" 1 
ATOM 335  O "O4'" . A B 2 4  ? 18.586  -4.821  -4.440  1.00 225.09 ? 5  A B "O4'" 1 
ATOM 336  C "C3'" . A B 2 4  ? 17.890  -3.019  -3.125  1.00 223.70 ? 5  A B "C3'" 1 
ATOM 337  O "O3'" . A B 2 4  ? 18.233  -2.223  -1.999  1.00 220.34 ? 5  A B "O3'" 1 
ATOM 338  C "C2'" . A B 2 4  ? 18.413  -2.454  -4.441  1.00 224.86 ? 5  A B "C2'" 1 
ATOM 339  O "O2'" . A B 2 4  ? 19.708  -1.886  -4.371  1.00 225.12 ? 5  A B "O2'" 1 
ATOM 340  C "C1'" . A B 2 4  ? 18.442  -3.710  -5.309  1.00 225.69 ? 5  A B "C1'" 1 
ATOM 341  N N9    . A B 2 4  ? 17.210  -3.890  -6.070  1.00 227.54 ? 5  A B N9    1 
ATOM 342  C C8    . A B 2 4  ? 16.199  -4.788  -5.836  1.00 227.83 ? 5  A B C8    1 
ATOM 343  N N7    . A B 2 4  ? 15.221  -4.721  -6.705  1.00 228.58 ? 5  A B N7    1 
ATOM 344  C C5    . A B 2 4  ? 15.611  -3.708  -7.570  1.00 228.93 ? 5  A B C5    1 
ATOM 345  C C6    . A B 2 4  ? 15.003  -3.147  -8.713  1.00 229.32 ? 5  A B C6    1 
ATOM 346  N N6    . A B 2 4  ? 13.829  -3.552  -9.202  1.00 229.19 ? 5  A B N6    1 
ATOM 347  N N1    . A B 2 4  ? 15.655  -2.141  -9.340  1.00 229.43 ? 5  A B N1    1 
ATOM 348  C C2    . A B 2 4  ? 16.836  -1.736  -8.848  1.00 229.67 ? 5  A B C2    1 
ATOM 349  N N3    . A B 2 4  ? 17.508  -2.186  -7.786  1.00 229.45 ? 5  A B N3    1 
ATOM 350  C C4    . A B 2 4  ? 16.833  -3.184  -7.185  1.00 228.52 ? 5  A B C4    1 
ATOM 351  P P     . G B 2 5  ? 17.360  -0.918  -1.656  1.00 217.64 ? 6  G B P     1 
ATOM 352  O OP1   . G B 2 5  ? 18.065  -0.189  -0.569  1.00 218.42 ? 6  G B OP1   1 
ATOM 353  O OP2   . G B 2 5  ? 15.949  -1.345  -1.459  1.00 218.03 ? 6  G B OP2   1 
ATOM 354  O "O5'" . G B 2 5  ? 17.459  -0.052  -2.993  1.00 211.92 ? 6  G B "O5'" 1 
ATOM 355  C "C5'" . G B 2 5  ? 16.369  0.752   -3.438  1.00 201.18 ? 6  G B "C5'" 1 
ATOM 356  C "C4'" . G B 2 5  ? 16.694  1.395   -4.776  1.00 193.68 ? 6  G B "C4'" 1 
ATOM 357  O "O4'" . G B 2 5  ? 16.780  0.393   -5.829  1.00 189.61 ? 6  G B "O4'" 1 
ATOM 358  C "C3'" . G B 2 5  ? 15.609  2.333   -5.252  1.00 189.62 ? 6  G B "C3'" 1 
ATOM 359  O "O3'" . G B 2 5  ? 15.792  3.597   -4.651  1.00 189.58 ? 6  G B "O3'" 1 
ATOM 360  C "C2'" . G B 2 5  ? 15.781  2.321   -6.763  1.00 186.17 ? 6  G B "C2'" 1 
ATOM 361  O "O2'" . G B 2 5  ? 16.835  3.125   -7.227  1.00 185.39 ? 6  G B "O2'" 1 
ATOM 362  C "C1'" . G B 2 5  ? 16.112  0.852   -6.996  1.00 184.80 ? 6  G B "C1'" 1 
ATOM 363  N N9    . G B 2 5  ? 14.908  0.047   -7.154  1.00 182.06 ? 6  G B N9    1 
ATOM 364  C C8    . G B 2 5  ? 14.470  -0.959  -6.319  1.00 181.89 ? 6  G B C8    1 
ATOM 365  N N7    . G B 2 5  ? 13.355  -1.507  -6.718  1.00 181.36 ? 6  G B N7    1 
ATOM 366  C C5    . G B 2 5  ? 13.034  -0.821  -7.881  1.00 180.86 ? 6  G B C5    1 
ATOM 367  C C6    . G B 2 5  ? 11.937  -0.973  -8.759  1.00 180.45 ? 6  G B C6    1 
ATOM 368  O O6    . G B 2 5  ? 10.995  -1.774  -8.686  1.00 180.41 ? 6  G B O6    1 
ATOM 369  N N1    . G B 2 5  ? 12.002  -0.067  -9.815  1.00 179.64 ? 6  G B N1    1 
ATOM 370  C C2    . G B 2 5  ? 12.993  0.870   -9.999  1.00 179.58 ? 6  G B C2    1 
ATOM 371  N N2    . G B 2 5  ? 12.861  1.674   -11.063 1.00 179.28 ? 6  G B N2    1 
ATOM 372  N N3    . G B 2 5  ? 14.028  1.014   -9.191  1.00 180.18 ? 6  G B N3    1 
ATOM 373  C C4    . G B 2 5  ? 13.985  0.143   -8.160  1.00 181.09 ? 6  G B C4    1 
ATOM 374  P P     . A B 2 6  ? 14.508  4.471   -4.285  1.00 190.60 ? 7  A B P     1 
ATOM 375  O OP1   . A B 2 6  ? 14.964  5.680   -3.557  1.00 191.29 ? 7  A B OP1   1 
ATOM 376  O OP2   . A B 2 6  ? 13.524  3.553   -3.645  1.00 191.01 ? 7  A B OP2   1 
ATOM 377  O "O5'" . A B 2 6  ? 13.971  4.897   -5.725  1.00 188.57 ? 7  A B "O5'" 1 
ATOM 378  C "C5'" . A B 2 6  ? 14.844  5.539   -6.662  1.00 184.76 ? 7  A B "C5'" 1 
ATOM 379  C "C4'" . A B 2 6  ? 14.170  5.683   -8.009  1.00 180.11 ? 7  A B "C4'" 1 
ATOM 380  O "O4'" . A B 2 6  ? 13.980  4.373   -8.599  1.00 178.29 ? 7  A B "O4'" 1 
ATOM 381  C "C3'" . A B 2 6  ? 12.778  6.289   -7.975  1.00 176.72 ? 7  A B "C3'" 1 
ATOM 382  O "O3'" . A B 2 6  ? 12.836  7.701   -8.010  1.00 178.31 ? 7  A B "O3'" 1 
ATOM 383  C "C2'" . A B 2 6  ? 12.152  5.733   -9.238  1.00 174.71 ? 7  A B "C2'" 1 
ATOM 384  O "O2'" . A B 2 6  ? 12.600  6.424   -10.383 1.00 172.56 ? 7  A B "O2'" 1 
ATOM 385  C "C1'" . A B 2 6  ? 12.714  4.314   -9.232  1.00 174.68 ? 7  A B "C1'" 1 
ATOM 386  N N9    . A B 2 6  ? 11.888  3.381   -8.469  1.00 172.81 ? 7  A B N9    1 
ATOM 387  C C8    . A B 2 6  ? 12.075  2.935   -7.180  1.00 172.52 ? 7  A B C8    1 
ATOM 388  N N7    . A B 2 6  ? 11.201  2.037   -6.800  1.00 171.28 ? 7  A B N7    1 
ATOM 389  C C5    . A B 2 6  ? 10.375  1.895   -7.904  1.00 171.30 ? 7  A B C5    1 
ATOM 390  C C6    . A B 2 6  ? 9.273   1.079   -8.150  1.00 171.01 ? 7  A B C6    1 
ATOM 391  N N6    . A B 2 6  ? 8.788   0.202   -7.267  1.00 172.07 ? 7  A B N6    1 
ATOM 392  N N1    . A B 2 6  ? 8.673   1.186   -9.357  1.00 171.00 ? 7  A B N1    1 
ATOM 393  C C2    . A B 2 6  ? 9.162   2.059   -10.249 1.00 170.91 ? 7  A B C2    1 
ATOM 394  N N3    . A B 2 6  ? 10.198  2.874   -10.137 1.00 171.65 ? 7  A B N3    1 
ATOM 395  C C4    . A B 2 6  ? 10.771  2.738   -8.930  1.00 171.91 ? 7  A B C4    1 
ATOM 396  P P     . G B 2 7  ? 11.973  8.546   -6.955  1.00 180.46 ? 8  G B P     1 
ATOM 397  O OP1   . G B 2 7  ? 12.248  9.987   -7.163  1.00 182.82 ? 8  G B OP1   1 
ATOM 398  O OP2   . G B 2 7  ? 12.164  7.939   -5.610  1.00 180.83 ? 8  G B OP2   1 
ATOM 399  O "O5'" . G B 2 7  ? 10.474  8.296   -7.409  1.00 177.91 ? 8  G B "O5'" 1 
ATOM 400  C "C5'" . G B 2 7  ? 10.062  8.683   -8.708  1.00 171.06 ? 8  G B "C5'" 1 
ATOM 401  C "C4'" . G B 2 7  ? 8.839   7.909   -9.117  1.00 164.02 ? 8  G B "C4'" 1 
ATOM 402  O "O4'" . G B 2 7  ? 9.101   6.488   -8.982  1.00 160.06 ? 8  G B "O4'" 1 
ATOM 403  C "C3'" . G B 2 7  ? 7.604   8.144   -8.273  1.00 157.66 ? 8  G B "C3'" 1 
ATOM 404  O "O3'" . G B 2 7  ? 6.942   9.308   -8.754  1.00 157.99 ? 8  G B "O3'" 1 
ATOM 405  C "C2'" . G B 2 7  ? 6.807   6.886   -8.562  1.00 154.49 ? 8  G B "C2'" 1 
ATOM 406  O "O2'" . G B 2 7  ? 6.274   6.952   -9.870  1.00 148.76 ? 8  G B "O2'" 1 
ATOM 407  C "C1'" . G B 2 7  ? 7.917   5.834   -8.590  1.00 154.66 ? 8  G B "C1'" 1 
ATOM 408  N N9    . G B 2 7  ? 8.185   5.112   -7.349  1.00 151.61 ? 8  G B N9    1 
ATOM 409  C C8    . G B 2 7  ? 9.143   5.386   -6.403  1.00 150.64 ? 8  G B C8    1 
ATOM 410  N N7    . G B 2 7  ? 9.201   4.485   -5.456  1.00 150.08 ? 8  G B N7    1 
ATOM 411  C C5    . G B 2 7  ? 8.203   3.574   -5.785  1.00 149.26 ? 8  G B C5    1 
ATOM 412  C C6    . G B 2 7  ? 7.797   2.359   -5.146  1.00 147.53 ? 8  G B C6    1 
ATOM 413  O O6    . G B 2 7  ? 8.265   1.816   -4.141  1.00 146.99 ? 8  G B O6    1 
ATOM 414  N N1    . G B 2 7  ? 6.737   1.761   -5.818  1.00 148.34 ? 8  G B N1    1 
ATOM 415  C C2    . G B 2 7  ? 6.143   2.249   -6.966  1.00 148.28 ? 8  G B C2    1 
ATOM 416  N N2    . G B 2 7  ? 5.130   1.531   -7.479  1.00 147.06 ? 8  G B N2    1 
ATOM 417  N N3    . G B 2 7  ? 6.516   3.360   -7.570  1.00 149.43 ? 8  G B N3    1 
ATOM 418  C C4    . G B 2 7  ? 7.548   3.966   -6.935  1.00 150.69 ? 8  G B C4    1 
ATOM 419  P P     . A B 2 8  ? 5.561   9.762   -8.088  1.00 159.61 ? 9  A B P     1 
ATOM 420  O OP1   . A B 2 8  ? 5.365   11.240  -8.169  1.00 156.39 ? 9  A B OP1   1 
ATOM 421  O OP2   . A B 2 8  ? 5.582   9.088   -6.758  1.00 160.37 ? 9  A B OP2   1 
ATOM 422  O "O5'" . A B 2 8  ? 4.468   9.086   -9.026  1.00 155.21 ? 9  A B "O5'" 1 
ATOM 423  C "C5'" . A B 2 8  ? 4.160   9.640   -10.299 1.00 148.92 ? 9  A B "C5'" 1 
ATOM 424  C "C4'" . A B 2 8  ? 2.877   9.041   -10.834 1.00 145.07 ? 9  A B "C4'" 1 
ATOM 425  O "O4'" . A B 2 8  ? 3.028   7.615   -11.017 1.00 142.91 ? 9  A B "O4'" 1 
ATOM 426  C "C3'" . A B 2 8  ? 1.669   9.193   -9.938  1.00 142.72 ? 9  A B "C3'" 1 
ATOM 427  O "O3'" . A B 2 8  ? 1.033   10.396  -10.298 1.00 142.10 ? 9  A B "O3'" 1 
ATOM 428  C "C2'" . A B 2 8  ? 0.788   8.034   -10.355 1.00 141.33 ? 9  A B "C2'" 1 
ATOM 429  O "O2'" . A B 2 8  ? 0.070   8.389   -11.508 1.00 145.67 ? 9  A B "O2'" 1 
ATOM 430  C "C1'" . A B 2 8  ? 1.818   6.958   -10.708 1.00 142.35 ? 9  A B "C1'" 1 
ATOM 431  N N9    . A B 2 8  ? 2.094   6.050   -9.603  1.00 142.56 ? 9  A B N9    1 
ATOM 432  C C8    . A B 2 8  ? 3.316   5.745   -9.078  1.00 143.28 ? 9  A B C8    1 
ATOM 433  N N7    . A B 2 8  ? 3.261   4.950   -8.036  1.00 143.40 ? 9  A B N7    1 
ATOM 434  C C5    . A B 2 8  ? 1.909   4.709   -7.874  1.00 141.75 ? 9  A B C5    1 
ATOM 435  C C6    . A B 2 8  ? 1.192   3.948   -6.941  1.00 141.53 ? 9  A B C6    1 
ATOM 436  N N6    . A B 2 8  ? 1.753   3.283   -5.938  1.00 141.53 ? 9  A B N6    1 
ATOM 437  N N1    . A B 2 8  ? -0.141  3.893   -7.073  1.00 141.03 ? 9  A B N1    1 
ATOM 438  C C2    . A B 2 8  ? -0.707  4.566   -8.075  1.00 141.13 ? 9  A B C2    1 
ATOM 439  N N3    . A B 2 8  ? -0.149  5.330   -9.004  1.00 142.06 ? 9  A B N3    1 
ATOM 440  C C4    . A B 2 8  ? 1.179   5.359   -8.848  1.00 142.52 ? 9  A B C4    1 
ATOM 441  P P     . A B 2 9  ? 0.519   11.376  -9.159  1.00 145.91 ? 10 A B P     1 
ATOM 442  O OP1   . A B 2 9  ? 0.170   12.669  -9.798  1.00 149.68 ? 10 A B OP1   1 
ATOM 443  O OP2   . A B 2 9  ? 1.516   11.342  -8.061  1.00 147.59 ? 10 A B OP2   1 
ATOM 444  O "O5'" . A B 2 9  ? -0.820  10.685  -8.672  1.00 142.74 ? 10 A B "O5'" 1 
ATOM 445  C "C5'" . A B 2 9  ? -1.914  10.562  -9.553  1.00 137.67 ? 10 A B "C5'" 1 
ATOM 446  C "C4'" . A B 2 9  ? -2.863  9.537   -9.028  1.00 135.94 ? 10 A B "C4'" 1 
ATOM 447  O "O4'" . A B 2 9  ? -2.166  8.283   -8.941  1.00 137.30 ? 10 A B "O4'" 1 
ATOM 448  C "C3'" . A B 2 9  ? -3.317  9.780   -7.609  1.00 136.93 ? 10 A B "C3'" 1 
ATOM 449  O "O3'" . A B 2 9  ? -4.423  10.643  -7.601  1.00 139.33 ? 10 A B "O3'" 1 
ATOM 450  C "C2'" . A B 2 9  ? -3.723  8.395   -7.153  1.00 138.86 ? 10 A B "C2'" 1 
ATOM 451  O "O2'" . A B 2 9  ? -5.017  8.060   -7.600  1.00 139.33 ? 10 A B "O2'" 1 
ATOM 452  C "C1'" . A B 2 9  ? -2.669  7.539   -7.852  1.00 138.66 ? 10 A B "C1'" 1 
ATOM 453  N N9    . A B 2 9  ? -1.539  7.228   -6.994  1.00 141.07 ? 10 A B N9    1 
ATOM 454  C C8    . A B 2 9  ? -0.250  7.696   -7.091  1.00 142.01 ? 10 A B C8    1 
ATOM 455  N N7    . A B 2 9  ? 0.548   7.234   -6.159  1.00 141.87 ? 10 A B N7    1 
ATOM 456  C C5    . A B 2 9  ? -0.272  6.415   -5.403  1.00 142.58 ? 10 A B C5    1 
ATOM 457  C C6    . A B 2 9  ? -0.027  5.638   -4.287  1.00 143.65 ? 10 A B C6    1 
ATOM 458  N N6    . A B 2 9  ? 1.162   5.590   -3.685  1.00 144.65 ? 10 A B N6    1 
ATOM 459  N N1    . A B 2 9  ? -1.053  4.904   -3.788  1.00 142.70 ? 10 A B N1    1 
ATOM 460  C C2    . A B 2 9  ? -2.245  4.978   -4.390  1.00 140.99 ? 10 A B C2    1 
ATOM 461  N N3    . A B 2 9  ? -2.605  5.692   -5.447  1.00 140.45 ? 10 A B N3    1 
ATOM 462  C C4    . A B 2 9  ? -1.559  6.396   -5.909  1.00 141.69 ? 10 A B C4    1 
ATOM 463  P P     . G B 2 10 ? -4.468  11.814  -6.533  1.00 140.93 ? 11 G B P     1 
ATOM 464  O OP1   . G B 2 10 ? -5.575  12.724  -6.893  1.00 141.55 ? 11 G B OP1   1 
ATOM 465  O OP2   . G B 2 10 ? -3.075  12.332  -6.482  1.00 142.04 ? 11 G B OP2   1 
ATOM 466  O "O5'" . G B 2 10 ? -4.866  11.045  -5.198  1.00 134.14 ? 11 G B "O5'" 1 
ATOM 467  C "C5'" . G B 2 10 ? -6.105  10.365  -5.118  1.00 126.49 ? 11 G B "C5'" 1 
ATOM 468  C "C4'" . G B 2 10 ? -6.140  9.492   -3.897  1.00 121.31 ? 11 G B "C4'" 1 
ATOM 469  O "O4'" . G B 2 10 ? -5.164  8.429   -4.037  1.00 124.34 ? 11 G B "O4'" 1 
ATOM 470  C "C3'" . G B 2 10 ? -5.769  10.154  -2.594  1.00 119.54 ? 11 G B "C3'" 1 
ATOM 471  O "O3'" . G B 2 10 ? -6.885  10.834  -2.053  1.00 123.94 ? 11 G B "O3'" 1 
ATOM 472  C "C2'" . G B 2 10 ? -5.354  8.952   -1.759  1.00 122.43 ? 11 G B "C2'" 1 
ATOM 473  O "O2'" . G B 2 10 ? -6.456  8.164   -1.393  1.00 118.12 ? 11 G B "O2'" 1 
ATOM 474  C "C1'" . G B 2 10 ? -4.570  8.137   -2.780  1.00 124.98 ? 11 G B "C1'" 1 
ATOM 475  N N9    . G B 2 10 ? -3.168  8.513   -2.888  1.00 128.49 ? 11 G B N9    1 
ATOM 476  C C8    . G B 2 10 ? -2.715  9.580   -3.613  1.00 130.86 ? 11 G B C8    1 
ATOM 477  N N7    . G B 2 10 ? -1.416  9.680   -3.630  1.00 132.15 ? 11 G B N7    1 
ATOM 478  C C5    . G B 2 10 ? -0.982  8.622   -2.858  1.00 130.81 ? 11 G B C5    1 
ATOM 479  C C6    . G B 2 10 ? 0.312   8.230   -2.560  1.00 130.51 ? 11 G B C6    1 
ATOM 480  O O6    . G B 2 10 ? 1.360   8.733   -2.959  1.00 130.90 ? 11 G B O6    1 
ATOM 481  N N1    . G B 2 10 ? 0.334   7.113   -1.730  1.00 129.94 ? 11 G B N1    1 
ATOM 482  C C2    . G B 2 10 ? -0.773  6.443   -1.282  1.00 127.91 ? 11 G B C2    1 
ATOM 483  N N2    . G B 2 10 ? -0.535  5.355   -0.523  1.00 125.13 ? 11 G B N2    1 
ATOM 484  N N3    . G B 2 10 ? -2.017  6.806   -1.572  1.00 128.03 ? 11 G B N3    1 
ATOM 485  C C4    . G B 2 10 ? -2.046  7.899   -2.363  1.00 129.56 ? 11 G B C4    1 
ATOM 486  P P     . C B 2 11 ? -6.700  11.774  -0.753  1.00 133.13 ? 12 C B P     1 
ATOM 487  O OP1   . C B 2 11 ? -8.048  12.102  -0.234  1.00 132.56 ? 12 C B OP1   1 
ATOM 488  O OP2   . C B 2 11 ? -5.725  12.866  -1.026  1.00 128.40 ? 12 C B OP2   1 
ATOM 489  O "O5'" . C B 2 11 ? -6.137  10.797  0.358   1.00 125.80 ? 12 C B "O5'" 1 
ATOM 490  C "C5'" . C B 2 11 ? -7.037  10.038  1.125   1.00 126.38 ? 12 C B "C5'" 1 
ATOM 491  C "C4'" . C B 2 11 ? -6.285  9.243   2.146   1.00 134.28 ? 12 C B "C4'" 1 
ATOM 492  O "O4'" . C B 2 11 ? -5.269  8.462   1.465   1.00 138.86 ? 12 C B "O4'" 1 
ATOM 493  C "C3'" . C B 2 11 ? -5.488  10.029  3.167   1.00 134.44 ? 12 C B "C3'" 1 
ATOM 494  O "O3'" . C B 2 11 ? -6.355  10.521  4.185   1.00 137.84 ? 12 C B "O3'" 1 
ATOM 495  C "C2'" . C B 2 11 ? -4.512  8.956   3.633   1.00 133.45 ? 12 C B "C2'" 1 
ATOM 496  O "O2'" . C B 2 11 ? -5.143  7.957   4.408   1.00 127.58 ? 12 C B "O2'" 1 
ATOM 497  C "C1'" . C B 2 11 ? -4.131  8.329   2.294   1.00 136.18 ? 12 C B "C1'" 1 
ATOM 498  N N1    . C B 2 11 ? -3.002  8.981   1.607   1.00 139.57 ? 12 C B N1    1 
ATOM 499  C C2    . C B 2 11 ? -1.713  8.592   1.932   1.00 140.47 ? 12 C B C2    1 
ATOM 500  O O2    . C B 2 11 ? -1.567  7.717   2.789   1.00 144.17 ? 12 C B O2    1 
ATOM 501  N N3    . C B 2 11 ? -0.661  9.171   1.314   1.00 139.13 ? 12 C B N3    1 
ATOM 502  C C4    . C B 2 11 ? -0.869  10.112  0.408   1.00 139.11 ? 12 C B C4    1 
ATOM 503  N N4    . C B 2 11 ? 0.190   10.668  -0.160  1.00 139.71 ? 12 C B N4    1 
ATOM 504  C C5    . C B 2 11 ? -2.181  10.531  0.047   1.00 140.37 ? 12 C B C5    1 
ATOM 505  C C6    . C B 2 11 ? -3.210  9.945   0.667   1.00 139.54 ? 12 C B C6    1 
ATOM 506  P P     . G B 2 12 ? -5.990  11.875  4.974   1.00 141.65 ? 13 G B P     1 
ATOM 507  O OP1   . G B 2 12 ? -7.034  11.912  6.016   1.00 143.59 ? 13 G B OP1   1 
ATOM 508  O OP2   . G B 2 12 ? -5.839  13.048  4.073   1.00 138.73 ? 13 G B OP2   1 
ATOM 509  O "O5'" . G B 2 12 ? -4.595  11.488  5.651   1.00 142.64 ? 13 G B "O5'" 1 
ATOM 510  C "C5'" . G B 2 12 ? -4.544  10.322  6.485   1.00 146.96 ? 13 G B "C5'" 1 
ATOM 511  C "C4'" . G B 2 12 ? -3.158  10.059  7.072   1.00 148.62 ? 13 G B "C4'" 1 
ATOM 512  O "O4'" . G B 2 12 ? -2.278  9.423   6.100   1.00 146.32 ? 13 G B "O4'" 1 
ATOM 513  C "C3'" . G B 2 12 ? -2.323  11.182  7.668   1.00 150.78 ? 13 G B "C3'" 1 
ATOM 514  O "O3'" . G B 2 12 ? -2.727  11.593  8.975   1.00 151.92 ? 13 G B "O3'" 1 
ATOM 515  C "C2'" . G B 2 12 ? -0.977  10.483  7.719   1.00 150.99 ? 13 G B "C2'" 1 
ATOM 516  O "O2'" . G B 2 12 ? -0.955  9.489   8.724   1.00 153.90 ? 13 G B "O2'" 1 
ATOM 517  C "C1'" . G B 2 12 ? -0.948  9.839   6.335   1.00 146.90 ? 13 G B "C1'" 1 
ATOM 518  N N9    . G B 2 12 ? -0.623  10.834  5.319   1.00 146.64 ? 13 G B N9    1 
ATOM 519  C C8    . G B 2 12 ? -1.514  11.622  4.631   1.00 147.40 ? 13 G B C8    1 
ATOM 520  N N7    . G B 2 12 ? -0.938  12.414  3.771   1.00 149.11 ? 13 G B N7    1 
ATOM 521  C C5    . G B 2 12 ? 0.416   12.129  3.896   1.00 148.46 ? 13 G B C5    1 
ATOM 522  C C6    . G B 2 12 ? 1.536   12.669  3.218   1.00 146.64 ? 13 G B C6    1 
ATOM 523  O O6    . G B 2 12 ? 1.560   13.513  2.317   1.00 148.00 ? 13 G B O6    1 
ATOM 524  N N1    . G B 2 12 ? 2.719   12.125  3.680   1.00 145.25 ? 13 G B N1    1 
ATOM 525  C C2    . G B 2 12 ? 2.817   11.188  4.657   1.00 144.84 ? 13 G B C2    1 
ATOM 526  N N2    . G B 2 12 ? 4.036   10.816  4.975   1.00 145.78 ? 13 G B N2    1 
ATOM 527  N N3    . G B 2 12 ? 1.791   10.659  5.283   1.00 145.03 ? 13 G B N3    1 
ATOM 528  C C4    . G B 2 12 ? 0.626   11.173  4.858   1.00 146.61 ? 13 G B C4    1 
ATOM 529  P P     . A B 2 13 ? -2.943  13.162  9.300   1.00 156.19 ? 14 A B P     1 
ATOM 530  O OP1   . A B 2 13 ? -3.720  13.149  10.556  1.00 159.52 ? 14 A B OP1   1 
ATOM 531  O OP2   . A B 2 13 ? -3.403  13.983  8.139   1.00 152.17 ? 14 A B OP2   1 
ATOM 532  O "O5'" . A B 2 13 ? -1.509  13.712  9.665   1.00 164.24 ? 14 A B "O5'" 1 
ATOM 533  C "C5'" . A B 2 13 ? -0.724  13.060  10.634  1.00 180.60 ? 14 A B "C5'" 1 
ATOM 534  C "C4'" . A B 2 13 ? 0.397   12.345  9.945   1.00 192.04 ? 14 A B "C4'" 1 
ATOM 535  O "O4'" . A B 2 13 ? 1.166   13.316  9.197   1.00 200.62 ? 14 A B "O4'" 1 
ATOM 536  C "C3'" . A B 2 13 ? 1.423   11.650  10.819  1.00 196.73 ? 14 A B "C3'" 1 
ATOM 537  O "O3'" . A B 2 13 ? 0.908   10.409  11.329  1.00 197.81 ? 14 A B "O3'" 1 
ATOM 538  C "C2'" . A B 2 13 ? 2.620   11.559  9.877   1.00 201.20 ? 14 A B "C2'" 1 
ATOM 539  O "O2'" . A B 2 13 ? 2.556   10.480  8.965   1.00 199.86 ? 14 A B "O2'" 1 
ATOM 540  C "C1'" . A B 2 13 ? 2.519   12.902  9.142   1.00 207.37 ? 14 A B "C1'" 1 
ATOM 541  N N9    . A B 2 13 ? 3.323   13.927  9.795   1.00 215.52 ? 14 A B N9    1 
ATOM 542  C C8    . A B 2 13 ? 2.916   15.039  10.503  1.00 217.54 ? 14 A B C8    1 
ATOM 543  N N7    . A B 2 13 ? 3.909   15.735  11.012  1.00 220.17 ? 14 A B N7    1 
ATOM 544  C C5    . A B 2 13 ? 5.047   15.043  10.600  1.00 221.19 ? 14 A B C5    1 
ATOM 545  C C6    . A B 2 13 ? 6.436   15.255  10.819  1.00 222.17 ? 14 A B C6    1 
ATOM 546  N N6    . A B 2 13 ? 6.932   16.280  11.534  1.00 221.41 ? 14 A B N6    1 
ATOM 547  N N1    . A B 2 13 ? 7.301   14.364  10.269  1.00 223.94 ? 14 A B N1    1 
ATOM 548  C C2    . A B 2 13 ? 6.801   13.336  9.546   1.00 222.14 ? 14 A B C2    1 
ATOM 549  N N3    . A B 2 13 ? 5.528   13.035  9.271   1.00 221.21 ? 14 A B N3    1 
ATOM 550  C C4    . A B 2 13 ? 4.696   13.933  9.837   1.00 220.00 ? 14 A B C4    1 
ATOM 551  O "O5'" . G C 3 1  ? 5.287   11.185  15.828  1.00 154.93 ? 15 G C "O5'" 1 
ATOM 552  C "C5'" . G C 3 1  ? 6.478   11.906  15.494  1.00 152.85 ? 15 G C "C5'" 1 
ATOM 553  C "C4'" . G C 3 1  ? 7.767   11.292  16.007  1.00 147.14 ? 15 G C "C4'" 1 
ATOM 554  O "O4'" . G C 3 1  ? 7.899   11.586  17.419  1.00 145.64 ? 15 G C "O4'" 1 
ATOM 555  C "C3'" . G C 3 1  ? 7.900   9.776   15.908  1.00 143.66 ? 15 G C "C3'" 1 
ATOM 556  O "O3'" . G C 3 1  ? 8.421   9.365   14.651  1.00 139.44 ? 15 G C "O3'" 1 
ATOM 557  C "C2'" . G C 3 1  ? 8.935   9.495   16.973  1.00 142.76 ? 15 G C "C2'" 1 
ATOM 558  O "O2'" . G C 3 1  ? 10.209  9.773   16.455  1.00 141.67 ? 15 G C "O2'" 1 
ATOM 559  C "C1'" . G C 3 1  ? 8.544   10.507  18.056  1.00 144.70 ? 15 G C "C1'" 1 
ATOM 560  N N9    . G C 3 1  ? 7.631   9.956   19.055  1.00 144.09 ? 15 G C N9    1 
ATOM 561  C C8    . G C 3 1  ? 6.351   10.359  19.356  1.00 143.47 ? 15 G C C8    1 
ATOM 562  N N7    . G C 3 1  ? 5.794   9.636   20.289  1.00 142.75 ? 15 G C N7    1 
ATOM 563  C C5    . G C 3 1  ? 6.767   8.706   20.619  1.00 144.59 ? 15 G C C5    1 
ATOM 564  C C6    . G C 3 1  ? 6.741   7.646   21.543  1.00 144.92 ? 15 G C C6    1 
ATOM 565  O O6    . G C 3 1  ? 5.820   7.295   22.283  1.00 146.25 ? 15 G C O6    1 
ATOM 566  N N1    . G C 3 1  ? 7.945   6.948   21.549  1.00 144.88 ? 15 G C N1    1 
ATOM 567  C C2    . G C 3 1  ? 9.034   7.235   20.752  1.00 145.09 ? 15 G C C2    1 
ATOM 568  N N2    . G C 3 1  ? 10.105  6.435   20.869  1.00 146.42 ? 15 G C N2    1 
ATOM 569  N N3    . G C 3 1  ? 9.067   8.221   19.893  1.00 143.96 ? 15 G C N3    1 
ATOM 570  C C4    . G C 3 1  ? 7.909   8.906   19.873  1.00 143.85 ? 15 G C C4    1 
ATOM 571  P P     . G C 3 2  ? 7.946   7.975   14.003  1.00 135.32 ? 16 G C P     1 
ATOM 572  O OP1   . G C 3 2  ? 8.257   8.068   12.570  1.00 138.97 ? 16 G C OP1   1 
ATOM 573  O OP2   . G C 3 2  ? 6.558   7.671   14.441  1.00 134.29 ? 16 G C OP2   1 
ATOM 574  O "O5'" . G C 3 2  ? 8.981   6.916   14.554  1.00 136.16 ? 16 G C "O5'" 1 
ATOM 575  C "C5'" . G C 3 2  ? 10.328  6.965   14.107  1.00 137.47 ? 16 G C "C5'" 1 
ATOM 576  C "C4'" . G C 3 2  ? 11.163  5.979   14.871  1.00 140.68 ? 16 G C "C4'" 1 
ATOM 577  O "O4'" . G C 3 2  ? 11.236  6.391   16.261  1.00 140.39 ? 16 G C "O4'" 1 
ATOM 578  C "C3'" . G C 3 2  ? 10.579  4.580   14.911  1.00 141.56 ? 16 G C "C3'" 1 
ATOM 579  O "O3'" . G C 3 2  ? 10.969  3.817   13.786  1.00 141.57 ? 16 G C "O3'" 1 
ATOM 580  C "C2'" . G C 3 2  ? 11.173  4.035   16.194  1.00 142.60 ? 16 G C "C2'" 1 
ATOM 581  O "O2'" . G C 3 2  ? 12.525  3.669   16.044  1.00 142.05 ? 16 G C "O2'" 1 
ATOM 582  C "C1'" . G C 3 2  ? 11.067  5.262   17.096  1.00 142.79 ? 16 G C "C1'" 1 
ATOM 583  N N9    . G C 3 2  ? 9.744   5.350   17.696  1.00 142.80 ? 16 G C N9    1 
ATOM 584  C C8    . G C 3 2  ? 8.772   6.276   17.428  1.00 143.26 ? 16 G C C8    1 
ATOM 585  N N7    . G C 3 2  ? 7.686   6.093   18.125  1.00 143.91 ? 16 G C N7    1 
ATOM 586  C C5    . G C 3 2  ? 7.962   4.974   18.890  1.00 143.19 ? 16 G C C5    1 
ATOM 587  C C6    . G C 3 2  ? 7.177   4.313   19.834  1.00 142.93 ? 16 G C C6    1 
ATOM 588  O O6    . G C 3 2  ? 6.025   4.567   20.182  1.00 141.90 ? 16 G C O6    1 
ATOM 589  N N1    . G C 3 2  ? 7.862   3.248   20.402  1.00 144.04 ? 16 G C N1    1 
ATOM 590  C C2    . G C 3 2  ? 9.154   2.887   20.096  1.00 143.99 ? 16 G C C2    1 
ATOM 591  N N2    . G C 3 2  ? 9.684   1.876   20.791  1.00 144.67 ? 16 G C N2    1 
ATOM 592  N N3    . G C 3 2  ? 9.880   3.484   19.192  1.00 143.57 ? 16 G C N3    1 
ATOM 593  C C4    . G C 3 2  ? 9.233   4.515   18.638  1.00 143.21 ? 16 G C C4    1 
ATOM 594  P P     . C C 3 3  ? 9.980   2.694   13.227  1.00 142.82 ? 17 C C P     1 
ATOM 595  O OP1   . C C 3 3  ? 10.621  2.126   12.023  1.00 146.73 ? 17 C C OP1   1 
ATOM 596  O OP2   . C C 3 3  ? 8.618   3.275   13.140  1.00 142.34 ? 17 C C OP2   1 
ATOM 597  O "O5'" . C C 3 3  ? 9.954   1.597   14.374  1.00 142.81 ? 17 C C "O5'" 1 
ATOM 598  C "C5'" . C C 3 3  ? 11.111  0.829   14.686  1.00 147.39 ? 17 C C "C5'" 1 
ATOM 599  C "C4'" . C C 3 3  ? 10.791  -0.166  15.779  1.00 148.57 ? 17 C C "C4'" 1 
ATOM 600  O "O4'" . C C 3 3  ? 10.482  0.567   16.995  1.00 149.03 ? 17 C C "O4'" 1 
ATOM 601  C "C3'" . C C 3 3  ? 9.558   -1.020  15.536  1.00 149.38 ? 17 C C "C3'" 1 
ATOM 602  O "O3'" . C C 3 3  ? 9.853   -2.156  14.732  1.00 153.16 ? 17 C C "O3'" 1 
ATOM 603  C "C2'" . C C 3 3  ? 9.140   -1.373  16.955  1.00 149.50 ? 17 C C "C2'" 1 
ATOM 604  O "O2'" . C C 3 3  ? 9.969   -2.371  17.523  1.00 149.58 ? 17 C C "O2'" 1 
ATOM 605  C "C1'" . C C 3 3  ? 9.397   -0.044  17.667  1.00 149.53 ? 17 C C "C1'" 1 
ATOM 606  N N1    . C C 3 3  ? 8.257   0.889   17.630  1.00 149.16 ? 17 C C N1    1 
ATOM 607  C C2    . C C 3 3  ? 7.350   0.854   18.655  1.00 148.36 ? 17 C C C2    1 
ATOM 608  O O2    . C C 3 3  ? 7.525   0.051   19.552  1.00 150.25 ? 17 C C O2    1 
ATOM 609  N N3    . C C 3 3  ? 6.302   1.689   18.654  1.00 148.08 ? 17 C C N3    1 
ATOM 610  C C4    . C C 3 3  ? 6.139   2.539   17.652  1.00 149.30 ? 17 C C C4    1 
ATOM 611  N N4    . C C 3 3  ? 5.077   3.338   17.686  1.00 149.90 ? 17 C C N4    1 
ATOM 612  C C5    . C C 3 3  ? 7.055   2.608   16.575  1.00 150.22 ? 17 C C C5    1 
ATOM 613  C C6    . C C 3 3  ? 8.095   1.771   16.604  1.00 150.16 ? 17 C C C6    1 
ATOM 614  P P     . A C 3 4  ? 8.695   -2.814  13.823  1.00 157.35 ? 18 A C P     1 
ATOM 615  O OP1   . A C 3 4  ? 9.331   -3.841  12.957  1.00 158.11 ? 18 A C OP1   1 
ATOM 616  O OP2   . A C 3 4  ? 7.868   -1.757  13.200  1.00 156.91 ? 18 A C OP2   1 
ATOM 617  O "O5'" . A C 3 4  ? 7.772   -3.544  14.895  1.00 157.77 ? 18 A C "O5'" 1 
ATOM 618  C "C5'" . A C 3 4  ? 8.259   -4.669  15.623  1.00 158.77 ? 18 A C "C5'" 1 
ATOM 619  C "C4'" . A C 3 4  ? 7.279   -5.050  16.702  1.00 159.82 ? 18 A C "C4'" 1 
ATOM 620  O "O4'" . A C 3 4  ? 7.177   -3.951  17.633  1.00 156.70 ? 18 A C "O4'" 1 
ATOM 621  C "C3'" . A C 3 4  ? 5.847   -5.254  16.235  1.00 161.25 ? 18 A C "C3'" 1 
ATOM 622  O "O3'" . A C 3 4  ? 5.642   -6.584  15.785  1.00 165.83 ? 18 A C "O3'" 1 
ATOM 623  C "C2'" . A C 3 4  ? 5.035   -4.981  17.492  1.00 156.53 ? 18 A C "C2'" 1 
ATOM 624  O "O2'" . A C 3 4  ? 4.993   -6.092  18.350  1.00 160.16 ? 18 A C "O2'" 1 
ATOM 625  C "C1'" . A C 3 4  ? 5.870   -3.901  18.163  1.00 152.46 ? 18 A C "C1'" 1 
ATOM 626  N N9    . A C 3 4  ? 5.353   -2.575  17.935  1.00 148.15 ? 18 A C N9    1 
ATOM 627  C C8    . A C 3 4  ? 5.858   -1.593  17.133  1.00 147.84 ? 18 A C C8    1 
ATOM 628  N N7    . A C 3 4  ? 5.181   -0.474  17.187  1.00 147.91 ? 18 A C N7    1 
ATOM 629  C C5    . A C 3 4  ? 4.152   -0.756  18.073  1.00 146.82 ? 18 A C C5    1 
ATOM 630  C C6    . A C 3 4  ? 3.098   0.013   18.561  1.00 146.59 ? 18 A C C6    1 
ATOM 631  N N6    . A C 3 4  ? 2.889   1.279   18.206  1.00 145.96 ? 18 A C N6    1 
ATOM 632  N N1    . A C 3 4  ? 2.255   -0.566  19.440  1.00 146.73 ? 18 A C N1    1 
ATOM 633  C C2    . A C 3 4  ? 2.473   -1.838  19.790  1.00 146.37 ? 18 A C C2    1 
ATOM 634  N N3    . A C 3 4  ? 3.430   -2.664  19.396  1.00 145.24 ? 18 A C N3    1 
ATOM 635  C C4    . A C 3 4  ? 4.245   -2.050  18.530  1.00 146.54 ? 18 A C C4    1 
ATOM 636  P P     . G C 3 5  ? 4.303   -6.937  14.973  1.00 169.98 ? 19 G C P     1 
ATOM 637  O OP1   . G C 3 5  ? 4.295   -8.398  14.704  1.00 170.39 ? 19 G C OP1   1 
ATOM 638  O OP2   . G C 3 5  ? 4.144   -5.972  13.848  1.00 172.87 ? 19 G C OP2   1 
ATOM 639  O "O5'" . G C 3 5  ? 3.143   -6.625  16.008  1.00 167.59 ? 19 G C "O5'" 1 
ATOM 640  C "C5'" . G C 3 5  ? 2.858   -7.548  17.030  1.00 168.13 ? 19 G C "C5'" 1 
ATOM 641  C "C4'" . G C 3 5  ? 1.635   -7.117  17.755  1.00 167.90 ? 19 G C "C4'" 1 
ATOM 642  O "O4'" . G C 3 5  ? 1.893   -5.813  18.320  1.00 165.84 ? 19 G C "O4'" 1 
ATOM 643  C "C3'" . G C 3 5  ? 0.446   -6.855  16.853  1.00 169.98 ? 19 G C "C3'" 1 
ATOM 644  O "O3'" . G C 3 5  ? -0.204  -8.066  16.466  1.00 173.74 ? 19 G C "O3'" 1 
ATOM 645  C "C2'" . G C 3 5  ? -0.401  -5.958  17.742  1.00 168.75 ? 19 G C "C2'" 1 
ATOM 646  O "O2'" . G C 3 5  ? -1.117  -6.644  18.742  1.00 169.07 ? 19 G C "O2'" 1 
ATOM 647  C "C1'" . G C 3 5  ? 0.679   -5.116  18.412  1.00 166.35 ? 19 G C "C1'" 1 
ATOM 648  N N9    . G C 3 5  ? 0.816   -3.839  17.742  1.00 164.63 ? 19 G C N9    1 
ATOM 649  C C8    . G C 3 5  ? 1.865   -3.342  17.017  1.00 164.04 ? 19 G C C8    1 
ATOM 650  N N7    . G C 3 5  ? 1.650   -2.123  16.596  1.00 164.51 ? 19 G C N7    1 
ATOM 651  C C5    . G C 3 5  ? 0.377   -1.823  17.069  1.00 163.66 ? 19 G C C5    1 
ATOM 652  C C6    . G C 3 5  ? -0.415  -0.647  16.950  1.00 163.86 ? 19 G C C6    1 
ATOM 653  O O6    . G C 3 5  ? -0.137  0.418   16.403  1.00 164.17 ? 19 G C O6    1 
ATOM 654  N N1    . G C 3 5  ? -1.649  -0.800  17.564  1.00 163.34 ? 19 G C N1    1 
ATOM 655  C C2    . G C 3 5  ? -2.070  -1.924  18.214  1.00 163.30 ? 19 G C C2    1 
ATOM 656  N N2    . G C 3 5  ? -3.291  -1.890  18.729  1.00 163.99 ? 19 G C N2    1 
ATOM 657  N N3    . G C 3 5  ? -1.347  -3.006  18.349  1.00 163.31 ? 19 G C N3    1 
ATOM 658  C C4    . G C 3 5  ? -0.146  -2.885  17.758  1.00 163.64 ? 19 G C C4    1 
ATOM 659  P P     . A C 3 6  ? -0.652  -8.282  14.930  1.00 175.18 ? 20 A C P     1 
ATOM 660  O OP1   . A C 3 6  ? -0.844  -9.732  14.680  1.00 175.72 ? 20 A C OP1   1 
ATOM 661  O OP2   . A C 3 6  ? 0.319   -7.537  14.101  1.00 177.13 ? 20 A C OP2   1 
ATOM 662  O "O5'" . A C 3 6  ? -2.071  -7.544  14.846  1.00 171.84 ? 20 A C "O5'" 1 
ATOM 663  C "C5'" . A C 3 6  ? -3.133  -7.918  15.722  1.00 165.69 ? 20 A C "C5'" 1 
ATOM 664  C "C4'" . A C 3 6  ? -3.981  -6.722  16.084  1.00 163.07 ? 20 A C "C4'" 1 
ATOM 665  O "O4'" . A C 3 6  ? -3.112  -5.658  16.548  1.00 163.37 ? 20 A C "O4'" 1 
ATOM 666  C "C3'" . A C 3 6  ? -4.719  -6.039  14.949  1.00 162.23 ? 20 A C "C3'" 1 
ATOM 667  O "O3'" . A C 3 6  ? -5.901  -6.692  14.565  1.00 162.15 ? 20 A C "O3'" 1 
ATOM 668  C "C2'" . A C 3 6  ? -5.029  -4.681  15.541  1.00 162.22 ? 20 A C "C2'" 1 
ATOM 669  O "O2'" . A C 3 6  ? -6.143  -4.654  16.407  1.00 162.15 ? 20 A C "O2'" 1 
ATOM 670  C "C1'" . A C 3 6  ? -3.724  -4.401  16.277  1.00 163.59 ? 20 A C "C1'" 1 
ATOM 671  N N9    . A C 3 6  ? -2.847  -3.602  15.419  1.00 163.17 ? 20 A C N9    1 
ATOM 672  C C8    . A C 3 6  ? -1.631  -3.896  14.841  1.00 162.69 ? 20 A C C8    1 
ATOM 673  N N7    . A C 3 6  ? -1.143  -2.915  14.122  1.00 162.46 ? 20 A C N7    1 
ATOM 674  C C5    . A C 3 6  ? -2.100  -1.911  14.236  1.00 162.91 ? 20 A C C5    1 
ATOM 675  C C6    . A C 3 6  ? -2.181  -0.613  13.717  1.00 162.93 ? 20 A C C6    1 
ATOM 676  N N6    . A C 3 6  ? -1.243  -0.066  12.946  1.00 163.37 ? 20 A C N6    1 
ATOM 677  N N1    . A C 3 6  ? -3.278  0.122   14.026  1.00 163.29 ? 20 A C N1    1 
ATOM 678  C C2    . A C 3 6  ? -4.220  -0.417  14.800  1.00 162.24 ? 20 A C C2    1 
ATOM 679  N N3    . A C 3 6  ? -4.258  -1.617  15.349  1.00 162.40 ? 20 A C N3    1 
ATOM 680  C C4    . A C 3 6  ? -3.152  -2.322  15.028  1.00 163.10 ? 20 A C C4    1 
ATOM 681  P P     . G C 3 7  ? -6.184  -6.914  13.003  1.00 163.51 ? 21 G C P     1 
ATOM 682  O OP1   . G C 3 7  ? -7.294  -7.882  12.867  1.00 166.12 ? 21 G C OP1   1 
ATOM 683  O OP2   . G C 3 7  ? -4.868  -7.200  12.365  1.00 165.27 ? 21 G C OP2   1 
ATOM 684  O "O5'" . G C 3 7  ? -6.718  -5.506  12.491  1.00 160.41 ? 21 G C "O5'" 1 
ATOM 685  C "C5'" . G C 3 7  ? -7.926  -4.961  13.004  1.00 159.73 ? 21 G C "C5'" 1 
ATOM 686  C "C4'" . G C 3 7  ? -8.074  -3.536  12.546  1.00 157.97 ? 21 G C "C4'" 1 
ATOM 687  O "O4'" . G C 3 7  ? -6.911  -2.799  13.006  1.00 155.97 ? 21 G C "O4'" 1 
ATOM 688  C "C3'" . G C 3 7  ? -8.086  -3.344  11.036  1.00 159.04 ? 21 G C "C3'" 1 
ATOM 689  O "O3'" . G C 3 7  ? -9.416  -3.477  10.525  1.00 164.41 ? 21 G C "O3'" 1 
ATOM 690  C "C2'" . G C 3 7  ? -7.546  -1.923  10.907  1.00 156.56 ? 21 G C "C2'" 1 
ATOM 691  O "O2'" . G C 3 7  ? -8.498  -0.932  11.235  1.00 159.90 ? 21 G C "O2'" 1 
ATOM 692  C "C1'" . G C 3 7  ? -6.469  -1.922  11.989  1.00 151.62 ? 21 G C "C1'" 1 
ATOM 693  N N9    . G C 3 7  ? -5.173  -2.394  11.521  1.00 146.47 ? 21 G C N9    1 
ATOM 694  C C8    . G C 3 7  ? -4.698  -3.687  11.489  1.00 145.68 ? 21 G C C8    1 
ATOM 695  N N7    . G C 3 7  ? -3.474  -3.775  11.044  1.00 144.11 ? 21 G C N7    1 
ATOM 696  C C5    . G C 3 7  ? -3.130  -2.466  10.757  1.00 144.38 ? 21 G C C5    1 
ATOM 697  C C6    . G C 3 7  ? -1.926  -1.922  10.235  1.00 144.08 ? 21 G C C6    1 
ATOM 698  O O6    . G C 3 7  ? -0.872  -2.517  9.895   1.00 144.10 ? 21 G C O6    1 
ATOM 699  N N1    . G C 3 7  ? -2.025  -0.533  10.102  1.00 143.27 ? 21 G C N1    1 
ATOM 700  C C2    . G C 3 7  ? -3.147  0.227   10.414  1.00 142.13 ? 21 G C C2    1 
ATOM 701  N N2    . G C 3 7  ? -3.067  1.547   10.194  1.00 139.94 ? 21 G C N2    1 
ATOM 702  N N3    . G C 3 7  ? -4.262  -0.274  10.896  1.00 142.82 ? 21 G C N3    1 
ATOM 703  C C4    . G C 3 7  ? -4.184  -1.608  11.041  1.00 143.86 ? 21 G C C4    1 
ATOM 704  P P     . A C 3 8  ? -9.699  -4.385  9.220   1.00 167.81 ? 22 A C P     1 
ATOM 705  O OP1   . A C 3 8  ? -11.175 -4.428  9.105   1.00 169.88 ? 22 A C OP1   1 
ATOM 706  O OP2   . A C 3 8  ? -8.924  -5.663  9.304   1.00 165.32 ? 22 A C OP2   1 
ATOM 707  O "O5'" . A C 3 8  ? -9.169  -3.488  8.014   1.00 165.61 ? 22 A C "O5'" 1 
ATOM 708  C "C5'" . A C 3 8  ? -10.076 -2.872  7.090   1.00 161.37 ? 22 A C "C5'" 1 
ATOM 709  C "C4'" . A C 3 8  ? -10.769 -1.665  7.716   1.00 158.13 ? 22 A C "C4'" 1 
ATOM 710  O "O4'" . A C 3 8  ? -9.910  -1.019  8.695   1.00 154.88 ? 22 A C "O4'" 1 
ATOM 711  C "C3'" . A C 3 8  ? -11.107 -0.561  6.721   1.00 157.60 ? 22 A C "C3'" 1 
ATOM 712  O "O3'" . A C 3 8  ? -12.299 -0.810  5.989   1.00 157.39 ? 22 A C "O3'" 1 
ATOM 713  C "C2'" . A C 3 8  ? -11.135 0.695   7.589   1.00 156.14 ? 22 A C "C2'" 1 
ATOM 714  O "O2'" . A C 3 8  ? -12.342 0.949   8.280   1.00 156.95 ? 22 A C "O2'" 1 
ATOM 715  C "C1'" . A C 3 8  ? -9.989  0.397   8.556   1.00 154.76 ? 22 A C "C1'" 1 
ATOM 716  N N9    . A C 3 8  ? -8.708  0.877   8.028   1.00 152.90 ? 22 A C N9    1 
ATOM 717  C C8    . A C 3 8  ? -7.513  0.203   7.920   1.00 152.46 ? 22 A C C8    1 
ATOM 718  N N7    . A C 3 8  ? -6.555  0.910   7.375   1.00 151.87 ? 22 A C N7    1 
ATOM 719  C C5    . A C 3 8  ? -7.158  2.129   7.105   1.00 153.28 ? 22 A C C5    1 
ATOM 720  C C6    . A C 3 8  ? -6.681  3.305   6.514   1.00 154.75 ? 22 A C C6    1 
ATOM 721  N N6    . A C 3 8  ? -5.429  3.445   6.050   1.00 156.45 ? 22 A C N6    1 
ATOM 722  N N1    . A C 3 8  ? -7.543  4.347   6.403   1.00 155.21 ? 22 A C N1    1 
ATOM 723  C C2    . A C 3 8  ? -8.794  4.195   6.857   1.00 154.13 ? 22 A C C2    1 
ATOM 724  N N3    . A C 3 8  ? -9.360  3.136   7.418   1.00 152.50 ? 22 A C N3    1 
ATOM 725  C C4    . A C 3 8  ? -8.478  2.127   7.513   1.00 152.76 ? 22 A C C4    1 
ATOM 726  P P     . A C 3 9  ? -12.227 -0.969  4.389   1.00 156.87 ? 23 A C P     1 
ATOM 727  O OP1   . A C 3 9  ? -13.512 -1.613  3.997   1.00 160.19 ? 23 A C OP1   1 
ATOM 728  O OP2   . A C 3 9  ? -10.934 -1.625  4.028   1.00 157.83 ? 23 A C OP2   1 
ATOM 729  O "O5'" . A C 3 9  ? -12.222 0.534   3.849   1.00 149.79 ? 23 A C "O5'" 1 
ATOM 730  C "C5'" . A C 3 9  ? -13.276 1.430   4.188   1.00 141.45 ? 23 A C "C5'" 1 
ATOM 731  C "C4'" . A C 3 9  ? -12.800 2.860   4.116   1.00 136.43 ? 23 A C "C4'" 1 
ATOM 732  O "O4'" . A C 3 9  ? -11.627 2.995   4.951   1.00 135.98 ? 23 A C "O4'" 1 
ATOM 733  C "C3'" . A C 3 9  ? -12.323 3.364   2.765   1.00 137.16 ? 23 A C "C3'" 1 
ATOM 734  O "O3'" . A C 3 9  ? -13.394 3.816   1.953   1.00 141.41 ? 23 A C "O3'" 1 
ATOM 735  C "C2'" . A C 3 9  ? -11.421 4.527   3.159   1.00 136.53 ? 23 A C "C2'" 1 
ATOM 736  O "O2'" . A C 3 9  ? -12.106 5.701   3.544   1.00 139.62 ? 23 A C "O2'" 1 
ATOM 737  C "C1'" . A C 3 9  ? -10.729 3.939   4.378   1.00 135.93 ? 23 A C "C1'" 1 
ATOM 738  N N9    . A C 3 9  ? -9.533  3.225   3.959   1.00 135.70 ? 23 A C N9    1 
ATOM 739  C C8    . A C 3 9  ? -9.273  1.883   4.062   1.00 136.98 ? 23 A C C8    1 
ATOM 740  N N7    . A C 3 9  ? -8.108  1.532   3.577   1.00 136.62 ? 23 A C N7    1 
ATOM 741  C C5    . A C 3 9  ? -7.563  2.727   3.127   1.00 135.20 ? 23 A C C5    1 
ATOM 742  C C6    . A C 3 9  ? -6.336  3.033   2.505   1.00 134.42 ? 23 A C C6    1 
ATOM 743  N N6    . A C 3 9  ? -5.395  2.126   2.226   1.00 131.88 ? 23 A C N6    1 
ATOM 744  N N1    . A C 3 9  ? -6.110  4.321   2.178   1.00 134.74 ? 23 A C N1    1 
ATOM 745  C C2    . A C 3 9  ? -7.058  5.233   2.465   1.00 136.49 ? 23 A C C2    1 
ATOM 746  N N3    . A C 3 9  ? -8.247  5.067   3.048   1.00 134.91 ? 23 A C N3    1 
ATOM 747  C C4    . A C 3 9  ? -8.437  3.779   3.358   1.00 135.15 ? 23 A C C4    1 
ATOM 748  P P     . A C 3 10 ? -13.271 3.723   0.350   1.00 144.01 ? 24 A C P     1 
ATOM 749  O OP1   . A C 3 10 ? -14.468 4.356   -0.269  1.00 144.68 ? 24 A C OP1   1 
ATOM 750  O OP2   . A C 3 10 ? -12.913 2.299   0.028   1.00 141.81 ? 24 A C OP2   1 
ATOM 751  O "O5'" . A C 3 10 ? -12.083 4.711   -0.019  1.00 141.29 ? 24 A C "O5'" 1 
ATOM 752  C "C5'" . A C 3 10 ? -12.339 6.097   -0.180  1.00 138.22 ? 24 A C "C5'" 1 
ATOM 753  C "C4'" . A C 3 10 ? -11.079 6.794   -0.594  1.00 136.13 ? 24 A C "C4'" 1 
ATOM 754  O "O4'" . A C 3 10 ? -10.043 6.372   0.326   1.00 135.31 ? 24 A C "O4'" 1 
ATOM 755  C "C3'" . A C 3 10 ? -10.523 6.393   -1.954  1.00 136.24 ? 24 A C "C3'" 1 
ATOM 756  O "O3'" . A C 3 10 ? -11.081 7.161   -3.007  1.00 133.87 ? 24 A C "O3'" 1 
ATOM 757  C "C2'" . A C 3 10 ? -9.051  6.716   -1.795  1.00 136.82 ? 24 A C "C2'" 1 
ATOM 758  O "O2'" . A C 3 10 ? -8.764  8.102   -1.918  1.00 138.31 ? 24 A C "O2'" 1 
ATOM 759  C "C1'" . A C 3 10 ? -8.821  6.238   -0.369  1.00 134.45 ? 24 A C "C1'" 1 
ATOM 760  N N9    . A C 3 10 ? -8.464  4.833   -0.342  1.00 132.59 ? 24 A C N9    1 
ATOM 761  C C8    . A C 3 10 ? -9.180  3.798   0.160   1.00 131.32 ? 24 A C C8    1 
ATOM 762  N N7    . A C 3 10 ? -8.564  2.649   0.083   1.00 131.86 ? 24 A C N7    1 
ATOM 763  C C5    . A C 3 10 ? -7.361  2.957   -0.525  1.00 131.67 ? 24 A C C5    1 
ATOM 764  C C6    . A C 3 10 ? -6.250  2.180   -0.873  1.00 132.18 ? 24 A C C6    1 
ATOM 765  N N6    . A C 3 10 ? -6.147  0.878   -0.633  1.00 133.94 ? 24 A C N6    1 
ATOM 766  N N1    . A C 3 10 ? -5.223  2.794   -1.479  1.00 132.12 ? 24 A C N1    1 
ATOM 767  C C2    . A C 3 10 ? -5.307  4.105   -1.702  1.00 133.13 ? 24 A C C2    1 
ATOM 768  N N3    . A C 3 10 ? -6.288  4.947   -1.408  1.00 133.82 ? 24 A C N3    1 
ATOM 769  C C4    . A C 3 10 ? -7.296  4.298   -0.811  1.00 133.37 ? 24 A C C4    1 
ATOM 770  P P     . C C 3 11 ? -11.720 6.410   -4.262  1.00 129.61 ? 25 C C P     1 
ATOM 771  O OP1   . C C 3 11 ? -12.779 7.327   -4.793  1.00 121.61 ? 25 C C OP1   1 
ATOM 772  O OP2   . C C 3 11 ? -12.059 5.035   -3.790  1.00 125.40 ? 25 C C OP2   1 
ATOM 773  O "O5'" . C C 3 11 ? -10.526 6.257   -5.302  1.00 123.26 ? 25 C C "O5'" 1 
ATOM 774  C "C5'" . C C 3 11 ? -9.688  7.346   -5.614  1.00 115.32 ? 25 C C "C5'" 1 
ATOM 775  C "C4'" . C C 3 11 ? -8.259  6.881   -5.624  1.00 119.35 ? 25 C C "C4'" 1 
ATOM 776  O "O4'" . C C 3 11 ? -8.047  6.120   -4.416  1.00 121.37 ? 25 C C "O4'" 1 
ATOM 777  C "C3'" . C C 3 11 ? -7.885  5.817   -6.643  1.00 120.32 ? 25 C C "C3'" 1 
ATOM 778  O "O3'" . C C 3 11 ? -7.596  6.319   -7.916  1.00 122.83 ? 25 C C "O3'" 1 
ATOM 779  C "C2'" . C C 3 11 ? -6.593  5.286   -6.080  1.00 120.35 ? 25 C C "C2'" 1 
ATOM 780  O "O2'" . C C 3 11 ? -5.473  6.098   -6.376  1.00 121.58 ? 25 C C "O2'" 1 
ATOM 781  C "C1'" . C C 3 11 ? -6.931  5.271   -4.602  1.00 120.33 ? 25 C C "C1'" 1 
ATOM 782  N N1    . C C 3 11 ? -7.314  3.921   -4.281  1.00 120.65 ? 25 C C N1    1 
ATOM 783  C C2    . C C 3 11 ? -6.380  2.937   -4.514  1.00 122.12 ? 25 C C C2    1 
ATOM 784  O O2    . C C 3 11 ? -5.309  3.252   -5.044  1.00 124.65 ? 25 C C O2    1 
ATOM 785  N N3    . C C 3 11 ? -6.652  1.673   -4.194  1.00 123.81 ? 25 C C N3    1 
ATOM 786  C C4    . C C 3 11 ? -7.835  1.368   -3.698  1.00 124.81 ? 25 C C C4    1 
ATOM 787  N N4    . C C 3 11 ? -8.055  0.092   -3.421  1.00 127.80 ? 25 C C N4    1 
ATOM 788  C C5    . C C 3 11 ? -8.844  2.363   -3.472  1.00 124.97 ? 25 C C C5    1 
ATOM 789  C C6    . C C 3 11 ? -8.537  3.621   -3.772  1.00 122.10 ? 25 C C C6    1 
ATOM 790  P P     . A C 3 12 ? -8.112  5.521   -9.192  1.00 124.10 ? 26 A C P     1 
ATOM 791  O OP1   . A C 3 12 ? -8.085  6.565   -10.266 1.00 118.08 ? 26 A C OP1   1 
ATOM 792  O OP2   . A C 3 12 ? -9.389  4.839   -8.813  1.00 126.77 ? 26 A C OP2   1 
ATOM 793  O "O5'" . A C 3 12 ? -6.989  4.434   -9.476  1.00 122.44 ? 26 A C "O5'" 1 
ATOM 794  C "C5'" . A C 3 12 ? -5.813  4.822   -10.150 1.00 110.97 ? 26 A C "C5'" 1 
ATOM 795  C "C4'" . A C 3 12 ? -4.776  3.789   -9.937  1.00 110.67 ? 26 A C "C4'" 1 
ATOM 796  O "O4'" . A C 3 12 ? -4.981  3.347   -8.592  1.00 102.96 ? 26 A C "O4'" 1 
ATOM 797  C "C3'" . A C 3 12 ? -4.935  2.493   -10.710 1.00 119.53 ? 26 A C "C3'" 1 
ATOM 798  O "O3'" . A C 3 12 ? -4.482  2.595   -12.053 1.00 134.94 ? 26 A C "O3'" 1 
ATOM 799  C "C2'" . A C 3 12 ? -4.161  1.496   -9.844  1.00 120.18 ? 26 A C "C2'" 1 
ATOM 800  O "O2'" . A C 3 12 ? -2.743  1.290   -10.021 1.00 111.58 ? 26 A C "O2'" 1 
ATOM 801  C "C1'" . A C 3 12 ? -4.546  2.020   -8.467  1.00 113.64 ? 26 A C "C1'" 1 
ATOM 802  N N9    . A C 3 12 ? -5.667  1.302   -7.960  1.00 115.94 ? 26 A C N9    1 
ATOM 803  C C8    . A C 3 12 ? -6.890  1.785   -7.617  1.00 120.18 ? 26 A C C8    1 
ATOM 804  N N7    . A C 3 12 ? -7.675  0.883   -7.093  1.00 123.08 ? 26 A C N7    1 
ATOM 805  C C5    . A C 3 12 ? -6.908  -0.271  -7.120  1.00 121.86 ? 26 A C C5    1 
ATOM 806  C C6    . A C 3 12 ? -7.149  -1.567  -6.676  1.00 123.93 ? 26 A C C6    1 
ATOM 807  N N6    . A C 3 12 ? -8.257  -1.926  -6.033  1.00 122.56 ? 26 A C N6    1 
ATOM 808  N N1    . A C 3 12 ? -6.180  -2.492  -6.895  1.00 125.88 ? 26 A C N1    1 
ATOM 809  C C2    . A C 3 12 ? -5.032  -2.096  -7.492  1.00 123.99 ? 26 A C C2    1 
ATOM 810  N N3    . A C 3 12 ? -4.684  -0.889  -7.909  1.00 120.01 ? 26 A C N3    1 
ATOM 811  C C4    . A C 3 12 ? -5.682  -0.022  -7.690  1.00 118.47 ? 26 A C C4    1 
ATOM 812  P P     . C C 3 13 ? -5.436  2.099   -13.251 1.00 139.35 ? 27 C C P     1 
ATOM 813  O OP1   . C C 3 13 ? -4.763  2.625   -14.476 1.00 138.28 ? 27 C C OP1   1 
ATOM 814  O OP2   . C C 3 13 ? -6.865  2.477   -12.956 1.00 133.64 ? 27 C C OP2   1 
ATOM 815  O "O5'" . C C 3 13 ? -5.266  0.510   -13.186 1.00 138.95 ? 27 C C "O5'" 1 
ATOM 816  C "C5'" . C C 3 13 ? -3.967  -0.090  -13.195 1.00 137.83 ? 27 C C "C5'" 1 
ATOM 817  C "C4'" . C C 3 13 ? -4.055  -1.542  -12.754 1.00 139.09 ? 27 C C "C4'" 1 
ATOM 818  O "O4'" . C C 3 13 ? -4.317  -1.606  -11.326 1.00 141.04 ? 27 C C "O4'" 1 
ATOM 819  C "C3'" . C C 3 13 ? -5.189  -2.385  -13.330 1.00 138.77 ? 27 C C "C3'" 1 
ATOM 820  O "O3'" . C C 3 13 ? -4.977  -2.830  -14.660 1.00 141.39 ? 27 C C "O3'" 1 
ATOM 821  C "C2'" . C C 3 13 ? -5.269  -3.533  -12.329 1.00 139.04 ? 27 C C "C2'" 1 
ATOM 822  O "O2'" . C C 3 13 ? -4.279  -4.533  -12.394 1.00 141.06 ? 27 C C "O2'" 1 
ATOM 823  C "C1'" . C C 3 13 ? -5.075  -2.781  -11.027 1.00 138.49 ? 27 C C "C1'" 1 
ATOM 824  N N1    . C C 3 13 ? -6.392  -2.399  -10.530 1.00 135.49 ? 27 C C N1    1 
ATOM 825  C C2    . C C 3 13 ? -7.093  -3.317  -9.762  1.00 134.42 ? 27 C C C2    1 
ATOM 826  O O2    . C C 3 13 ? -6.595  -4.434  -9.573  1.00 133.89 ? 27 C C O2    1 
ATOM 827  N N3    . C C 3 13 ? -8.290  -2.977  -9.257  1.00 135.59 ? 27 C C N3    1 
ATOM 828  C C4    . C C 3 13 ? -8.797  -1.773  -9.520  1.00 136.19 ? 27 C C C4    1 
ATOM 829  N N4    . C C 3 13 ? -9.984  -1.459  -8.984  1.00 136.06 ? 27 C C N4    1 
ATOM 830  C C5    . C C 3 13 ? -8.109  -0.827  -10.341 1.00 136.17 ? 27 C C C5    1 
ATOM 831  C C6    . C C 3 13 ? -6.924  -1.178  -10.816 1.00 134.58 ? 27 C C C6    1 
ATOM 832  P P     . A C 3 14 ? -6.238  -3.104  -15.615 1.00 143.31 ? 28 A C P     1 
ATOM 833  O OP1   . A C 3 14 ? -5.668  -3.183  -16.974 1.00 148.86 ? 28 A C OP1   1 
ATOM 834  O OP2   . A C 3 14 ? -7.315  -2.120  -15.329 1.00 145.42 ? 28 A C OP2   1 
ATOM 835  O "O5'" . A C 3 14 ? -6.746  -4.545  -15.179 1.00 137.22 ? 28 A C "O5'" 1 
ATOM 836  C "C5'" . A C 3 14 ? -5.923  -5.689  -15.331 1.00 137.83 ? 28 A C "C5'" 1 
ATOM 837  C "C4'" . A C 3 14 ? -6.601  -6.903  -14.721 1.00 142.08 ? 28 A C "C4'" 1 
ATOM 838  O "O4'" . A C 3 14 ? -6.736  -6.733  -13.278 1.00 142.51 ? 28 A C "O4'" 1 
ATOM 839  C "C3'" . A C 3 14 ? -8.029  -7.152  -15.176 1.00 143.16 ? 28 A C "C3'" 1 
ATOM 840  O "O3'" . A C 3 14 ? -8.116  -7.796  -16.427 1.00 142.17 ? 28 A C "O3'" 1 
ATOM 841  C "C2'" . A C 3 14 ? -8.614  -7.963  -14.024 1.00 144.05 ? 28 A C "C2'" 1 
ATOM 842  O "O2'" . A C 3 14 ? -8.317  -9.342  -14.011 1.00 148.48 ? 28 A C "O2'" 1 
ATOM 843  C "C1'" . A C 3 14 ? -7.990  -7.240  -12.836 1.00 140.76 ? 28 A C "C1'" 1 
ATOM 844  N N9    . A C 3 14 ? -8.845  -6.101  -12.526 1.00 137.14 ? 28 A C N9    1 
ATOM 845  C C8    . A C 3 14 ? -8.778  -4.809  -13.011 1.00 135.54 ? 28 A C C8    1 
ATOM 846  N N7    . A C 3 14 ? -9.743  -4.039  -12.582 1.00 135.24 ? 28 A C N7    1 
ATOM 847  C C5    . A C 3 14 ? -10.484 -4.872  -11.747 1.00 134.26 ? 28 A C C5    1 
ATOM 848  C C6    . A C 3 14 ? -11.626 -4.656  -10.977 1.00 133.43 ? 28 A C C6    1 
ATOM 849  N N6    . A C 3 14 ? -12.268 -3.497  -10.929 1.00 133.82 ? 28 A C N6    1 
ATOM 850  N N1    . A C 3 14 ? -12.097 -5.686  -10.247 1.00 132.09 ? 28 A C N1    1 
ATOM 851  C C2    . A C 3 14 ? -11.462 -6.858  -10.307 1.00 132.79 ? 28 A C C2    1 
ATOM 852  N N3    . A C 3 14 ? -10.380 -7.192  -10.998 1.00 133.90 ? 28 A C N3    1 
ATOM 853  C C4    . A C 3 14 ? -9.933  -6.139  -11.701 1.00 135.35 ? 28 A C C4    1 
ATOM 854  P P     . C C 3 15 ? -9.438  -7.609  -17.306 1.00 143.14 ? 29 C C P     1 
ATOM 855  O OP1   . C C 3 15 ? -9.223  -8.562  -18.401 1.00 147.58 ? 29 C C OP1   1 
ATOM 856  O OP2   . C C 3 15 ? -9.653  -6.164  -17.626 1.00 138.61 ? 29 C C OP2   1 
ATOM 857  O "O5'" . C C 3 15 ? -10.608 -8.185  -16.377 1.00 142.60 ? 29 C C "O5'" 1 
ATOM 858  C "C5'" . C C 3 15 ? -10.725 -9.587  -16.153 1.00 144.46 ? 29 C C "C5'" 1 
ATOM 859  C "C4'" . C C 3 15 ? -11.986 -9.898  -15.394 1.00 147.96 ? 29 C C "C4'" 1 
ATOM 860  O "O4'" . C C 3 15 ? -11.912 -9.225  -14.110 1.00 152.21 ? 29 C C "O4'" 1 
ATOM 861  C "C3'" . C C 3 15 ? -13.309 -9.415  -15.981 1.00 148.88 ? 29 C C "C3'" 1 
ATOM 862  O "O3'" . C C 3 15 ? -13.850 -10.287 -16.981 1.00 146.25 ? 29 C C "O3'" 1 
ATOM 863  C "C2'" . C C 3 15 ? -14.187 -9.402  -14.736 1.00 152.76 ? 29 C C "C2'" 1 
ATOM 864  O "O2'" . C C 3 15 ? -14.629 -10.680 -14.328 1.00 153.76 ? 29 C C "O2'" 1 
ATOM 865  C "C1'" . C C 3 15 ? -13.218 -8.840  -13.696 1.00 155.54 ? 29 C C "C1'" 1 
ATOM 866  N N1    . C C 3 15 ? -13.294 -7.373  -13.694 1.00 157.32 ? 29 C C N1    1 
ATOM 867  C C2    . C C 3 15 ? -14.282 -6.739  -12.928 1.00 157.46 ? 29 C C C2    1 
ATOM 868  O O2    . C C 3 15 ? -15.018 -7.432  -12.214 1.00 157.01 ? 29 C C O2    1 
ATOM 869  N N3    . C C 3 15 ? -14.404 -5.391  -12.991 1.00 157.68 ? 29 C C N3    1 
ATOM 870  C C4    . C C 3 15 ? -13.575 -4.687  -13.768 1.00 158.96 ? 29 C C C4    1 
ATOM 871  N N4    . C C 3 15 ? -13.735 -3.365  -13.837 1.00 160.09 ? 29 C C N4    1 
ATOM 872  C C5    . C C 3 15 ? -12.544 -5.306  -14.520 1.00 159.36 ? 29 C C C5    1 
ATOM 873  C C6    . C C 3 15 ? -12.436 -6.635  -14.454 1.00 158.13 ? 29 C C C6    1 
ATOM 874  P P     . G C 3 16 ? -14.872 -9.715  -18.110 1.00 143.81 ? 30 G C P     1 
ATOM 875  O OP1   . G C 3 16 ? -15.198 -10.882 -18.934 1.00 146.93 ? 30 G C OP1   1 
ATOM 876  O OP2   . G C 3 16 ? -14.356 -8.479  -18.764 1.00 139.65 ? 30 G C OP2   1 
ATOM 877  O "O5'" . G C 3 16 ? -16.227 -9.390  -17.345 1.00 140.90 ? 30 G C "O5'" 1 
ATOM 878  C "C5'" . G C 3 16 ? -17.060 -10.455 -16.930 1.00 140.46 ? 30 G C "C5'" 1 
ATOM 879  C "C4'" . G C 3 16 ? -18.130 -9.953  -16.019 1.00 140.93 ? 30 G C "C4'" 1 
ATOM 880  O "O4'" . G C 3 16 ? -17.506 -9.234  -14.935 1.00 142.71 ? 30 G C "O4'" 1 
ATOM 881  C "C3'" . G C 3 16 ? -19.049 -8.917  -16.619 1.00 141.56 ? 30 G C "C3'" 1 
ATOM 882  O "O3'" . G C 3 16 ? -20.065 -9.529  -17.386 1.00 144.74 ? 30 G C "O3'" 1 
ATOM 883  C "C2'" . G C 3 16 ? -19.619 -8.276  -15.370 1.00 140.70 ? 30 G C "C2'" 1 
ATOM 884  O "O2'" . G C 3 16 ? -20.552 -9.113  -14.737 1.00 138.35 ? 30 G C "O2'" 1 
ATOM 885  C "C1'" . G C 3 16 ? -18.374 -8.203  -14.492 1.00 144.01 ? 30 G C "C1'" 1 
ATOM 886  N N9    . G C 3 16 ? -17.698 -6.909  -14.602 1.00 144.90 ? 30 G C N9    1 
ATOM 887  C C8    . G C 3 16 ? -16.438 -6.646  -15.077 1.00 144.88 ? 30 G C C8    1 
ATOM 888  N N7    . G C 3 16 ? -16.147 -5.373  -15.081 1.00 143.65 ? 30 G C N7    1 
ATOM 889  C C5    . G C 3 16 ? -17.282 -4.767  -14.576 1.00 144.68 ? 30 G C C5    1 
ATOM 890  C C6    . G C 3 16 ? -17.576 -3.411  -14.378 1.00 145.23 ? 30 G C C6    1 
ATOM 891  O O6    . G C 3 16 ? -16.891 -2.432  -14.643 1.00 147.66 ? 30 G C O6    1 
ATOM 892  N N1    . G C 3 16 ? -18.831 -3.237  -13.831 1.00 146.35 ? 30 G C N1    1 
ATOM 893  C C2    . G C 3 16 ? -19.698 -4.243  -13.528 1.00 146.66 ? 30 G C C2    1 
ATOM 894  N N2    . G C 3 16 ? -20.851 -3.874  -12.986 1.00 149.13 ? 30 G C N2    1 
ATOM 895  N N3    . G C 3 16 ? -19.455 -5.513  -13.735 1.00 145.16 ? 30 G C N3    1 
ATOM 896  C C4    . G C 3 16 ? -18.236 -5.703  -14.255 1.00 144.57 ? 30 G C C4    1 
ATOM 897  P P     . A C 3 17 ? -20.597 -8.801  -18.710 1.00 145.80 ? 31 A C P     1 
ATOM 898  O OP1   . A C 3 17 ? -21.501 -9.771  -19.352 1.00 147.92 ? 31 A C OP1   1 
ATOM 899  O OP2   . A C 3 17 ? -19.424 -8.279  -19.457 1.00 145.35 ? 31 A C OP2   1 
ATOM 900  O "O5'" . A C 3 17 ? -21.490 -7.588  -18.175 1.00 145.35 ? 31 A C "O5'" 1 
ATOM 901  C "C5'" . A C 3 17 ? -22.749 -7.846  -17.541 1.00 143.13 ? 31 A C "C5'" 1 
ATOM 902  C "C4'" . A C 3 17 ? -23.340 -6.581  -16.949 1.00 140.21 ? 31 A C "C4'" 1 
ATOM 903  O "O4'" . A C 3 17 ? -22.487 -6.077  -15.895 1.00 140.99 ? 31 A C "O4'" 1 
ATOM 904  C "C3'" . A C 3 17 ? -23.501 -5.401  -17.885 1.00 140.63 ? 31 A C "C3'" 1 
ATOM 905  O "O3'" . A C 3 17 ? -24.685 -5.489  -18.652 1.00 145.68 ? 31 A C "O3'" 1 
ATOM 906  C "C2'" . A C 3 17 ? -23.572 -4.243  -16.910 1.00 141.64 ? 31 A C "C2'" 1 
ATOM 907  O "O2'" . A C 3 17 ? -24.813 -4.195  -16.237 1.00 138.87 ? 31 A C "O2'" 1 
ATOM 908  C "C1'" . A C 3 17 ? -22.489 -4.653  -15.916 1.00 142.73 ? 31 A C "C1'" 1 
ATOM 909  N N9    . A C 3 17 ? -21.149 -4.205  -16.298 1.00 143.54 ? 31 A C N9    1 
ATOM 910  C C8    . A C 3 17 ? -20.102 -5.023  -16.595 1.00 144.92 ? 31 A C C8    1 
ATOM 911  N N7    . A C 3 17 ? -19.008 -4.387  -16.916 1.00 144.93 ? 31 A C N7    1 
ATOM 912  C C5    . A C 3 17 ? -19.362 -3.057  -16.839 1.00 143.72 ? 31 A C C5    1 
ATOM 913  C C6    . A C 3 17 ? -18.645 -1.892  -17.088 1.00 143.47 ? 31 A C C6    1 
ATOM 914  N N6    . A C 3 17 ? -17.383 -1.882  -17.530 1.00 144.25 ? 31 A C N6    1 
ATOM 915  N N1    . A C 3 17 ? -19.270 -0.726  -16.883 1.00 143.89 ? 31 A C N1    1 
ATOM 916  C C2    . A C 3 17 ? -20.536 -0.752  -16.476 1.00 144.00 ? 31 A C C2    1 
ATOM 917  N N3    . A C 3 17 ? -21.325 -1.785  -16.238 1.00 142.45 ? 31 A C N3    1 
ATOM 918  C C4    . A C 3 17 ? -20.670 -2.925  -16.439 1.00 143.18 ? 31 A C C4    1 
ATOM 919  O "O5'" . U D 4 1  ? -16.730 6.875   -13.409 1.00 143.45 ? 31 U D "O5'" 1 
ATOM 920  C "C5'" . U D 4 1  ? -17.678 7.940   -13.326 1.00 140.19 ? 31 U D "C5'" 1 
ATOM 921  C "C4'" . U D 4 1  ? -19.074 7.370   -13.334 1.00 138.08 ? 31 U D "C4'" 1 
ATOM 922  O "O4'" . U D 4 1  ? -19.443 7.001   -14.699 1.00 136.56 ? 31 U D "O4'" 1 
ATOM 923  C "C3'" . U D 4 1  ? -19.262 6.101   -12.520 1.00 132.20 ? 31 U D "C3'" 1 
ATOM 924  O "O3'" . U D 4 1  ? -19.438 6.394   -11.137 1.00 129.71 ? 31 U D "O3'" 1 
ATOM 925  C "C2'" . U D 4 1  ? -20.501 5.508   -13.181 1.00 133.84 ? 31 U D "C2'" 1 
ATOM 926  O "O2'" . U D 4 1  ? -21.714 6.079   -12.707 1.00 127.74 ? 31 U D "O2'" 1 
ATOM 927  C "C1'" . U D 4 1  ? -20.238 5.831   -14.669 1.00 134.65 ? 31 U D "C1'" 1 
ATOM 928  N N1    . U D 4 1  ? -19.492 4.795   -15.399 1.00 131.56 ? 31 U D N1    1 
ATOM 929  C C2    . U D 4 1  ? -20.115 3.607   -15.699 1.00 132.08 ? 31 U D C2    1 
ATOM 930  O O2    . U D 4 1  ? -21.292 3.407   -15.512 1.00 132.86 ? 31 U D O2    1 
ATOM 931  N N3    . U D 4 1  ? -19.309 2.663   -16.249 1.00 131.88 ? 31 U D N3    1 
ATOM 932  C C4    . U D 4 1  ? -17.999 2.795   -16.555 1.00 133.14 ? 31 U D C4    1 
ATOM 933  O O4    . U D 4 1  ? -17.377 1.820   -16.922 1.00 136.93 ? 31 U D O4    1 
ATOM 934  C C5    . U D 4 1  ? -17.453 4.067   -16.294 1.00 132.91 ? 31 U D C5    1 
ATOM 935  C C6    . U D 4 1  ? -18.203 5.001   -15.737 1.00 131.61 ? 31 U D C6    1 
ATOM 936  P P     . C D 4 2  ? -18.610 5.569   -10.027 1.00 132.32 ? 32 C D P     1 
ATOM 937  O OP1   . C D 4 2  ? -18.588 6.408   -8.807  1.00 132.97 ? 32 C D OP1   1 
ATOM 938  O OP2   . C D 4 2  ? -17.339 5.081   -10.608 1.00 133.87 ? 32 C D OP2   1 
ATOM 939  O "O5'" . C D 4 2  ? -19.532 4.311   -9.703  1.00 133.87 ? 32 C D "O5'" 1 
ATOM 940  C "C5'" . C D 4 2  ? -20.920 4.502   -9.402  1.00 133.53 ? 32 C D "C5'" 1 
ATOM 941  C "C4'" . C D 4 2  ? -21.718 3.271   -9.753  1.00 127.72 ? 32 C D "C4'" 1 
ATOM 942  O "O4'" . C D 4 2  ? -21.710 3.030   -11.186 1.00 129.72 ? 32 C D "O4'" 1 
ATOM 943  C "C3'" . C D 4 2  ? -21.127 2.027   -9.167  1.00 125.94 ? 32 C D "C3'" 1 
ATOM 944  O "O3'" . C D 4 2  ? -21.601 1.920   -7.859  1.00 123.84 ? 32 C D "O3'" 1 
ATOM 945  C "C2'" . C D 4 2  ? -21.660 0.949   -10.089 1.00 129.12 ? 32 C D "C2'" 1 
ATOM 946  O "O2'" . C D 4 2  ? -23.024 0.684   -9.858  1.00 136.22 ? 32 C D "O2'" 1 
ATOM 947  C "C1'" . C D 4 2  ? -21.550 1.645   -11.439 1.00 130.56 ? 32 C D "C1'" 1 
ATOM 948  N N1    . C D 4 2  ? -20.281 1.457   -12.172 1.00 132.49 ? 32 C D N1    1 
ATOM 949  C C2    . C D 4 2  ? -19.788 0.173   -12.408 1.00 132.65 ? 32 C D C2    1 
ATOM 950  O O2    . C D 4 2  ? -20.374 -0.801  -11.922 1.00 133.43 ? 32 C D O2    1 
ATOM 951  N N3    . C D 4 2  ? -18.676 0.028   -13.158 1.00 132.97 ? 32 C D N3    1 
ATOM 952  C C4    . C D 4 2  ? -18.060 1.105   -13.655 1.00 132.99 ? 32 C D C4    1 
ATOM 953  N N4    . C D 4 2  ? -16.991 0.926   -14.423 1.00 133.91 ? 32 C D N4    1 
ATOM 954  C C5    . C D 4 2  ? -18.514 2.411   -13.396 1.00 132.02 ? 32 C D C5    1 
ATOM 955  C C6    . C D 4 2  ? -19.610 2.543   -12.654 1.00 132.68 ? 32 C D C6    1 
ATOM 956  P P     . G D 4 3  ? -20.697 1.187   -6.768  1.00 126.08 ? 33 G D P     1 
ATOM 957  O OP1   . G D 4 3  ? -21.343 1.452   -5.456  1.00 131.12 ? 33 G D OP1   1 
ATOM 958  O OP2   . G D 4 3  ? -19.267 1.540   -6.994  1.00 130.32 ? 33 G D OP2   1 
ATOM 959  O "O5'" . G D 4 3  ? -20.848 -0.362  -7.095  1.00 124.78 ? 33 G D "O5'" 1 
ATOM 960  C "C5'" . G D 4 3  ? -22.084 -1.028  -6.855  1.00 127.67 ? 33 G D "C5'" 1 
ATOM 961  C "C4'" . G D 4 3  ? -21.982 -2.473  -7.245  1.00 126.50 ? 33 G D "C4'" 1 
ATOM 962  O "O4'" . G D 4 3  ? -21.767 -2.543  -8.664  1.00 127.08 ? 33 G D "O4'" 1 
ATOM 963  C "C3'" . G D 4 3  ? -20.814 -3.199  -6.597  1.00 126.81 ? 33 G D "C3'" 1 
ATOM 964  O "O3'" . G D 4 3  ? -21.305 -3.825  -5.418  1.00 126.08 ? 33 G D "O3'" 1 
ATOM 965  C "C2'" . G D 4 3  ? -20.455 -4.242  -7.638  1.00 131.18 ? 33 G D "C2'" 1 
ATOM 966  O "O2'" . G D 4 3  ? -21.304 -5.366  -7.560  1.00 133.56 ? 33 G D "O2'" 1 
ATOM 967  C "C1'" . G D 4 3  ? -20.774 -3.500  -8.933  1.00 132.89 ? 33 G D "C1'" 1 
ATOM 968  N N9    . G D 4 3  ? -19.645 -2.804  -9.511  1.00 135.27 ? 33 G D N9    1 
ATOM 969  C C8    . G D 4 3  ? -19.460 -1.452  -9.561  1.00 136.32 ? 33 G D C8    1 
ATOM 970  N N7    . G D 4 3  ? -18.379 -1.109  -10.197 1.00 136.72 ? 33 G D N7    1 
ATOM 971  C C5    . G D 4 3  ? -17.808 -2.315  -10.561 1.00 139.06 ? 33 G D C5    1 
ATOM 972  C C6    . G D 4 3  ? -16.609 -2.577  -11.251 1.00 138.27 ? 33 G D C6    1 
ATOM 973  O O6    . G D 4 3  ? -15.781 -1.768  -11.660 1.00 139.03 ? 33 G D O6    1 
ATOM 974  N N1    . G D 4 3  ? -16.407 -3.942  -11.435 1.00 138.15 ? 33 G D N1    1 
ATOM 975  C C2    . G D 4 3  ? -17.250 -4.925  -10.980 1.00 139.90 ? 33 G D C2    1 
ATOM 976  N N2    . G D 4 3  ? -16.893 -6.176  -11.264 1.00 140.32 ? 33 G D N2    1 
ATOM 977  N N3    . G D 4 3  ? -18.364 -4.691  -10.300 1.00 138.20 ? 33 G D N3    1 
ATOM 978  C C4    . G D 4 3  ? -18.580 -3.369  -10.139 1.00 136.33 ? 33 G D C4    1 
ATOM 979  P P     . U D 4 4  ? -20.306 -4.185  -4.214  1.00 127.22 ? 34 U D P     1 
ATOM 980  O OP1   . U D 4 4  ? -21.098 -4.800  -3.109  1.00 130.56 ? 34 U D OP1   1 
ATOM 981  O OP2   . U D 4 4  ? -19.494 -2.961  -3.967  1.00 128.57 ? 34 U D OP2   1 
ATOM 982  O "O5'" . U D 4 4  ? -19.403 -5.351  -4.796  1.00 126.56 ? 34 U D "O5'" 1 
ATOM 983  C "C5'" . U D 4 4  ? -19.942 -6.648  -4.951  1.00 128.77 ? 34 U D "C5'" 1 
ATOM 984  C "C4'" . U D 4 4  ? -18.971 -7.509  -5.685  1.00 130.89 ? 34 U D "C4'" 1 
ATOM 985  O "O4'" . U D 4 4  ? -18.686 -6.916  -6.972  1.00 129.54 ? 34 U D "O4'" 1 
ATOM 986  C "C3'" . U D 4 4  ? -17.619 -7.559  -5.019  1.00 133.66 ? 34 U D "C3'" 1 
ATOM 987  O "O3'" . U D 4 4  ? -17.643 -8.551  -4.002  1.00 139.53 ? 34 U D "O3'" 1 
ATOM 988  C "C2'" . U D 4 4  ? -16.711 -7.954  -6.167  1.00 132.84 ? 34 U D "C2'" 1 
ATOM 989  O "O2'" . U D 4 4  ? -16.682 -9.343  -6.362  1.00 138.21 ? 34 U D "O2'" 1 
ATOM 990  C "C1'" . U D 4 4  ? -17.396 -7.286  -7.358  1.00 130.37 ? 34 U D "C1'" 1 
ATOM 991  N N1    . U D 4 4  ? -16.682 -6.096  -7.786  1.00 130.95 ? 34 U D N1    1 
ATOM 992  C C2    . U D 4 4  ? -15.454 -6.303  -8.363  1.00 132.15 ? 34 U D C2    1 
ATOM 993  O O2    . U D 4 4  ? -15.006 -7.420  -8.543  1.00 133.61 ? 34 U D O2    1 
ATOM 994  N N3    . U D 4 4  ? -14.774 -5.174  -8.735  1.00 131.41 ? 34 U D N3    1 
ATOM 995  C C4    . U D 4 4  ? -15.211 -3.885  -8.605  1.00 132.32 ? 34 U D C4    1 
ATOM 996  O O4    . U D 4 4  ? -14.517 -2.958  -9.049  1.00 131.05 ? 34 U D O4    1 
ATOM 997  C C5    . U D 4 4  ? -16.525 -3.761  -7.995  1.00 133.71 ? 34 U D C5    1 
ATOM 998  C C6    . U D 4 4  ? -17.192 -4.857  -7.618  1.00 131.31 ? 34 U D C6    1 
ATOM 999  P P     . G D 4 5  ? -16.681 -8.410  -2.721  1.00 143.40 ? 35 G D P     1 
ATOM 1000 O OP1   . G D 4 5  ? -17.127 -9.408  -1.716  1.00 144.77 ? 35 G D OP1   1 
ATOM 1001 O OP2   . G D 4 5  ? -16.621 -6.968  -2.355  1.00 144.53 ? 35 G D OP2   1 
ATOM 1002 O "O5'" . G D 4 5  ? -15.260 -8.901  -3.234  1.00 142.71 ? 35 G D "O5'" 1 
ATOM 1003 C "C5'" . G D 4 5  ? -15.047 -10.274 -3.492  1.00 147.57 ? 35 G D "C5'" 1 
ATOM 1004 C "C4'" . G D 4 5  ? -13.910 -10.438 -4.448  1.00 152.24 ? 35 G D "C4'" 1 
ATOM 1005 O "O4'" . G D 4 5  ? -13.991 -9.402  -5.450  1.00 152.31 ? 35 G D "O4'" 1 
ATOM 1006 C "C3'" . G D 4 5  ? -12.541 -10.224 -3.849  1.00 155.09 ? 35 G D "C3'" 1 
ATOM 1007 O "O3'" . G D 4 5  ? -12.138 -11.444 -3.232  1.00 162.80 ? 35 G D "O3'" 1 
ATOM 1008 C "C2'" . G D 4 5  ? -11.697 -9.885  -5.075  1.00 153.79 ? 35 G D "C2'" 1 
ATOM 1009 O "O2'" . G D 4 5  ? -11.232 -11.019 -5.761  1.00 153.95 ? 35 G D "O2'" 1 
ATOM 1010 C "C1'" . G D 4 5  ? -12.701 -9.161  -5.967  1.00 154.19 ? 35 G D "C1'" 1 
ATOM 1011 N N9    . G D 4 5  ? -12.514 -7.721  -6.114  1.00 157.09 ? 35 G D N9    1 
ATOM 1012 C C8    . G D 4 5  ? -13.384 -6.740  -5.714  1.00 158.08 ? 35 G D C8    1 
ATOM 1013 N N7    . G D 4 5  ? -12.997 -5.542  -6.059  1.00 158.31 ? 35 G D N7    1 
ATOM 1014 C C5    . G D 4 5  ? -11.788 -5.740  -6.707  1.00 158.27 ? 35 G D C5    1 
ATOM 1015 C C6    . G D 4 5  ? -10.916 -4.813  -7.303  1.00 158.26 ? 35 G D C6    1 
ATOM 1016 O O6    . G D 4 5  ? -11.045 -3.602  -7.393  1.00 160.79 ? 35 G D O6    1 
ATOM 1017 N N1    . G D 4 5  ? -9.797  -5.424  -7.842  1.00 157.98 ? 35 G D N1    1 
ATOM 1018 C C2    . G D 4 5  ? -9.552  -6.760  -7.812  1.00 158.48 ? 35 G D C2    1 
ATOM 1019 N N2    . G D 4 5  ? -8.418  -7.145  -8.388  1.00 159.09 ? 35 G D N2    1 
ATOM 1020 N N3    . G D 4 5  ? -10.361 -7.653  -7.260  1.00 158.38 ? 35 G D N3    1 
ATOM 1021 C C4    . G D 4 5  ? -11.458 -7.074  -6.731  1.00 158.22 ? 35 G D C4    1 
ATOM 1022 P P     . G D 4 6  ? -11.147 -11.426 -1.959  1.00 169.00 ? 36 G D P     1 
ATOM 1023 O OP1   . G D 4 6  ? -11.228 -12.767 -1.333  1.00 169.62 ? 36 G D OP1   1 
ATOM 1024 O OP2   . G D 4 6  ? -11.429 -10.223 -1.133  1.00 171.09 ? 36 G D OP2   1 
ATOM 1025 O "O5'" . G D 4 6  ? -9.691  -11.254 -2.587  1.00 165.50 ? 36 G D "O5'" 1 
ATOM 1026 C "C5'" . G D 4 6  ? -9.212  -12.113 -3.631  1.00 162.76 ? 36 G D "C5'" 1 
ATOM 1027 C "C4'" . G D 4 6  ? -7.900  -11.576 -4.124  1.00 159.93 ? 36 G D "C4'" 1 
ATOM 1028 O "O4'" . G D 4 6  ? -8.127  -10.218 -4.511  1.00 156.39 ? 36 G D "O4'" 1 
ATOM 1029 C "C3'" . G D 4 6  ? -6.814  -11.612 -3.052  1.00 159.75 ? 36 G D "C3'" 1 
ATOM 1030 O "O3'" . G D 4 6  ? -5.739  -12.362 -3.655  1.00 160.39 ? 36 G D "O3'" 1 
ATOM 1031 C "C2'" . G D 4 6  ? -6.400  -10.153 -2.828  1.00 157.85 ? 36 G D "C2'" 1 
ATOM 1032 O "O2'" . G D 4 6  ? -5.012  -9.932  -2.875  1.00 157.32 ? 36 G D "O2'" 1 
ATOM 1033 C "C1'" . G D 4 6  ? -7.180  -9.389  -3.909  1.00 154.92 ? 36 G D "C1'" 1 
ATOM 1034 N N9    . G D 4 6  ? -7.844  -8.126  -3.628  1.00 153.96 ? 36 G D N9    1 
ATOM 1035 C C8    . G D 4 6  ? -8.711  -7.806  -2.608  1.00 154.02 ? 36 G D C8    1 
ATOM 1036 N N7    . G D 4 6  ? -9.186  -6.592  -2.705  1.00 153.51 ? 36 G D N7    1 
ATOM 1037 C C5    . G D 4 6  ? -8.586  -6.087  -3.854  1.00 154.01 ? 36 G D C5    1 
ATOM 1038 C C6    . G D 4 6  ? -8.719  -4.830  -4.487  1.00 154.78 ? 36 G D C6    1 
ATOM 1039 O O6    . G D 4 6  ? -9.401  -3.858  -4.139  1.00 156.73 ? 36 G D O6    1 
ATOM 1040 N N1    . G D 4 6  ? -7.942  -4.755  -5.639  1.00 154.74 ? 36 G D N1    1 
ATOM 1041 C C2    . G D 4 6  ? -7.129  -5.749  -6.109  1.00 153.93 ? 36 G D C2    1 
ATOM 1042 N N2    . G D 4 6  ? -6.465  -5.485  -7.238  1.00 154.71 ? 36 G D N2    1 
ATOM 1043 N N3    . G D 4 6  ? -6.982  -6.914  -5.520  1.00 153.38 ? 36 G D N3    1 
ATOM 1044 C C4    . G D 4 6  ? -7.742  -7.017  -4.414  1.00 154.10 ? 36 G D C4    1 
ATOM 1045 P P     . U D 4 7  ? -4.782  -13.316 -2.792  1.00 160.25 ? 37 U D P     1 
ATOM 1046 O OP1   . U D 4 7  ? -4.026  -14.136 -3.770  1.00 157.66 ? 37 U D OP1   1 
ATOM 1047 O OP2   . U D 4 7  ? -5.643  -13.970 -1.782  1.00 162.23 ? 37 U D OP2   1 
ATOM 1048 O "O5'" . U D 4 7  ? -3.752  -12.338 -2.072  1.00 161.77 ? 37 U D "O5'" 1 
ATOM 1049 C "C5'" . U D 4 7  ? -2.348  -12.603 -2.089  1.00 165.64 ? 37 U D "C5'" 1 
ATOM 1050 C "C4'" . U D 4 7  ? -1.622  -11.402 -2.632  1.00 168.13 ? 37 U D "C4'" 1 
ATOM 1051 O "O4'" . U D 4 7  ? -2.031  -11.211 -3.994  1.00 171.16 ? 37 U D "O4'" 1 
ATOM 1052 C "C3'" . U D 4 7  ? -1.884  -10.088 -1.881  1.00 167.55 ? 37 U D "C3'" 1 
ATOM 1053 O "O3'" . U D 4 7  ? -0.657  -9.767  -1.191  1.00 159.46 ? 37 U D "O3'" 1 
ATOM 1054 C "C2'" . U D 4 7  ? -2.169  -9.041  -2.979  1.00 172.56 ? 37 U D "C2'" 1 
ATOM 1055 O "O2'" . U D 4 7  ? -1.390  -7.861  -2.956  1.00 174.26 ? 37 U D "O2'" 1 
ATOM 1056 C "C1'" . U D 4 7  ? -1.992  -9.837  -4.284  1.00 176.07 ? 37 U D "C1'" 1 
ATOM 1057 N N1    . U D 4 7  ? -2.893  -9.577  -5.409  1.00 181.36 ? 37 U D N1    1 
ATOM 1058 C C2    . U D 4 7  ? -2.423  -8.777  -6.431  1.00 183.51 ? 37 U D C2    1 
ATOM 1059 O O2    . U D 4 7  ? -1.341  -8.209  -6.386  1.00 185.14 ? 37 U D O2    1 
ATOM 1060 N N3    . U D 4 7  ? -3.265  -8.661  -7.506  1.00 184.90 ? 37 U D N3    1 
ATOM 1061 C C4    . U D 4 7  ? -4.516  -9.237  -7.649  1.00 185.86 ? 37 U D C4    1 
ATOM 1062 O O4    . U D 4 7  ? -5.100  -9.160  -8.738  1.00 187.53 ? 37 U D O4    1 
ATOM 1063 C C5    . U D 4 7  ? -4.949  -10.001 -6.516  1.00 185.37 ? 37 U D C5    1 
ATOM 1064 C C6    . U D 4 7  ? -4.140  -10.140 -5.464  1.00 183.04 ? 37 U D C6    1 
ATOM 1065 P P     . A D 4 8  ? -0.656  -9.117  0.276   1.00 150.11 ? 38 A D P     1 
ATOM 1066 O OP1   . A D 4 8  ? 0.649   -8.423  0.439   1.00 147.51 ? 38 A D OP1   1 
ATOM 1067 O OP2   . A D 4 8  ? -1.050  -10.184 1.223   1.00 147.88 ? 38 A D OP2   1 
ATOM 1068 O "O5'" . A D 4 8  ? -1.788  -8.009  0.257   1.00 145.16 ? 38 A D "O5'" 1 
ATOM 1069 C "C5'" . A D 4 8  ? -2.149  -7.394  1.471   1.00 145.03 ? 38 A D "C5'" 1 
ATOM 1070 C "C4'" . A D 4 8  ? -3.257  -6.410  1.261   1.00 143.50 ? 38 A D "C4'" 1 
ATOM 1071 O "O4'" . A D 4 8  ? -2.824  -5.199  0.645   1.00 142.16 ? 38 A D "O4'" 1 
ATOM 1072 C "C3'" . A D 4 8  ? -4.467  -6.880  0.474   1.00 143.18 ? 38 A D "C3'" 1 
ATOM 1073 O "O3'" . A D 4 8  ? -5.483  -7.023  1.447   1.00 144.57 ? 38 A D "O3'" 1 
ATOM 1074 C "C2'" . A D 4 8  ? -4.956  -5.640  -0.268  1.00 143.65 ? 38 A D "C2'" 1 
ATOM 1075 O "O2'" . A D 4 8  ? -6.239  -5.334  0.198   1.00 146.03 ? 38 A D "O2'" 1 
ATOM 1076 C "C1'" . A D 4 8  ? -3.983  -4.574  0.221   1.00 144.15 ? 38 A D "C1'" 1 
ATOM 1077 N N9    . A D 4 8  ? -3.700  -3.338  -0.480  1.00 145.29 ? 38 A D N9    1 
ATOM 1078 C C8    . A D 4 8  ? -4.509  -2.243  -0.479  1.00 146.89 ? 38 A D C8    1 
ATOM 1079 N N7    . A D 4 8  ? -3.999  -1.211  -1.085  1.00 147.12 ? 38 A D N7    1 
ATOM 1080 C C5    . A D 4 8  ? -2.777  -1.670  -1.530  1.00 147.76 ? 38 A D C5    1 
ATOM 1081 C C6    . A D 4 8  ? -1.750  -1.044  -2.207  1.00 149.45 ? 38 A D C6    1 
ATOM 1082 N N6    . A D 4 8  ? -1.795  0.242   -2.550  1.00 152.17 ? 38 A D N6    1 
ATOM 1083 N N1    . A D 4 8  ? -0.655  -1.778  -2.517  1.00 150.02 ? 38 A D N1    1 
ATOM 1084 C C2    . A D 4 8  ? -0.624  -3.058  -2.134  1.00 148.40 ? 38 A D C2    1 
ATOM 1085 N N3    . A D 4 8  ? -1.535  -3.754  -1.467  1.00 147.53 ? 38 A D N3    1 
ATOM 1086 C C4    . A D 4 8  ? -2.597  -2.990  -1.193  1.00 146.28 ? 38 A D C4    1 
ATOM 1087 P P     . C D 4 9  ? -6.118  -8.434  1.749   1.00 151.62 ? 39 C D P     1 
ATOM 1088 O OP1   . C D 4 9  ? -6.085  -9.150  0.461   1.00 151.73 ? 39 C D OP1   1 
ATOM 1089 O OP2   . C D 4 9  ? -7.416  -8.143  2.414   1.00 150.24 ? 39 C D OP2   1 
ATOM 1090 O "O5'" . C D 4 9  ? -5.068  -9.151  2.724   1.00 158.19 ? 39 C D "O5'" 1 
ATOM 1091 C "C5'" . C D 4 9  ? -5.127  -9.079  4.171   1.00 167.11 ? 39 C D "C5'" 1 
ATOM 1092 C "C4'" . C D 4 9  ? -3.976  -9.893  4.741   1.00 171.76 ? 39 C D "C4'" 1 
ATOM 1093 O "O4'" . C D 4 9  ? -4.109  -11.216 4.180   1.00 177.41 ? 39 C D "O4'" 1 
ATOM 1094 C "C3'" . C D 4 9  ? -2.603  -9.373  4.284   1.00 174.13 ? 39 C D "C3'" 1 
ATOM 1095 O "O3'" . C D 4 9  ? -1.757  -8.905  5.359   1.00 171.24 ? 39 C D "O3'" 1 
ATOM 1096 C "C2'" . C D 4 9  ? -1.838  -10.596 3.763   1.00 177.88 ? 39 C D "C2'" 1 
ATOM 1097 O "O2'" . C D 4 9  ? -0.639  -10.858 4.450   1.00 178.14 ? 39 C D "O2'" 1 
ATOM 1098 C "C1'" . C D 4 9  ? -2.830  -11.742 3.939   1.00 182.40 ? 39 C D "C1'" 1 
ATOM 1099 N N1    . C D 4 9  ? -2.878  -12.769 2.881   1.00 189.68 ? 39 C D N1    1 
ATOM 1100 C C2    . C D 4 9  ? -2.283  -14.017 3.157   1.00 192.48 ? 39 C D C2    1 
ATOM 1101 O O2    . C D 4 9  ? -1.751  -14.193 4.264   1.00 194.64 ? 39 C D O2    1 
ATOM 1102 N N3    . C D 4 9  ? -2.302  -14.992 2.219   1.00 193.72 ? 39 C D N3    1 
ATOM 1103 C C4    . C D 4 9  ? -2.885  -14.768 1.044   1.00 193.94 ? 39 C D C4    1 
ATOM 1104 N N4    . C D 4 9  ? -2.874  -15.765 0.153   1.00 195.56 ? 39 C D N4    1 
ATOM 1105 C C5    . C D 4 9  ? -3.502  -13.509 0.730   1.00 193.36 ? 39 C D C5    1 
ATOM 1106 C C6    . C D 4 9  ? -3.473  -12.545 1.671   1.00 191.52 ? 39 C D C6    1 
ATOM 1107 P P     . A D 4 10 ? -2.182  -7.675  6.316   1.00 168.57 ? 40 A D P     1 
ATOM 1108 O OP1   . A D 4 10 ? -1.838  -8.107  7.700   1.00 166.68 ? 40 A D OP1   1 
ATOM 1109 O OP2   . A D 4 10 ? -3.571  -7.255  6.010   1.00 167.33 ? 40 A D OP2   1 
ATOM 1110 O "O5'" . A D 4 10 ? -1.154  -6.516  5.928   1.00 162.12 ? 40 A D "O5'" 1 
ATOM 1111 C "C5'" . A D 4 10 ? 0.107   -6.824  5.323   1.00 150.78 ? 40 A D "C5'" 1 
ATOM 1112 C "C4'" . A D 4 10 ? 0.401   -5.833  4.213   1.00 143.92 ? 40 A D "C4'" 1 
ATOM 1113 O "O4'" . A D 4 10 ? -0.821  -5.675  3.442   1.00 136.45 ? 40 A D "O4'" 1 
ATOM 1114 C "C3'" . A D 4 10 ? 0.737   -4.418  4.665   1.00 142.12 ? 40 A D "C3'" 1 
ATOM 1115 O "O3'" . A D 4 10 ? 2.140   -4.278  4.912   1.00 148.36 ? 40 A D "O3'" 1 
ATOM 1116 C "C2'" . A D 4 10 ? 0.279   -3.562  3.486   1.00 135.16 ? 40 A D "C2'" 1 
ATOM 1117 O "O2'" . A D 4 10 ? 1.258   -3.456  2.478   1.00 127.90 ? 40 A D "O2'" 1 
ATOM 1118 C "C1'" . A D 4 10 ? -0.954  -4.335  3.007   1.00 132.56 ? 40 A D "C1'" 1 
ATOM 1119 N N9    . A D 4 10 ? -2.226  -3.835  3.517   1.00 127.70 ? 40 A D N9    1 
ATOM 1120 C C8    . A D 4 10 ? -3.051  -4.450  4.405   1.00 126.00 ? 40 A D C8    1 
ATOM 1121 N N7    . A D 4 10 ? -4.137  -3.772  4.667   1.00 126.20 ? 40 A D N7    1 
ATOM 1122 C C5    . A D 4 10 ? -4.013  -2.632  3.895   1.00 126.15 ? 40 A D C5    1 
ATOM 1123 C C6    . A D 4 10 ? -4.837  -1.512  3.722   1.00 126.11 ? 40 A D C6    1 
ATOM 1124 N N6    . A D 4 10 ? -5.989  -1.350  4.347   1.00 127.50 ? 40 A D N6    1 
ATOM 1125 N N1    . A D 4 10 ? -4.433  -0.550  2.879   1.00 126.40 ? 40 A D N1    1 
ATOM 1126 C C2    . A D 4 10 ? -3.270  -0.710  2.267   1.00 127.72 ? 40 A D C2    1 
ATOM 1127 N N3    . A D 4 10 ? -2.401  -1.715  2.350   1.00 127.76 ? 40 A D N3    1 
ATOM 1128 C C4    . A D 4 10 ? -2.840  -2.656  3.190   1.00 127.15 ? 40 A D C4    1 
ATOM 1129 P P     . U D 4 11 ? 2.656   -3.401  6.174   1.00 153.88 ? 41 U D P     1 
ATOM 1130 O OP1   . U D 4 11 ? 4.132   -3.159  6.025   1.00 151.85 ? 41 U D OP1   1 
ATOM 1131 O OP2   . U D 4 11 ? 2.104   -3.982  7.435   1.00 153.90 ? 41 U D OP2   1 
ATOM 1132 O "O5'" . U D 4 11 ? 1.888   -2.019  6.054   1.00 146.62 ? 41 U D "O5'" 1 
ATOM 1133 C "C5'" . U D 4 11 ? 2.385   -0.956  5.270   1.00 142.37 ? 41 U D "C5'" 1 
ATOM 1134 C "C4'" . U D 4 11 ? 1.538   0.215   5.558   1.00 138.49 ? 41 U D "C4'" 1 
ATOM 1135 O "O4'" . U D 4 11 ? 0.216   -0.308  5.619   1.00 139.22 ? 41 U D "O4'" 1 
ATOM 1136 C "C3'" . U D 4 11 ? 1.820   0.808   6.930   1.00 137.08 ? 41 U D "C3'" 1 
ATOM 1137 O "O3'" . U D 4 11 ? 2.394   2.090   6.579   1.00 133.07 ? 41 U D "O3'" 1 
ATOM 1138 C "C2'" . U D 4 11 ? 0.458   0.787   7.655   1.00 136.59 ? 41 U D "C2'" 1 
ATOM 1139 O "O2'" . U D 4 11 ? -0.012  1.911   8.331   1.00 135.99 ? 41 U D "O2'" 1 
ATOM 1140 C "C1'" . U D 4 11 ? -0.491  0.449   6.516   1.00 137.69 ? 41 U D "C1'" 1 
ATOM 1141 N N1    . U D 4 11 ? -1.777  -0.188  6.747   1.00 140.65 ? 41 U D N1    1 
ATOM 1142 C C2    . U D 4 11 ? -2.879  0.654   6.791   1.00 142.29 ? 41 U D C2    1 
ATOM 1143 O O2    . U D 4 11 ? -2.782  1.866   6.683   1.00 142.31 ? 41 U D O2    1 
ATOM 1144 N N3    . U D 4 11 ? -4.089  0.028   6.968   1.00 142.45 ? 41 U D N3    1 
ATOM 1145 C C4    . U D 4 11 ? -4.299  -1.335  7.109   1.00 143.61 ? 41 U D C4    1 
ATOM 1146 O O4    . U D 4 11 ? -5.437  -1.755  7.374   1.00 143.88 ? 41 U D O4    1 
ATOM 1147 C C5    . U D 4 11 ? -3.094  -2.138  7.046   1.00 143.74 ? 41 U D C5    1 
ATOM 1148 C C6    . U D 4 11 ? -1.901  -1.544  6.874   1.00 141.53 ? 41 U D C6    1 
ATOM 1149 P P     . U D 4 12 ? 2.510   3.285   7.650   1.00 130.49 ? 42 U D P     1 
ATOM 1150 O OP1   . U D 4 12 ? 3.958   3.296   7.982   1.00 132.93 ? 42 U D OP1   1 
ATOM 1151 O OP2   . U D 4 12 ? 1.490   3.116   8.728   1.00 136.18 ? 42 U D OP2   1 
ATOM 1152 O "O5'" . U D 4 12 ? 2.123   4.634   6.878   1.00 123.16 ? 42 U D "O5'" 1 
ATOM 1153 C "C5'" . U D 4 12 ? 1.831   5.852   7.598   1.00 129.73 ? 42 U D "C5'" 1 
ATOM 1154 C "C4'" . U D 4 12 ? 0.326   6.059   7.690   1.00 137.57 ? 42 U D "C4'" 1 
ATOM 1155 O "O4'" . U D 4 12 ? -0.247  6.115   6.374   1.00 139.16 ? 42 U D "O4'" 1 
ATOM 1156 C "C3'" . U D 4 12 ? -0.407  4.965   8.469   1.00 137.50 ? 42 U D "C3'" 1 
ATOM 1157 O "O3'" . U D 4 12 ? -1.317  5.624   9.371   1.00 141.95 ? 42 U D "O3'" 1 
ATOM 1158 C "C2'" . U D 4 12 ? -1.402  4.367   7.476   1.00 138.67 ? 42 U D "C2'" 1 
ATOM 1159 O "O2'" . U D 4 12 ? -2.673  4.187   8.046   1.00 144.93 ? 42 U D "O2'" 1 
ATOM 1160 C "C1'" . U D 4 12 ? -1.479  5.445   6.390   1.00 140.21 ? 42 U D "C1'" 1 
ATOM 1161 N N1    . U D 4 12 ? -1.783  4.976   5.036   1.00 141.03 ? 42 U D N1    1 
ATOM 1162 C C2    . U D 4 12 ? -2.871  5.543   4.373   1.00 140.84 ? 42 U D C2    1 
ATOM 1163 O O2    . U D 4 12 ? -3.620  6.349   4.878   1.00 138.69 ? 42 U D O2    1 
ATOM 1164 N N3    . U D 4 12 ? -3.036  5.114   3.086   1.00 141.87 ? 42 U D N3    1 
ATOM 1165 C C4    . U D 4 12 ? -2.248  4.184   2.416   1.00 143.50 ? 42 U D C4    1 
ATOM 1166 O O4    . U D 4 12 ? -2.446  3.975   1.218   1.00 145.48 ? 42 U D O4    1 
ATOM 1167 C C5    . U D 4 12 ? -1.184  3.615   3.194   1.00 143.23 ? 42 U D C5    1 
ATOM 1168 C C6    . U D 4 12 ? -0.997  4.023   4.443   1.00 142.42 ? 42 U D C6    1 
ATOM 1169 P P     . A D 4 13 ? -0.985  5.861   10.924  1.00 143.10 ? 43 A D P     1 
ATOM 1170 O OP1   . A D 4 13 ? 0.193   6.745   10.995  1.00 144.41 ? 43 A D OP1   1 
ATOM 1171 O OP2   . A D 4 13 ? -0.981  4.566   11.652  1.00 140.72 ? 43 A D OP2   1 
ATOM 1172 O "O5'" . A D 4 13 ? -2.216  6.757   11.389  1.00 140.56 ? 43 A D "O5'" 1 
ATOM 1173 C "C5'" . A D 4 13 ? -2.250  8.142   11.044  1.00 146.44 ? 43 A D "C5'" 1 
ATOM 1174 C "C4'" . A D 4 13 ? -3.624  8.538   10.559  1.00 149.09 ? 43 A D "C4'" 1 
ATOM 1175 O "O4'" . A D 4 13 ? -3.979  7.641   9.488   1.00 146.23 ? 43 A D "O4'" 1 
ATOM 1176 C "C3'" . A D 4 13 ? -4.760  8.392   11.564  1.00 153.81 ? 43 A D "C3'" 1 
ATOM 1177 O "O3'" . A D 4 13 ? -4.919  9.559   12.364  1.00 161.21 ? 43 A D "O3'" 1 
ATOM 1178 C "C2'" . A D 4 13 ? -5.979  8.145   10.676  1.00 149.23 ? 43 A D "C2'" 1 
ATOM 1179 O "O2'" . A D 4 13 ? -6.629  9.274   10.134  1.00 149.63 ? 43 A D "O2'" 1 
ATOM 1180 C "C1'" . A D 4 13 ? -5.359  7.314   9.566   1.00 146.35 ? 43 A D "C1'" 1 
ATOM 1181 N N9    . A D 4 13 ? -5.435  5.907   9.893   1.00 145.20 ? 43 A D N9    1 
ATOM 1182 C C8    . A D 4 13 ? -4.385  5.029   9.911   1.00 144.46 ? 43 A D C8    1 
ATOM 1183 N N7    . A D 4 13 ? -4.721  3.802   10.220  1.00 145.17 ? 43 A D N7    1 
ATOM 1184 C C5    . A D 4 13 ? -6.088  3.882   10.435  1.00 145.07 ? 43 A D C5    1 
ATOM 1185 C C6    . A D 4 13 ? -7.027  2.923   10.805  1.00 145.96 ? 43 A D C6    1 
ATOM 1186 N N6    . A D 4 13 ? -6.713  1.629   11.023  1.00 144.14 ? 43 A D N6    1 
ATOM 1187 N N1    . A D 4 13 ? -8.316  3.336   10.946  1.00 146.28 ? 43 A D N1    1 
ATOM 1188 C C2    . A D 4 13 ? -8.613  4.638   10.720  1.00 145.34 ? 43 A D C2    1 
ATOM 1189 N N3    . A D 4 13 ? -7.808  5.632   10.366  1.00 144.70 ? 43 A D N3    1 
ATOM 1190 C C4    . A D 4 13 ? -6.544  5.181   10.239  1.00 145.02 ? 43 A D C4    1 
ATOM 1191 P P     . C D 4 14 ? -5.123  9.414   13.955  1.00 166.60 ? 44 C D P     1 
ATOM 1192 O OP1   . C D 4 14 ? -5.688  10.712  14.408  1.00 166.72 ? 44 C D OP1   1 
ATOM 1193 O OP2   . C D 4 14 ? -3.838  8.922   14.534  1.00 164.26 ? 44 C D OP2   1 
ATOM 1194 O "O5'" . C D 4 14 ? -6.225  8.267   14.126  1.00 163.27 ? 44 C D "O5'" 1 
ATOM 1195 C "C5'" . C D 4 14 ? -7.574  8.576   14.492  1.00 163.33 ? 44 C D "C5'" 1 
ATOM 1196 C "C4'" . C D 4 14 ? -8.263  7.344   15.030  1.00 164.70 ? 44 C D "C4'" 1 
ATOM 1197 O "O4'" . C D 4 14 ? -8.171  6.314   14.021  1.00 164.34 ? 44 C D "O4'" 1 
ATOM 1198 C "C3'" . C D 4 14 ? -7.641  6.701   16.269  1.00 168.49 ? 44 C D "C3'" 1 
ATOM 1199 O "O3'" . C D 4 14 ? -8.125  7.266   17.485  1.00 172.81 ? 44 C D "O3'" 1 
ATOM 1200 C "C2'" . C D 4 14 ? -8.089  5.253   16.149  1.00 167.72 ? 44 C D "C2'" 1 
ATOM 1201 O "O2'" . C D 4 14 ? -9.406  5.007   16.613  1.00 169.03 ? 44 C D "O2'" 1 
ATOM 1202 C "C1'" . C D 4 14 ? -8.001  5.052   14.642  1.00 166.21 ? 44 C D "C1'" 1 
ATOM 1203 N N1    . C D 4 14 ? -6.687  4.537   14.269  1.00 165.46 ? 44 C D N1    1 
ATOM 1204 C C2    . C D 4 14 ? -6.447  3.176   14.423  1.00 165.94 ? 44 C D C2    1 
ATOM 1205 O O2    . C D 4 14 ? -7.336  2.468   14.926  1.00 166.65 ? 44 C D O2    1 
ATOM 1206 N N3    . C D 4 14 ? -5.258  2.666   14.034  1.00 165.44 ? 44 C D N3    1 
ATOM 1207 C C4    . C D 4 14 ? -4.324  3.474   13.523  1.00 166.07 ? 44 C D C4    1 
ATOM 1208 N N4    . C D 4 14 ? -3.169  2.928   13.125  1.00 167.25 ? 44 C D N4    1 
ATOM 1209 C C5    . C D 4 14 ? -4.534  4.879   13.389  1.00 166.14 ? 44 C D C5    1 
ATOM 1210 C C6    . C D 4 14 ? -5.719  5.363   13.771  1.00 165.53 ? 44 C D C6    1 
ATOM 1211 P P     . C D 4 15 ? -7.283  7.084   18.843  1.00 173.70 ? 45 C D P     1 
ATOM 1212 O OP1   . C D 4 15 ? -8.112  7.664   19.933  1.00 174.04 ? 45 C D OP1   1 
ATOM 1213 O OP2   . C D 4 15 ? -5.894  7.567   18.634  1.00 174.00 ? 45 C D OP2   1 
ATOM 1214 O "O5'" . C D 4 15 ? -7.236  5.518   19.060  1.00 168.45 ? 45 C D "O5'" 1 
ATOM 1215 C "C5'" . C D 4 15 ? -8.309  4.885   19.711  1.00 167.77 ? 45 C D "C5'" 1 
ATOM 1216 C "C4'" . C D 4 15 ? -7.928  3.488   20.077  1.00 166.36 ? 45 C D "C4'" 1 
ATOM 1217 O "O4'" . C D 4 15 ? -7.483  2.827   18.869  1.00 163.78 ? 45 C D "O4'" 1 
ATOM 1218 C "C3'" . C D 4 15 ? -6.720  3.315   20.979  1.00 166.16 ? 45 C D "C3'" 1 
ATOM 1219 O "O3'" . C D 4 15 ? -6.988  3.582   22.351  1.00 167.15 ? 45 C D "O3'" 1 
ATOM 1220 C "C2'" . C D 4 15 ? -6.372  1.856   20.716  1.00 165.29 ? 45 C D "C2'" 1 
ATOM 1221 O "O2'" . C D 4 15 ? -7.240  0.934   21.348  1.00 166.23 ? 45 C D "O2'" 1 
ATOM 1222 C "C1'" . C D 4 15 ? -6.586  1.788   19.207  1.00 162.24 ? 45 C D "C1'" 1 
ATOM 1223 N N1    . C D 4 15 ? -5.333  2.015   18.504  1.00 159.89 ? 45 C D N1    1 
ATOM 1224 C C2    . C D 4 15 ? -4.527  0.916   18.246  1.00 159.36 ? 45 C D C2    1 
ATOM 1225 O O2    . C D 4 15 ? -4.928  -0.196  18.581  1.00 159.62 ? 45 C D O2    1 
ATOM 1226 N N3    . C D 4 15 ? -3.340  1.085   17.643  1.00 159.96 ? 45 C D N3    1 
ATOM 1227 C C4    . C D 4 15 ? -2.947  2.307   17.294  1.00 160.77 ? 45 C D C4    1 
ATOM 1228 N N4    . C D 4 15 ? -1.745  2.430   16.721  1.00 161.04 ? 45 C D N4    1 
ATOM 1229 C C5    . C D 4 15 ? -3.767  3.462   17.523  1.00 160.66 ? 45 C D C5    1 
ATOM 1230 C C6    . C D 4 15 ? -4.945  3.267   18.126  1.00 159.85 ? 45 C D C6    1 
ATOM 1231 P P     . U D 4 16 ? -5.762  3.902   23.348  1.00 168.94 ? 46 U D P     1 
ATOM 1232 O OP1   . U D 4 16 ? -6.329  4.115   24.702  1.00 169.81 ? 46 U D OP1   1 
ATOM 1233 O OP2   . U D 4 16 ? -4.893  4.945   22.753  1.00 171.18 ? 46 U D OP2   1 
ATOM 1234 O "O5'" . U D 4 16 ? -4.930  2.548   23.372  1.00 166.03 ? 46 U D "O5'" 1 
ATOM 1235 C "C5'" . U D 4 16 ? -5.473  1.414   24.011  1.00 166.39 ? 46 U D "C5'" 1 
ATOM 1236 C "C4'" . U D 4 16 ? -4.498  0.275   23.983  1.00 166.14 ? 46 U D "C4'" 1 
ATOM 1237 O "O4'" . U D 4 16 ? -4.227  -0.069  22.599  1.00 166.09 ? 46 U D "O4'" 1 
ATOM 1238 C "C3'" . U D 4 16 ? -3.103  0.503   24.548  1.00 165.24 ? 46 U D "C3'" 1 
ATOM 1239 O "O3'" . U D 4 16 ? -3.026  0.509   25.982  1.00 165.06 ? 46 U D "O3'" 1 
ATOM 1240 C "C2'" . U D 4 16 ? -2.362  -0.679  23.929  1.00 165.31 ? 46 U D "C2'" 1 
ATOM 1241 O "O2'" . U D 4 16 ? -2.628  -1.913  24.572  1.00 164.85 ? 46 U D "O2'" 1 
ATOM 1242 C "C1'" . U D 4 16 ? -2.950  -0.688  22.513  1.00 165.71 ? 46 U D "C1'" 1 
ATOM 1243 N N1    . U D 4 16 ? -2.107  0.070   21.569  1.00 165.50 ? 46 U D N1    1 
ATOM 1244 C C2    . U D 4 16 ? -1.185  -0.647  20.802  1.00 165.02 ? 46 U D C2    1 
ATOM 1245 O O2    . U D 4 16 ? -1.080  -1.865  20.850  1.00 166.33 ? 46 U D O2    1 
ATOM 1246 N N3    . U D 4 16 ? -0.391  0.119   19.980  1.00 162.97 ? 46 U D N3    1 
ATOM 1247 C C4    . U D 4 16 ? -0.416  1.491   19.848  1.00 162.21 ? 46 U D C4    1 
ATOM 1248 O O4    . U D 4 16 ? 0.411   2.037   19.130  1.00 160.84 ? 46 U D O4    1 
ATOM 1249 C C5    . U D 4 16 ? -1.400  2.157   20.650  1.00 163.36 ? 46 U D C5    1 
ATOM 1250 C C6    . U D 4 16 ? -2.198  1.443   21.458  1.00 164.31 ? 46 U D C6    1 
ATOM 1251 P P     . G D 4 17 ? -1.796  1.261   26.714  1.00 165.38 ? 47 G D P     1 
ATOM 1252 O OP1   . G D 4 17 ? -2.018  1.302   28.171  1.00 169.88 ? 47 G D OP1   1 
ATOM 1253 O OP2   . G D 4 17 ? -1.526  2.528   25.991  1.00 166.96 ? 47 G D OP2   1 
ATOM 1254 O "O5'" . G D 4 17 ? -0.576  0.270   26.504  1.00 163.69 ? 47 G D "O5'" 1 
ATOM 1255 C "C5'" . G D 4 17 ? -0.612  -1.028  27.063  1.00 165.42 ? 47 G D "C5'" 1 
ATOM 1256 C "C4'" . G D 4 17 ? 0.630   -1.786  26.678  1.00 169.32 ? 47 G D "C4'" 1 
ATOM 1257 O "O4'" . G D 4 17 ? 0.632   -2.000  25.234  1.00 172.15 ? 47 G D "O4'" 1 
ATOM 1258 C "C3'" . G D 4 17 ? 1.944   -1.067  26.945  1.00 168.29 ? 47 G D "C3'" 1 
ATOM 1259 O "O3'" . G D 4 17 ? 2.426   -1.202  28.272  1.00 166.53 ? 47 G D "O3'" 1 
ATOM 1260 C "C2'" . G D 4 17 ? 2.866   -1.746  25.952  1.00 170.33 ? 47 G D "C2'" 1 
ATOM 1261 O "O2'" . G D 4 17 ? 3.230   -3.035  26.419  1.00 168.48 ? 47 G D "O2'" 1 
ATOM 1262 C "C1'" . G D 4 17 ? 1.951   -1.822  24.721  1.00 172.80 ? 47 G D "C1'" 1 
ATOM 1263 N N9    . G D 4 17 ? 1.955   -0.609  23.887  1.00 174.20 ? 47 G D N9    1 
ATOM 1264 C C8    . G D 4 17 ? 1.008   0.392   23.895  1.00 174.74 ? 47 G D C8    1 
ATOM 1265 N N7    . G D 4 17 ? 1.269   1.363   23.058  1.00 174.71 ? 47 G D N7    1 
ATOM 1266 C C5    . G D 4 17 ? 2.457   0.986   22.451  1.00 174.00 ? 47 G D C5    1 
ATOM 1267 C C6    . G D 4 17 ? 3.221   1.642   21.469  1.00 173.34 ? 47 G D C6    1 
ATOM 1268 O O6    . G D 4 17 ? 2.989   2.714   20.906  1.00 173.79 ? 47 G D O6    1 
ATOM 1269 N N1    . G D 4 17 ? 4.363   0.925   21.150  1.00 173.09 ? 47 G D N1    1 
ATOM 1270 C C2    . G D 4 17 ? 4.722   -0.275  21.703  1.00 173.27 ? 47 G D C2    1 
ATOM 1271 N N2    . G D 4 17 ? 5.865   -0.806  21.277  1.00 174.16 ? 47 G D N2    1 
ATOM 1272 N N3    . G D 4 17 ? 4.015   -0.908  22.611  1.00 174.03 ? 47 G D N3    1 
ATOM 1273 C C4    . G D 4 17 ? 2.900   -0.227  22.944  1.00 174.20 ? 47 G D C4    1 
ATOM 1274 P P     . C D 4 18 ? 3.500   -0.146  28.818  1.00 166.19 ? 48 C D P     1 
ATOM 1275 O OP1   . C D 4 18 ? 3.842   -0.477  30.210  1.00 170.37 ? 48 C D OP1   1 
ATOM 1276 O OP2   . C D 4 18 ? 2.977   1.207   28.502  1.00 164.12 ? 48 C D OP2   1 
ATOM 1277 O "O5'" . C D 4 18 ? 4.796   -0.466  27.947  1.00 169.69 ? 48 C D "O5'" 1 
ATOM 1278 C "C5'" . C D 4 18 ? 5.409   -1.760  28.000  1.00 172.03 ? 48 C D "C5'" 1 
ATOM 1279 C "C4'" . C D 4 18 ? 6.746   -1.756  27.273  1.00 172.11 ? 48 C D "C4'" 1 
ATOM 1280 O "O4'" . C D 4 18 ? 6.529   -1.692  25.833  1.00 172.85 ? 48 C D "O4'" 1 
ATOM 1281 C "C3'" . C D 4 18 ? 7.684   -0.588  27.572  1.00 170.70 ? 48 C D "C3'" 1 
ATOM 1282 O "O3'" . C D 4 18 ? 8.458   -0.780  28.752  1.00 170.35 ? 48 C D "O3'" 1 
ATOM 1283 C "C2'" . C D 4 18 ? 8.559   -0.553  26.325  1.00 169.82 ? 48 C D "C2'" 1 
ATOM 1284 O "O2'" . C D 4 18 ? 9.610   -1.494  26.366  1.00 161.87 ? 48 C D "O2'" 1 
ATOM 1285 C "C1'" . C D 4 18 ? 7.539   -0.888  25.230  1.00 171.15 ? 48 C D "C1'" 1 
ATOM 1286 N N1    . C D 4 18 ? 6.900   0.317   24.640  1.00 171.17 ? 48 C D N1    1 
ATOM 1287 C C2    . C D 4 18 ? 7.481   0.896   23.528  1.00 171.36 ? 48 C D C2    1 
ATOM 1288 O O2    . C D 4 18 ? 8.518   0.391   23.071  1.00 173.11 ? 48 C D O2    1 
ATOM 1289 N N3    . C D 4 18 ? 6.907   1.994   22.974  1.00 170.74 ? 48 C D N3    1 
ATOM 1290 C C4    . C D 4 18 ? 5.799   2.507   23.502  1.00 170.57 ? 48 C D C4    1 
ATOM 1291 N N4    . C D 4 18 ? 5.265   3.582   22.920  1.00 171.12 ? 48 C D N4    1 
ATOM 1292 C C5    . C D 4 18 ? 5.189   1.943   24.644  1.00 170.86 ? 48 C D C5    1 
ATOM 1293 C C6    . C D 4 18 ? 5.766   0.856   25.179  1.00 171.13 ? 48 C D C6    1 
ATOM 1294 P P     . C D 4 19 ? 8.899   0.489   29.637  1.00 169.89 ? 49 C D P     1 
ATOM 1295 O OP1   . C D 4 19 ? 9.691   -0.058  30.755  1.00 170.78 ? 49 C D OP1   1 
ATOM 1296 O OP2   . C D 4 19 ? 7.705   1.327   29.917  1.00 166.49 ? 49 C D OP2   1 
ATOM 1297 O "O5'" . C D 4 19 ? 9.913   1.282   28.703  1.00 168.74 ? 49 C D "O5'" 1 
ATOM 1298 C "C5'" . C D 4 19 ? 11.078  0.633   28.197  1.00 169.00 ? 49 C D "C5'" 1 
ATOM 1299 C "C4'" . C D 4 19 ? 11.734  1.457   27.099  1.00 169.18 ? 49 C D "C4'" 1 
ATOM 1300 O "O4'" . C D 4 19 ? 10.915  1.460   25.899  1.00 167.15 ? 49 C D "O4'" 1 
ATOM 1301 C "C3'" . C D 4 19 ? 11.989  2.935   27.375  1.00 168.85 ? 49 C D "C3'" 1 
ATOM 1302 O "O3'" . C D 4 19 ? 13.129  3.272   28.181  1.00 169.19 ? 49 C D "O3'" 1 
ATOM 1303 C "C2'" . C D 4 19 ? 12.159  3.480   25.969  1.00 165.52 ? 49 C D "C2'" 1 
ATOM 1304 O "O2'" . C D 4 19 ? 13.422  3.114   25.469  1.00 161.54 ? 49 C D "O2'" 1 
ATOM 1305 C "C1'" . C D 4 19 ? 11.076  2.701   25.219  1.00 165.18 ? 49 C D "C1'" 1 
ATOM 1306 N N1    . C D 4 19 ? 9.772   3.391   25.189  1.00 164.01 ? 49 C D N1    1 
ATOM 1307 C C2    . C D 4 19 ? 9.514   4.304   24.180  1.00 164.64 ? 49 C D C2    1 
ATOM 1308 O O2    . C D 4 19 ? 10.382  4.509   23.325  1.00 165.15 ? 49 C D O2    1 
ATOM 1309 N N3    . C D 4 19 ? 8.323   4.935   24.147  1.00 164.95 ? 49 C D N3    1 
ATOM 1310 C C4    . C D 4 19 ? 7.401   4.660   25.063  1.00 164.93 ? 49 C D C4    1 
ATOM 1311 N N4    . C D 4 19 ? 6.221   5.274   24.970  1.00 166.50 ? 49 C D N4    1 
ATOM 1312 C C5    . C D 4 19 ? 7.638   3.737   26.105  1.00 164.57 ? 49 C D C5    1 
ATOM 1313 C C6    . C D 4 19 ? 8.826   3.132   26.134  1.00 163.91 ? 49 C D C6    1 
# 
loop_
_pdbx_poly_seq_scheme.asym_id 
_pdbx_poly_seq_scheme.entity_id 
_pdbx_poly_seq_scheme.seq_id 
_pdbx_poly_seq_scheme.mon_id 
_pdbx_poly_seq_scheme.ndb_seq_num 
_pdbx_poly_seq_scheme.pdb_seq_num 
_pdbx_poly_seq_scheme.auth_seq_num 
_pdbx_poly_seq_scheme.pdb_mon_id 
_pdbx_poly_seq_scheme.auth_mon_id 
_pdbx_poly_seq_scheme.pdb_strand_id 
_pdbx_poly_seq_scheme.pdb_ins_code 
_pdbx_poly_seq_scheme.hetero 
A 1 1  U 1  2  2  U U A . n 
A 1 2  C 2  3  3  C C A . n 
A 1 3  G 3  4  4  G G A . n 
A 1 4  C 4  5  5  C C A . n 
A 1 5  A 5  6  6  A A A . n 
A 1 6  G 6  7  7  G G A . n 
A 1 7  U 7  8  8  U U A . n 
A 1 8  C 8  9  9  C C A . n 
A 1 9  C 9  10 10 C C A . n 
A 1 10 U 10 11 11 U U A . n 
A 1 11 A 11 12 12 A A A . n 
A 1 12 U 12 13 13 U U A . n 
A 1 13 U 13 14 14 U U A . n 
B 2 1  A 1  2  2  A A B . n 
B 2 2  A 2  3  3  A A B . n 
B 2 3  U 3  4  4  U U B . n 
B 2 4  A 4  5  5  A A B . n 
B 2 5  G 5  6  6  G G B . n 
B 2 6  A 6  7  7  A A B . n 
B 2 7  G 7  8  8  G G B . n 
B 2 8  A 8  9  9  A A B . n 
B 2 9  A 9  10 10 A A B . n 
B 2 10 G 10 11 11 G G B . n 
B 2 11 C 11 12 12 C C B . n 
B 2 12 G 12 13 13 G G B . n 
B 2 13 A 13 14 14 A A B . n 
C 3 1  G 1  15 15 G G C . n 
C 3 2  G 2  16 16 G G C . n 
C 3 3  C 3  17 17 C C C . n 
C 3 4  A 4  18 18 A A C . n 
C 3 5  G 5  19 19 G G C . n 
C 3 6  A 6  20 20 A A C . n 
C 3 7  G 7  21 21 G G C . n 
C 3 8  A 8  22 22 A A C . n 
C 3 9  A 9  23 23 A A C . n 
C 3 10 A 10 24 24 A A C . n 
C 3 11 C 11 25 25 C C C . n 
C 3 12 A 12 26 26 A A C . n 
C 3 13 C 13 27 27 C C C . n 
C 3 14 A 14 28 28 A A C . n 
C 3 15 C 15 29 29 C C C . n 
C 3 16 G 16 30 30 G G C . n 
C 3 17 A 17 31 31 A A C . n 
D 4 1  U 1  31 31 U U D . n 
D 4 2  C 2  32 32 C C D . n 
D 4 3  G 3  33 33 G G D . n 
D 4 4  U 4  34 34 U U D . n 
D 4 5  G 5  35 35 G G D . n 
D 4 6  G 6  36 36 G G D . n 
D 4 7  U 7  37 37 U U D . n 
D 4 8  A 8  38 38 A A D . n 
D 4 9  C 9  39 39 C C D . n 
D 4 10 A 10 40 40 A A D . n 
D 4 11 U 11 41 41 U U D . n 
D 4 12 U 12 42 42 U U D . n 
D 4 13 A 13 43 43 A A D . n 
D 4 14 C 14 44 44 C C D . n 
D 4 15 C 15 45 45 C C D . n 
D 4 16 U 16 46 46 U U D . n 
D 4 17 G 17 47 47 G G D . n 
D 4 18 C 18 48 48 C C D . n 
D 4 19 C 19 49 49 C C D . n 
# 
_pdbx_struct_assembly.id                   1 
_pdbx_struct_assembly.details              author_defined_assembly 
_pdbx_struct_assembly.method_details       ? 
_pdbx_struct_assembly.oligomeric_details   tetrameric 
_pdbx_struct_assembly.oligomeric_count     4 
# 
_pdbx_struct_assembly_gen.assembly_id       1 
_pdbx_struct_assembly_gen.oper_expression   1 
_pdbx_struct_assembly_gen.asym_id_list      A,B,C,D 
# 
_pdbx_struct_oper_list.id                   1 
_pdbx_struct_oper_list.type                 'identity operation' 
_pdbx_struct_oper_list.name                 1_555 
_pdbx_struct_oper_list.symmetry_operation   x,y,z 
_pdbx_struct_oper_list.matrix[1][1]         1.0000000000 
_pdbx_struct_oper_list.matrix[1][2]         0.0000000000 
_pdbx_struct_oper_list.matrix[1][3]         0.0000000000 
_pdbx_struct_oper_list.vector[1]            0.0000000000 
_pdbx_struct_oper_list.matrix[2][1]         0.0000000000 
_pdbx_struct_oper_list.matrix[2][2]         1.0000000000 
_pdbx_struct_oper_list.matrix[2][3]         0.0000000000 
_pdbx_struct_oper_list.vector[2]            0.0000000000 
_pdbx_struct_oper_list.matrix[3][1]         0.0000000000 
_pdbx_struct_oper_list.matrix[3][2]         0.0000000000 
_pdbx_struct_oper_list.matrix[3][3]         1.0000000000 
_pdbx_struct_oper_list.vector[3]            0.0000000000 
# 
loop_
_pdbx_audit_revision_history.ordinal 
_pdbx_audit_revision_history.data_content_type 
_pdbx_audit_revision_history.major_revision 
_pdbx_audit_revision_history.minor_revision 
_pdbx_audit_revision_history.revision_date 
1 'Structure model' 1 0 2005-11-22 
2 'Structure model' 1 1 2008-04-30 
3 'Structure model' 1 2 2011-07-13 
4 'Structure model' 1 3 2023-08-23 
# 
_pdbx_audit_revision_details.ordinal             1 
_pdbx_audit_revision_details.revision_ordinal    1 
_pdbx_audit_revision_details.data_content_type   'Structure model' 
_pdbx_audit_revision_details.provider            repository 
_pdbx_audit_revision_details.type                'Initial release' 
_pdbx_audit_revision_details.description         ? 
_pdbx_audit_revision_details.details             ? 
# 
loop_
_pdbx_audit_revision_group.ordinal 
_pdbx_audit_revision_group.revision_ordinal 
_pdbx_audit_revision_group.data_content_type 
_pdbx_audit_revision_group.group 
1 2 'Structure model' 'Version format compliance' 
2 3 'Structure model' 'Version format compliance' 
3 4 'Structure model' 'Data collection'           
4 4 'Structure model' 'Database references'       
5 4 'Structure model' 'Refinement description'    
# 
loop_
_pdbx_audit_revision_category.ordinal 
_pdbx_audit_revision_category.revision_ordinal 
_pdbx_audit_revision_category.data_content_type 
_pdbx_audit_revision_category.category 
1 4 'Structure model' chem_comp_atom                
2 4 'Structure model' chem_comp_bond                
3 4 'Structure model' database_2                    
4 4 'Structure model' pdbx_initial_refinement_model 
# 
loop_
_pdbx_audit_revision_item.ordinal 
_pdbx_audit_revision_item.revision_ordinal 
_pdbx_audit_revision_item.data_content_type 
_pdbx_audit_revision_item.item 
1 4 'Structure model' '_database_2.pdbx_DOI'                
2 4 'Structure model' '_database_2.pdbx_database_accession' 
# 
loop_
_software.name 
_software.classification 
_software.version 
_software.citation_id 
_software.pdbx_ordinal 
CNS          refinement       1.1            ? 1 
CrystalClear 'data reduction' '(MSC/RIGAKU)' ? 2 
CrystalClear 'data scaling'   '(MSC/RIGAKU)' ? 3 
AMoRE        phasing          .              ? 4 
# 
loop_
_pdbx_validate_rmsd_angle.id 
_pdbx_validate_rmsd_angle.PDB_model_num 
_pdbx_validate_rmsd_angle.auth_atom_id_1 
_pdbx_validate_rmsd_angle.auth_asym_id_1 
_pdbx_validate_rmsd_angle.auth_comp_id_1 
_pdbx_validate_rmsd_angle.auth_seq_id_1 
_pdbx_validate_rmsd_angle.PDB_ins_code_1 
_pdbx_validate_rmsd_angle.label_alt_id_1 
_pdbx_validate_rmsd_angle.auth_atom_id_2 
_pdbx_validate_rmsd_angle.auth_asym_id_2 
_pdbx_validate_rmsd_angle.auth_comp_id_2 
_pdbx_validate_rmsd_angle.auth_seq_id_2 
_pdbx_validate_rmsd_angle.PDB_ins_code_2 
_pdbx_validate_rmsd_angle.label_alt_id_2 
_pdbx_validate_rmsd_angle.auth_atom_id_3 
_pdbx_validate_rmsd_angle.auth_asym_id_3 
_pdbx_validate_rmsd_angle.auth_comp_id_3 
_pdbx_validate_rmsd_angle.auth_seq_id_3 
_pdbx_validate_rmsd_angle.PDB_ins_code_3 
_pdbx_validate_rmsd_angle.label_alt_id_3 
_pdbx_validate_rmsd_angle.angle_value 
_pdbx_validate_rmsd_angle.angle_target_value 
_pdbx_validate_rmsd_angle.angle_deviation 
_pdbx_validate_rmsd_angle.angle_standard_deviation 
_pdbx_validate_rmsd_angle.linker_flag 
1 1 N9    A G 7  ? ? "C1'" A G 7  ? ? "C2'" A G 7  ? ? 125.53 114.00 11.53 1.30 N 
2 1 N9    D G 36 ? ? "C1'" D G 36 ? ? "C2'" D G 36 ? ? 121.84 114.00 7.84  1.30 N 
3 1 "C1'" D A 38 ? ? "O4'" D A 38 ? ? "C4'" D A 38 ? ? 105.14 109.70 -4.56 0.70 N 
4 1 N9    D A 38 ? ? "C1'" D A 38 ? ? "C2'" D A 38 ? ? 124.46 114.00 10.46 1.30 N 
5 1 N1    D U 41 ? ? "C1'" D U 41 ? ? "C2'" D U 41 ? ? 122.08 114.00 8.08  1.30 N 
# 
loop_
_pdbx_validate_planes.id 
_pdbx_validate_planes.PDB_model_num 
_pdbx_validate_planes.auth_comp_id 
_pdbx_validate_planes.auth_asym_id 
_pdbx_validate_planes.auth_seq_id 
_pdbx_validate_planes.PDB_ins_code 
_pdbx_validate_planes.label_alt_id 
_pdbx_validate_planes.rmsd 
_pdbx_validate_planes.type 
1 1 A A 6  ? ? 0.055 'SIDE CHAIN' 
2 1 U A 8  ? ? 0.129 'SIDE CHAIN' 
3 1 U D 31 ? ? 0.075 'SIDE CHAIN' 
# 
loop_
_chem_comp_atom.comp_id 
_chem_comp_atom.atom_id 
_chem_comp_atom.type_symbol 
_chem_comp_atom.pdbx_aromatic_flag 
_chem_comp_atom.pdbx_stereo_config 
_chem_comp_atom.pdbx_ordinal 
A OP3    O N N 1   
A P      P N N 2   
A OP1    O N N 3   
A OP2    O N N 4   
A "O5'"  O N N 5   
A "C5'"  C N N 6   
A "C4'"  C N R 7   
A "O4'"  O N N 8   
A "C3'"  C N S 9   
A "O3'"  O N N 10  
A "C2'"  C N R 11  
A "O2'"  O N N 12  
A "C1'"  C N R 13  
A N9     N Y N 14  
A C8     C Y N 15  
A N7     N Y N 16  
A C5     C Y N 17  
A C6     C Y N 18  
A N6     N N N 19  
A N1     N Y N 20  
A C2     C Y N 21  
A N3     N Y N 22  
A C4     C Y N 23  
A HOP3   H N N 24  
A HOP2   H N N 25  
A "H5'"  H N N 26  
A "H5''" H N N 27  
A "H4'"  H N N 28  
A "H3'"  H N N 29  
A "HO3'" H N N 30  
A "H2'"  H N N 31  
A "HO2'" H N N 32  
A "H1'"  H N N 33  
A H8     H N N 34  
A H61    H N N 35  
A H62    H N N 36  
A H2     H N N 37  
C OP3    O N N 38  
C P      P N N 39  
C OP1    O N N 40  
C OP2    O N N 41  
C "O5'"  O N N 42  
C "C5'"  C N N 43  
C "C4'"  C N R 44  
C "O4'"  O N N 45  
C "C3'"  C N S 46  
C "O3'"  O N N 47  
C "C2'"  C N R 48  
C "O2'"  O N N 49  
C "C1'"  C N R 50  
C N1     N N N 51  
C C2     C N N 52  
C O2     O N N 53  
C N3     N N N 54  
C C4     C N N 55  
C N4     N N N 56  
C C5     C N N 57  
C C6     C N N 58  
C HOP3   H N N 59  
C HOP2   H N N 60  
C "H5'"  H N N 61  
C "H5''" H N N 62  
C "H4'"  H N N 63  
C "H3'"  H N N 64  
C "HO3'" H N N 65  
C "H2'"  H N N 66  
C "HO2'" H N N 67  
C "H1'"  H N N 68  
C H41    H N N 69  
C H42    H N N 70  
C H5     H N N 71  
C H6     H N N 72  
G OP3    O N N 73  
G P      P N N 74  
G OP1    O N N 75  
G OP2    O N N 76  
G "O5'"  O N N 77  
G "C5'"  C N N 78  
G "C4'"  C N R 79  
G "O4'"  O N N 80  
G "C3'"  C N S 81  
G "O3'"  O N N 82  
G "C2'"  C N R 83  
G "O2'"  O N N 84  
G "C1'"  C N R 85  
G N9     N Y N 86  
G C8     C Y N 87  
G N7     N Y N 88  
G C5     C Y N 89  
G C6     C N N 90  
G O6     O N N 91  
G N1     N N N 92  
G C2     C N N 93  
G N2     N N N 94  
G N3     N N N 95  
G C4     C Y N 96  
G HOP3   H N N 97  
G HOP2   H N N 98  
G "H5'"  H N N 99  
G "H5''" H N N 100 
G "H4'"  H N N 101 
G "H3'"  H N N 102 
G "HO3'" H N N 103 
G "H2'"  H N N 104 
G "HO2'" H N N 105 
G "H1'"  H N N 106 
G H8     H N N 107 
G H1     H N N 108 
G H21    H N N 109 
G H22    H N N 110 
U OP3    O N N 111 
U P      P N N 112 
U OP1    O N N 113 
U OP2    O N N 114 
U "O5'"  O N N 115 
U "C5'"  C N N 116 
U "C4'"  C N R 117 
U "O4'"  O N N 118 
U "C3'"  C N S 119 
U "O3'"  O N N 120 
U "C2'"  C N R 121 
U "O2'"  O N N 122 
U "C1'"  C N R 123 
U N1     N N N 124 
U C2     C N N 125 
U O2     O N N 126 
U N3     N N N 127 
U C4     C N N 128 
U O4     O N N 129 
U C5     C N N 130 
U C6     C N N 131 
U HOP3   H N N 132 
U HOP2   H N N 133 
U "H5'"  H N N 134 
U "H5''" H N N 135 
U "H4'"  H N N 136 
U "H3'"  H N N 137 
U "HO3'" H N N 138 
U "H2'"  H N N 139 
U "HO2'" H N N 140 
U "H1'"  H N N 141 
U H3     H N N 142 
U H5     H N N 143 
U H6     H N N 144 
# 
loop_
_chem_comp_bond.comp_id 
_chem_comp_bond.atom_id_1 
_chem_comp_bond.atom_id_2 
_chem_comp_bond.value_order 
_chem_comp_bond.pdbx_aromatic_flag 
_chem_comp_bond.pdbx_stereo_config 
_chem_comp_bond.pdbx_ordinal 
A OP3   P      sing N N 1   
A OP3   HOP3   sing N N 2   
A P     OP1    doub N N 3   
A P     OP2    sing N N 4   
A P     "O5'"  sing N N 5   
A OP2   HOP2   sing N N 6   
A "O5'" "C5'"  sing N N 7   
A "C5'" "C4'"  sing N N 8   
A "C5'" "H5'"  sing N N 9   
A "C5'" "H5''" sing N N 10  
A "C4'" "O4'"  sing N N 11  
A "C4'" "C3'"  sing N N 12  
A "C4'" "H4'"  sing N N 13  
A "O4'" "C1'"  sing N N 14  
A "C3'" "O3'"  sing N N 15  
A "C3'" "C2'"  sing N N 16  
A "C3'" "H3'"  sing N N 17  
A "O3'" "HO3'" sing N N 18  
A "C2'" "O2'"  sing N N 19  
A "C2'" "C1'"  sing N N 20  
A "C2'" "H2'"  sing N N 21  
A "O2'" "HO2'" sing N N 22  
A "C1'" N9     sing N N 23  
A "C1'" "H1'"  sing N N 24  
A N9    C8     sing Y N 25  
A N9    C4     sing Y N 26  
A C8    N7     doub Y N 27  
A C8    H8     sing N N 28  
A N7    C5     sing Y N 29  
A C5    C6     sing Y N 30  
A C5    C4     doub Y N 31  
A C6    N6     sing N N 32  
A C6    N1     doub Y N 33  
A N6    H61    sing N N 34  
A N6    H62    sing N N 35  
A N1    C2     sing Y N 36  
A C2    N3     doub Y N 37  
A C2    H2     sing N N 38  
A N3    C4     sing Y N 39  
C OP3   P      sing N N 40  
C OP3   HOP3   sing N N 41  
C P     OP1    doub N N 42  
C P     OP2    sing N N 43  
C P     "O5'"  sing N N 44  
C OP2   HOP2   sing N N 45  
C "O5'" "C5'"  sing N N 46  
C "C5'" "C4'"  sing N N 47  
C "C5'" "H5'"  sing N N 48  
C "C5'" "H5''" sing N N 49  
C "C4'" "O4'"  sing N N 50  
C "C4'" "C3'"  sing N N 51  
C "C4'" "H4'"  sing N N 52  
C "O4'" "C1'"  sing N N 53  
C "C3'" "O3'"  sing N N 54  
C "C3'" "C2'"  sing N N 55  
C "C3'" "H3'"  sing N N 56  
C "O3'" "HO3'" sing N N 57  
C "C2'" "O2'"  sing N N 58  
C "C2'" "C1'"  sing N N 59  
C "C2'" "H2'"  sing N N 60  
C "O2'" "HO2'" sing N N 61  
C "C1'" N1     sing N N 62  
C "C1'" "H1'"  sing N N 63  
C N1    C2     sing N N 64  
C N1    C6     sing N N 65  
C C2    O2     doub N N 66  
C C2    N3     sing N N 67  
C N3    C4     doub N N 68  
C C4    N4     sing N N 69  
C C4    C5     sing N N 70  
C N4    H41    sing N N 71  
C N4    H42    sing N N 72  
C C5    C6     doub N N 73  
C C5    H5     sing N N 74  
C C6    H6     sing N N 75  
G OP3   P      sing N N 76  
G OP3   HOP3   sing N N 77  
G P     OP1    doub N N 78  
G P     OP2    sing N N 79  
G P     "O5'"  sing N N 80  
G OP2   HOP2   sing N N 81  
G "O5'" "C5'"  sing N N 82  
G "C5'" "C4'"  sing N N 83  
G "C5'" "H5'"  sing N N 84  
G "C5'" "H5''" sing N N 85  
G "C4'" "O4'"  sing N N 86  
G "C4'" "C3'"  sing N N 87  
G "C4'" "H4'"  sing N N 88  
G "O4'" "C1'"  sing N N 89  
G "C3'" "O3'"  sing N N 90  
G "C3'" "C2'"  sing N N 91  
G "C3'" "H3'"  sing N N 92  
G "O3'" "HO3'" sing N N 93  
G "C2'" "O2'"  sing N N 94  
G "C2'" "C1'"  sing N N 95  
G "C2'" "H2'"  sing N N 96  
G "O2'" "HO2'" sing N N 97  
G "C1'" N9     sing N N 98  
G "C1'" "H1'"  sing N N 99  
G N9    C8     sing Y N 100 
G N9    C4     sing Y N 101 
G C8    N7     doub Y N 102 
G C8    H8     sing N N 103 
G N7    C5     sing Y N 104 
G C5    C6     sing N N 105 
G C5    C4     doub Y N 106 
G C6    O6     doub N N 107 
G C6    N1     sing N N 108 
G N1    C2     sing N N 109 
G N1    H1     sing N N 110 
G C2    N2     sing N N 111 
G C2    N3     doub N N 112 
G N2    H21    sing N N 113 
G N2    H22    sing N N 114 
G N3    C4     sing N N 115 
U OP3   P      sing N N 116 
U OP3   HOP3   sing N N 117 
U P     OP1    doub N N 118 
U P     OP2    sing N N 119 
U P     "O5'"  sing N N 120 
U OP2   HOP2   sing N N 121 
U "O5'" "C5'"  sing N N 122 
U "C5'" "C4'"  sing N N 123 
U "C5'" "H5'"  sing N N 124 
U "C5'" "H5''" sing N N 125 
U "C4'" "O4'"  sing N N 126 
U "C4'" "C3'"  sing N N 127 
U "C4'" "H4'"  sing N N 128 
U "O4'" "C1'"  sing N N 129 
U "C3'" "O3'"  sing N N 130 
U "C3'" "C2'"  sing N N 131 
U "C3'" "H3'"  sing N N 132 
U "O3'" "HO3'" sing N N 133 
U "C2'" "O2'"  sing N N 134 
U "C2'" "C1'"  sing N N 135 
U "C2'" "H2'"  sing N N 136 
U "O2'" "HO2'" sing N N 137 
U "C1'" N1     sing N N 138 
U "C1'" "H1'"  sing N N 139 
U N1    C2     sing N N 140 
U N1    C6     sing N N 141 
U C2    O2     doub N N 142 
U C2    N3     sing N N 143 
U N3    C4     sing N N 144 
U N3    H3     sing N N 145 
U C4    O4     doub N N 146 
U C4    C5     sing N N 147 
U C5    C6     doub N N 148 
U C5    H5     sing N N 149 
U C6    H6     sing N N 150 
# 
loop_
_ndb_struct_conf_na.entry_id 
_ndb_struct_conf_na.feature 
1X9K 'double helix'         
1X9K 'a-form double helix'  
1X9K 'bulge loop'           
1X9K 'mismatched base pair' 
1X9K 'internal loop'        
# 
loop_
_ndb_struct_na_base_pair.model_number 
_ndb_struct_na_base_pair.i_label_asym_id 
_ndb_struct_na_base_pair.i_label_comp_id 
_ndb_struct_na_base_pair.i_label_seq_id 
_ndb_struct_na_base_pair.i_symmetry 
_ndb_struct_na_base_pair.j_label_asym_id 
_ndb_struct_na_base_pair.j_label_comp_id 
_ndb_struct_na_base_pair.j_label_seq_id 
_ndb_struct_na_base_pair.j_symmetry 
_ndb_struct_na_base_pair.shear 
_ndb_struct_na_base_pair.stretch 
_ndb_struct_na_base_pair.stagger 
_ndb_struct_na_base_pair.buckle 
_ndb_struct_na_base_pair.propeller 
_ndb_struct_na_base_pair.opening 
_ndb_struct_na_base_pair.pair_number 
_ndb_struct_na_base_pair.pair_name 
_ndb_struct_na_base_pair.i_auth_asym_id 
_ndb_struct_na_base_pair.i_auth_seq_id 
_ndb_struct_na_base_pair.i_PDB_ins_code 
_ndb_struct_na_base_pair.j_auth_asym_id 
_ndb_struct_na_base_pair.j_auth_seq_id 
_ndb_struct_na_base_pair.j_PDB_ins_code 
_ndb_struct_na_base_pair.hbond_type_28 
_ndb_struct_na_base_pair.hbond_type_12 
1 A C 2  1_555 B G 12 1_555 -0.043 0.061  0.733  4.328   -30.730 9.940    1  A_C3:G13_B  A 3  ? B 13 ? ?  1  
1 A G 3  1_555 B C 11 1_555 -0.109 -0.443 -0.518 4.771   -24.108 7.215    2  A_G4:C12_B  A 4  ? B 12 ? 19 1  
1 A C 4  1_555 B G 10 1_555 -0.659 -0.178 -1.286 8.429   -14.157 9.030    3  A_C5:G11_B  A 5  ? B 11 ? 19 1  
1 A U 7  1_555 B G 7  1_555 -7.799 -2.689 -1.310 21.523  3.547   -4.228   4  A_U8:G8_B   A 8  ? B 8  ? ?  ?  
1 A C 9  1_555 B G 5  1_555 0.377  0.197  0.414  -7.155  11.470  4.296    5  A_C10:G6_B  A 10 ? B 6  ? 19 1  
1 A U 10 1_555 B A 4  1_555 1.226  -0.236 0.385  3.607   -0.208  -3.495   6  A_U11:A5_B  A 11 ? B 5  ? 20 1  
1 A A 11 1_555 B U 3  1_555 -0.352 -0.046 0.163  2.243   0.779   -2.087   7  A_A12:U4_B  A 12 ? B 4  ? 20 1  
1 A U 12 1_555 B A 2  1_555 0.356  -0.080 0.112  15.036  -2.738  -0.344   8  A_U13:A3_B  A 13 ? B 3  ? 20 1  
1 A U 13 1_555 B A 1  1_555 -0.735 -0.331 1.715  -35.961 8.897   -11.764  9  A_U14:A2_B  A 14 ? B 2  ? 20 1  
1 C G 1  1_555 D C 19 1_555 -0.407 0.226  0.314  -9.465  -3.485  1.673    10 C_G15:C49_D C 15 ? D 49 ? 19 1  
1 C G 2  1_555 D C 18 1_555 0.129  -0.061 0.464  -8.898  -10.245 -2.504   11 C_G16:C48_D C 16 ? D 48 ? 19 1  
1 C C 3  1_555 D G 17 1_555 0.562  0.376  0.063  10.983  -13.203 15.884   12 C_C17:G47_D C 17 ? D 47 ? ?  1  
1 C A 4  1_555 D U 16 1_555 0.452  -0.364 -1.176 -9.867  -9.663  0.428    13 C_A18:U46_D C 18 ? D 46 ? 20 1  
1 C G 5  1_555 D C 15 1_555 0.033  -0.433 -0.248 -11.137 -8.496  2.987    14 C_G19:C45_D C 19 ? D 45 ? 19 1  
1 C A 6  1_555 D C 14 1_555 1.452  0.156  -0.219 -10.550 -10.217 8.309    15 C_A20:C44_D C 20 ? D 44 ? ?  1  
1 C G 7  1_555 D A 13 1_555 6.851  -4.203 -0.076 -5.797  -10.198 -7.027   16 C_G21:A43_D C 21 ? D 43 ? 11 10 
1 C A 8  1_555 D U 11 1_555 -3.692 -1.248 0.334  -15.748 9.115   -107.821 17 C_A22:U41_D C 22 ? D 41 ? 24 4  
1 C A 9  1_555 D A 10 1_555 -4.099 1.495  -0.158 -2.312  -19.566 -99.117  18 C_A23:A40_D C 23 ? D 40 ? ?  ?  
1 C A 10 1_555 D A 8  1_555 4.850  2.790  -0.034 -6.550  -0.890  -142.092 19 C_A24:A38_D C 24 ? D 38 ? ?  ?  
1 C C 11 1_555 A G 6  1_555 -0.662 -0.409 0.352  5.221   -11.702 -10.875  20 C_C25:G7_A  C 25 ? A 7  ? 19 1  
1 C A 12 1_555 D G 6  1_555 -1.468 1.294  -0.491 -17.078 -26.114 -19.122  21 C_A26:G36_D C 26 ? D 36 ? 8  1  
1 C C 13 1_555 D G 5  1_555 0.624  -0.042 -0.087 8.287   -13.790 -9.820   22 C_C27:G35_D C 27 ? D 35 ? 19 1  
1 C A 14 1_555 D U 4  1_555 -0.103 0.096  0.289  11.370  -12.801 -5.894   23 C_A28:U34_D C 28 ? D 34 ? 20 1  
1 C C 15 1_555 D G 3  1_555 -0.156 0.025  0.240  4.499   -10.319 9.053    24 C_C29:G33_D C 29 ? D 33 ? 19 1  
1 C G 16 1_555 D C 2  1_555 -1.185 -0.064 0.477  -0.044  13.359  1.700    25 C_G30:C32_D C 30 ? D 32 ? 19 1  
1 C A 17 1_555 D U 1  1_555 1.527  0.347  -0.312 -18.771 4.871   5.986    26 C_A31:U31_D C 31 ? D 31 ? ?  ?  
# 
loop_
_ndb_struct_na_base_pair_step.model_number 
_ndb_struct_na_base_pair_step.i_label_asym_id_1 
_ndb_struct_na_base_pair_step.i_label_comp_id_1 
_ndb_struct_na_base_pair_step.i_label_seq_id_1 
_ndb_struct_na_base_pair_step.i_symmetry_1 
_ndb_struct_na_base_pair_step.j_label_asym_id_1 
_ndb_struct_na_base_pair_step.j_label_comp_id_1 
_ndb_struct_na_base_pair_step.j_label_seq_id_1 
_ndb_struct_na_base_pair_step.j_symmetry_1 
_ndb_struct_na_base_pair_step.i_label_asym_id_2 
_ndb_struct_na_base_pair_step.i_label_comp_id_2 
_ndb_struct_na_base_pair_step.i_label_seq_id_2 
_ndb_struct_na_base_pair_step.i_symmetry_2 
_ndb_struct_na_base_pair_step.j_label_asym_id_2 
_ndb_struct_na_base_pair_step.j_label_comp_id_2 
_ndb_struct_na_base_pair_step.j_label_seq_id_2 
_ndb_struct_na_base_pair_step.j_symmetry_2 
_ndb_struct_na_base_pair_step.shift 
_ndb_struct_na_base_pair_step.slide 
_ndb_struct_na_base_pair_step.rise 
_ndb_struct_na_base_pair_step.tilt 
_ndb_struct_na_base_pair_step.roll 
_ndb_struct_na_base_pair_step.twist 
_ndb_struct_na_base_pair_step.x_displacement 
_ndb_struct_na_base_pair_step.y_displacement 
_ndb_struct_na_base_pair_step.helical_rise 
_ndb_struct_na_base_pair_step.inclination 
_ndb_struct_na_base_pair_step.tip 
_ndb_struct_na_base_pair_step.helical_twist 
_ndb_struct_na_base_pair_step.step_number 
_ndb_struct_na_base_pair_step.step_name 
_ndb_struct_na_base_pair_step.i_auth_asym_id_1 
_ndb_struct_na_base_pair_step.i_auth_seq_id_1 
_ndb_struct_na_base_pair_step.i_PDB_ins_code_1 
_ndb_struct_na_base_pair_step.j_auth_asym_id_1 
_ndb_struct_na_base_pair_step.j_auth_seq_id_1 
_ndb_struct_na_base_pair_step.j_PDB_ins_code_1 
_ndb_struct_na_base_pair_step.i_auth_asym_id_2 
_ndb_struct_na_base_pair_step.i_auth_seq_id_2 
_ndb_struct_na_base_pair_step.i_PDB_ins_code_2 
_ndb_struct_na_base_pair_step.j_auth_asym_id_2 
_ndb_struct_na_base_pair_step.j_auth_seq_id_2 
_ndb_struct_na_base_pair_step.j_PDB_ins_code_2 
1 A C 2  1_555 B G 12 1_555 A G 3  1_555 B C 11 1_555 -0.551 -1.298 3.497 6.380   5.882  35.200  -2.935 1.804  3.104 9.549  
-10.356 36.221  1  AA_C3G4:C12G13_BB   A 3  ? B 13 ? A 4  ? B 12 ? 
1 A G 3  1_555 B C 11 1_555 A C 4  1_555 B G 10 1_555 0.693  -0.463 3.127 6.789   15.244 21.619  -4.597 0.138  2.404 34.738 
-15.470 27.249  2  AA_G4C5:G11C12_BB   A 4  ? B 12 ? A 5  ? B 11 ? 
1 A C 9  1_555 B G 5  1_555 A U 10 1_555 B A 4  1_555 -1.323 -2.525 2.788 0.457   -4.247 30.886  -3.971 2.540  3.079 -7.926 -0.854 
31.173  3  AA_C10U11:A5G6_BB   A 10 ? B 6  ? A 11 ? B 5  ? 
1 A U 10 1_555 B A 4  1_555 A A 11 1_555 B U 3  1_555 0.247  -1.493 3.138 3.887   11.398 28.648  -4.725 0.198  2.396 21.856 -7.452 
31.027  4  AA_U11A12:U4A5_BB   A 11 ? B 5  ? A 12 ? B 4  ? 
1 A A 11 1_555 B U 3  1_555 A U 12 1_555 B A 2  1_555 0.421  -1.382 3.323 2.983   -5.325 34.701  -1.451 -0.229 3.513 -8.844 -4.954 
35.218  5  AA_A12U13:A3U4_BB   A 12 ? B 4  ? A 13 ? B 3  ? 
1 A U 12 1_555 B A 2  1_555 A U 13 1_555 B A 1  1_555 0.326  -3.068 4.790 -2.982  21.666 33.596  -7.507 -0.892 2.415 33.448 4.604 
39.914  6  AA_U13U14:A2A3_BB   A 13 ? B 3  ? A 14 ? B 2  ? 
1 C G 1  1_555 D C 19 1_555 C G 2  1_555 D C 18 1_555 -1.271 -1.176 3.082 -3.664  6.434  37.152  -2.581 1.521  2.952 9.977  5.681 
37.857  7  CC_G15G16:C48C49_DD C 15 ? D 49 ? C 16 ? D 48 ? 
1 C G 2  1_555 D C 18 1_555 C C 3  1_555 D G 17 1_555 0.932  -1.503 2.622 3.922   2.746  34.502  -2.845 -1.080 2.586 4.601  -6.573 
34.823  8  CC_G16C17:G47C48_DD C 16 ? D 48 ? C 17 ? D 47 ? 
1 C C 3  1_555 D G 17 1_555 C A 4  1_555 D U 16 1_555 -0.914 -1.122 3.470 2.612   24.088 30.785  -4.444 1.669  2.024 38.735 -4.201 
38.994  9  CC_C17A18:U46G47_DD C 17 ? D 47 ? C 18 ? D 46 ? 
1 C A 4  1_555 D U 16 1_555 C G 5  1_555 D C 15 1_555 -0.343 -1.900 3.205 -12.801 6.148  26.287  -4.903 -1.855 2.592 12.431 25.883 
29.818  10 CC_A18G19:C45U46_DD C 18 ? D 46 ? C 19 ? D 45 ? 
1 C G 5  1_555 D C 15 1_555 C A 6  1_555 D C 14 1_555 0.463  -1.589 3.530 -0.635  -0.528 33.551  -2.659 -0.914 3.545 -0.915 1.100 
33.561  11 CC_G19A20:C44C45_DD C 19 ? D 45 ? C 20 ? D 44 ? 
1 C A 6  1_555 D C 14 1_555 C G 7  1_555 D A 13 1_555 -0.415 -0.958 3.376 9.001   7.183  67.327  -1.129 0.714  3.201 6.431  -8.058 
68.191  12 CC_A20G21:A43C44_DD C 20 ? D 44 ? C 21 ? D 43 ? 
1 C G 7  1_555 D A 13 1_555 C A 8  1_555 D U 11 1_555 -2.738 -0.525 3.747 1.936   4.229  12.108  -7.285 14.395 2.922 19.149 -8.765 
12.968  13 CC_G21A22:U41A43_DD C 21 ? D 43 ? C 22 ? D 41 ? 
1 C A 8  1_555 D U 11 1_555 C A 9  1_555 D A 10 1_555 -0.008 -2.570 3.529 -16.022 6.195  44.007  -3.744 -1.351 2.991 7.919  20.478 
47.085  14 CC_A22A23:A40U41_DD C 22 ? D 41 ? C 23 ? D 40 ? 
1 C A 9  1_555 D A 10 1_555 C A 10 1_555 D A 8  1_555 -3.551 -2.712 3.282 -3.064  -4.656 68.958  -2.211 3.011  3.572 -4.105 2.702 
69.155  15 CC_A23A24:A38A40_DD C 23 ? D 40 ? C 24 ? D 38 ? 
1 C A 10 1_555 D A 8  1_555 C C 11 1_555 A G 6  1_555 1.994  0.174  3.120 -4.549  0.855  -33.861 -0.430 2.679  3.346 -1.460 -7.765 
-34.166 16 CC_A24C25:G7A38_AD  C 24 ? D 38 ? C 25 ? A 7  ? 
1 C C 11 1_555 A G 6  1_555 C A 12 1_555 D G 6  1_555 0.610  -2.292 3.326 6.966   11.110 45.018  -3.767 -0.216 2.776 14.158 -8.878 
46.793  17 CC_C25A26:G36G7_DA  C 25 ? A 7  ? C 26 ? D 36 ? 
1 C A 12 1_555 D G 6  1_555 C C 13 1_555 D G 5  1_555 0.617  -0.538 2.918 -8.141  -5.274 43.018  -0.278 -1.502 2.806 -7.085 10.937 
44.048  18 CC_A26C27:G35G36_DD C 26 ? D 36 ? C 27 ? D 35 ? 
1 C C 13 1_555 D G 5  1_555 C A 14 1_555 D U 4  1_555 0.333  -1.488 3.189 0.851   4.789  30.509  -3.669 -0.470 2.935 9.029  -1.604 
30.885  19 CC_C27A28:U34G35_DD C 27 ? D 35 ? C 28 ? D 34 ? 
1 C A 14 1_555 D U 4  1_555 C C 15 1_555 D G 3  1_555 1.229  -1.858 3.237 5.750   6.450  30.671  -4.526 -1.224 2.971 11.900 
-10.609 31.837  20 CC_A28C29:G33U34_DD C 28 ? D 34 ? C 29 ? D 33 ? 
1 C C 15 1_555 D G 3  1_555 C G 16 1_555 D C 2  1_555 0.543  -1.762 2.828 -2.760  6.302  30.365  -4.254 -1.436 2.366 11.841 5.186 
31.117  21 CC_C29G30:C32G33_DD C 29 ? D 33 ? C 30 ? D 32 ? 
1 C G 16 1_555 D C 2  1_555 C A 17 1_555 D U 1  1_555 0.250  -1.711 3.496 7.221   12.534 46.306  -3.073 0.262  2.970 15.501 -8.930 
48.394  22 CC_G30A31:U31C32_DD C 30 ? D 32 ? C 31 ? D 31 ? 
# 
_pdbx_initial_refinement_model.id               1 
_pdbx_initial_refinement_model.entity_id_list   ? 
_pdbx_initial_refinement_model.type             'experimental model' 
_pdbx_initial_refinement_model.source_name      PDB 
_pdbx_initial_refinement_model.accession_code   1M5K 
_pdbx_initial_refinement_model.details          'PDB entry 1M5K' 
# 
